data_6XP0
#
_entry.id   6XP0
#
_cell.length_a   164.630
_cell.length_b   88.513
_cell.length_c   115.462
_cell.angle_alpha   90.000
_cell.angle_beta   90.000
_cell.angle_gamma   90.000
#
_symmetry.space_group_name_H-M   'P 21 21 2'
#
loop_
_entity.id
_entity.type
_entity.pdbx_description
1 polymer 'Pyrroline-5-carboxylate reductase 1, mitochondrial'
2 non-polymer 1-formyl-L-proline
3 water water
#
_entity_poly.entity_id   1
_entity_poly.type   'polypeptide(L)'
_entity_poly.pdbx_seq_one_letter_code
;MHHHHHHSSGVDLGTENLYFQSMSVGFIGAGQLAFALAKGFTAAGVLAAHKIMASSPDMDLATVSALRKMGVKLTPHNKE
TVQHSDVLFLAVKPHIIPFILDEIGADIEDRHIVVSCAAGVTISSIEKKLSAFRPAPRVIRCMTNTPVVVREGATVYATG
THAQVEDGRLMEQLLSSVGFCTEVEEDLIDAVTGLSGSGPAYAFTALDALADGGVKMGLPRRLAVRLGAQALLGAAKMLL
HSEQHPGQLKDNVSSPGGATIHALHVLESGGFRSLLINAVEASCIRTRELQSMADQEQVSPAAIKKTILDKVKLDSPAGT
AL
;
_entity_poly.pdbx_strand_id   A,B,C,D,E
#
# COMPACT_ATOMS: atom_id res chain seq x y z
N GLN A 21 -3.72 -41.27 27.07
CA GLN A 21 -4.08 -41.71 28.42
C GLN A 21 -3.52 -43.10 28.73
N SER A 22 -3.25 -43.88 27.68
CA SER A 22 -2.67 -45.21 27.83
C SER A 22 -1.50 -45.40 26.87
N MET A 23 -0.77 -44.33 26.57
CA MET A 23 0.32 -44.34 25.62
C MET A 23 1.58 -43.79 26.26
N SER A 24 2.71 -44.03 25.60
CA SER A 24 4.02 -43.55 26.04
C SER A 24 4.68 -42.75 24.94
N VAL A 25 5.45 -41.74 25.34
CA VAL A 25 6.08 -40.82 24.42
C VAL A 25 7.59 -40.87 24.62
N GLY A 26 8.33 -40.92 23.51
CA GLY A 26 9.78 -40.94 23.56
C GLY A 26 10.39 -39.85 22.70
N PHE A 27 11.56 -39.37 23.14
CA PHE A 27 12.31 -38.33 22.46
C PHE A 27 13.67 -38.84 22.03
N ILE A 28 13.98 -38.74 20.73
CA ILE A 28 15.31 -38.98 20.20
C ILE A 28 15.97 -37.62 20.00
N GLY A 29 17.06 -37.38 20.72
CA GLY A 29 17.64 -36.06 20.83
C GLY A 29 17.32 -35.42 22.18
N ALA A 30 18.16 -34.48 22.58
CA ALA A 30 17.96 -33.79 23.85
C ALA A 30 18.21 -32.31 23.71
N GLY A 31 17.93 -31.74 22.54
CA GLY A 31 18.08 -30.33 22.32
C GLY A 31 17.09 -29.53 23.12
N GLN A 32 17.00 -28.24 22.77
CA GLN A 32 16.06 -27.36 23.45
C GLN A 32 14.62 -27.81 23.24
N LEU A 33 14.30 -28.30 22.04
CA LEU A 33 12.91 -28.62 21.72
C LEU A 33 12.43 -29.86 22.47
N ALA A 34 13.30 -30.86 22.62
CA ALA A 34 12.90 -32.06 23.36
C ALA A 34 12.58 -31.71 24.81
N PHE A 35 13.41 -30.87 25.43
CA PHE A 35 13.14 -30.43 26.79
C PHE A 35 11.83 -29.66 26.85
N ALA A 36 11.65 -28.71 25.93
CA ALA A 36 10.49 -27.84 25.96
C ALA A 36 9.19 -28.62 25.86
N LEU A 37 9.14 -29.61 24.95
CA LEU A 37 7.94 -30.43 24.79
C LEU A 37 7.70 -31.34 26.00
N ALA A 38 8.76 -31.97 26.50
CA ALA A 38 8.62 -32.80 27.69
C ALA A 38 8.11 -31.98 28.88
N LYS A 39 8.60 -30.75 29.03
CA LYS A 39 8.16 -29.93 30.14
C LYS A 39 6.73 -29.45 29.93
N GLY A 40 6.41 -28.98 28.73
CA GLY A 40 5.04 -28.62 28.43
C GLY A 40 4.06 -29.76 28.64
N PHE A 41 4.41 -30.96 28.13
CA PHE A 41 3.53 -32.12 28.27
C PHE A 41 3.28 -32.45 29.74
N THR A 42 4.32 -32.41 30.57
CA THR A 42 4.12 -32.77 31.98
C THR A 42 3.32 -31.69 32.70
N ALA A 43 3.60 -30.42 32.43
CA ALA A 43 2.79 -29.35 33.02
C ALA A 43 1.32 -29.49 32.62
N ALA A 44 1.07 -29.83 31.36
CA ALA A 44 -0.31 -30.06 30.91
C ALA A 44 -0.98 -31.22 31.61
N GLY A 45 -0.21 -32.12 32.20
CA GLY A 45 -0.78 -33.28 32.86
C GLY A 45 -1.39 -34.30 31.91
N VAL A 46 -1.04 -34.25 30.63
CA VAL A 46 -1.56 -35.25 29.71
C VAL A 46 -0.80 -36.56 29.83
N LEU A 47 0.45 -36.50 30.29
CA LEU A 47 1.27 -37.69 30.43
C LEU A 47 1.98 -37.65 31.78
N ALA A 48 1.99 -38.80 32.46
CA ALA A 48 2.92 -38.97 33.57
C ALA A 48 4.34 -38.88 33.04
N ALA A 49 5.17 -38.07 33.71
CA ALA A 49 6.57 -37.93 33.29
C ALA A 49 7.31 -39.26 33.34
N HIS A 50 6.85 -40.22 34.17
CA HIS A 50 7.41 -41.56 34.15
C HIS A 50 7.13 -42.26 32.83
N LYS A 51 6.00 -41.94 32.18
CA LYS A 51 5.67 -42.45 30.86
C LYS A 51 6.35 -41.67 29.73
N ILE A 52 7.42 -40.93 30.04
CA ILE A 52 8.17 -40.14 29.07
C ILE A 52 9.64 -40.57 29.14
N MET A 53 10.27 -40.72 27.97
CA MET A 53 11.62 -41.23 27.88
C MET A 53 12.40 -40.44 26.82
N ALA A 54 13.72 -40.28 27.05
CA ALA A 54 14.55 -39.49 26.14
C ALA A 54 15.95 -40.08 26.06
N SER A 55 16.68 -39.72 25.01
CA SER A 55 17.98 -40.30 24.71
C SER A 55 18.96 -39.20 24.31
N SER A 56 20.12 -39.12 25.03
CA SER A 56 21.18 -38.13 24.83
C SER A 56 22.34 -38.75 24.06
N PRO A 57 22.86 -38.06 23.03
CA PRO A 57 24.00 -38.56 22.26
C PRO A 57 25.30 -38.45 23.04
N LEU A 61 23.20 -32.69 27.67
CA LEU A 61 23.87 -32.66 28.96
C LEU A 61 23.23 -31.60 29.86
N ALA A 62 23.15 -30.36 29.35
CA ALA A 62 22.54 -29.28 30.12
C ALA A 62 21.08 -29.60 30.43
N THR A 63 20.29 -29.85 29.38
CA THR A 63 18.90 -30.25 29.56
C THR A 63 18.74 -31.63 30.19
N VAL A 64 19.84 -32.38 30.35
CA VAL A 64 19.72 -33.76 30.85
C VAL A 64 19.49 -33.76 32.35
N SER A 65 20.19 -32.91 33.10
CA SER A 65 20.01 -32.86 34.54
C SER A 65 18.60 -32.39 34.90
N ALA A 66 18.08 -31.40 34.17
CA ALA A 66 16.72 -30.93 34.43
C ALA A 66 15.69 -32.00 34.09
N LEU A 67 15.84 -32.67 32.94
CA LEU A 67 14.90 -33.71 32.55
C LEU A 67 14.80 -34.81 33.59
N ARG A 68 15.95 -35.24 34.14
CA ARG A 68 15.93 -36.25 35.19
C ARG A 68 15.25 -35.73 36.45
N LYS A 69 15.56 -34.50 36.85
CA LYS A 69 14.87 -33.89 37.98
C LYS A 69 13.35 -33.89 37.74
N MET A 70 12.95 -33.50 36.52
CA MET A 70 11.55 -33.44 36.14
C MET A 70 10.82 -34.77 36.30
N GLY A 71 11.55 -35.88 36.28
CA GLY A 71 10.94 -37.20 36.35
C GLY A 71 10.92 -37.97 35.05
N VAL A 72 11.60 -37.50 34.01
CA VAL A 72 11.63 -38.15 32.72
C VAL A 72 12.73 -39.22 32.72
N LYS A 73 12.36 -40.46 32.44
CA LYS A 73 13.33 -41.54 32.40
C LYS A 73 14.31 -41.32 31.24
N LEU A 74 15.60 -41.39 31.54
CA LEU A 74 16.65 -41.16 30.57
C LEU A 74 17.38 -42.45 30.25
N THR A 75 17.97 -42.50 29.05
CA THR A 75 18.74 -43.65 28.60
C THR A 75 19.68 -43.17 27.50
N PRO A 76 20.90 -43.70 27.40
CA PRO A 76 21.87 -43.15 26.44
C PRO A 76 21.73 -43.69 25.03
N HIS A 77 20.90 -44.70 24.82
CA HIS A 77 20.78 -45.37 23.53
C HIS A 77 19.39 -45.15 22.94
N ASN A 78 19.37 -44.70 21.68
CA ASN A 78 18.09 -44.48 21.00
C ASN A 78 17.26 -45.75 20.95
N LYS A 79 17.91 -46.92 20.92
CA LYS A 79 17.17 -48.17 20.74
C LYS A 79 16.24 -48.46 21.91
N GLU A 80 16.69 -48.16 23.13
CA GLU A 80 15.82 -48.36 24.29
C GLU A 80 14.63 -47.43 24.26
N THR A 81 14.83 -46.17 23.85
CA THR A 81 13.71 -45.23 23.76
C THR A 81 12.65 -45.74 22.78
N VAL A 82 13.08 -46.26 21.63
CA VAL A 82 12.15 -46.79 20.64
C VAL A 82 11.32 -47.93 21.24
N GLN A 83 11.97 -48.85 21.94
CA GLN A 83 11.27 -50.04 22.43
C GLN A 83 10.29 -49.74 23.54
N HIS A 84 10.37 -48.58 24.18
CA HIS A 84 9.48 -48.26 25.30
C HIS A 84 8.56 -47.08 25.00
N SER A 85 8.30 -46.78 23.72
CA SER A 85 7.49 -45.64 23.34
C SER A 85 6.52 -46.04 22.24
N ASP A 86 5.32 -45.43 22.29
CA ASP A 86 4.33 -45.54 21.23
C ASP A 86 4.45 -44.42 20.22
N VAL A 87 4.63 -43.20 20.70
CA VAL A 87 4.80 -42.01 19.87
C VAL A 87 6.25 -41.53 20.02
N LEU A 88 6.94 -41.36 18.91
CA LEU A 88 8.38 -41.12 18.90
C LEU A 88 8.68 -39.77 18.27
N PHE A 89 9.17 -38.82 19.08
CA PHE A 89 9.56 -37.52 18.56
C PHE A 89 11.05 -37.55 18.16
N LEU A 90 11.34 -37.09 16.95
CA LEU A 90 12.71 -36.93 16.47
C LEU A 90 13.01 -35.44 16.52
N ALA A 91 13.77 -35.05 17.54
CA ALA A 91 14.13 -33.65 17.78
C ALA A 91 15.65 -33.53 17.64
N VAL A 92 16.14 -33.77 16.42
CA VAL A 92 17.56 -33.73 16.10
C VAL A 92 17.72 -32.83 14.89
N LYS A 93 18.97 -32.39 14.67
CA LYS A 93 19.25 -31.50 13.57
C LYS A 93 18.91 -32.18 12.24
N PRO A 94 18.47 -31.41 11.24
CA PRO A 94 18.14 -32.01 9.93
C PRO A 94 19.23 -32.89 9.35
N HIS A 95 20.49 -32.48 9.48
CA HIS A 95 21.61 -33.26 8.94
C HIS A 95 21.75 -34.61 9.61
N ILE A 96 21.10 -34.81 10.76
CA ILE A 96 21.30 -36.01 11.56
C ILE A 96 20.14 -37.02 11.39
N ILE A 97 19.00 -36.58 10.85
CA ILE A 97 17.87 -37.49 10.66
C ILE A 97 18.27 -38.77 9.92
N PRO A 98 18.97 -38.72 8.78
CA PRO A 98 19.25 -39.99 8.06
C PRO A 98 20.05 -40.98 8.87
N PHE A 99 20.96 -40.50 9.73
CA PHE A 99 21.72 -41.42 10.58
C PHE A 99 20.82 -42.04 11.65
N ILE A 100 19.90 -41.24 12.22
CA ILE A 100 19.00 -41.75 13.24
C ILE A 100 18.09 -42.83 12.65
N LEU A 101 17.54 -42.59 11.46
CA LEU A 101 16.63 -43.55 10.86
C LEU A 101 17.34 -44.85 10.49
N ASP A 102 18.60 -44.78 10.09
CA ASP A 102 19.35 -46.01 9.81
C ASP A 102 19.55 -46.83 11.06
N GLU A 103 19.77 -46.18 12.21
CA GLU A 103 20.01 -46.92 13.44
C GLU A 103 18.74 -47.60 13.95
N ILE A 104 17.66 -46.83 14.14
CA ILE A 104 16.46 -47.37 14.76
C ILE A 104 15.52 -48.07 13.78
N GLY A 105 15.78 -47.96 12.47
CA GLY A 105 14.81 -48.42 11.49
C GLY A 105 14.33 -49.85 11.72
N ALA A 106 15.27 -50.74 12.05
CA ALA A 106 14.92 -52.13 12.34
C ALA A 106 14.11 -52.28 13.63
N ASP A 107 14.07 -51.26 14.48
CA ASP A 107 13.32 -51.33 15.73
C ASP A 107 11.92 -50.77 15.60
N ILE A 108 11.58 -50.13 14.48
CA ILE A 108 10.27 -49.54 14.32
C ILE A 108 9.24 -50.63 14.07
N GLU A 109 8.15 -50.59 14.82
CA GLU A 109 7.07 -51.56 14.74
C GLU A 109 5.83 -50.89 14.18
N ASP A 110 4.80 -51.71 13.96
CA ASP A 110 3.58 -51.19 13.35
C ASP A 110 2.78 -50.33 14.33
N ARG A 111 3.06 -50.44 15.63
CA ARG A 111 2.43 -49.58 16.63
C ARG A 111 3.02 -48.18 16.68
N HIS A 112 4.21 -47.97 16.12
CA HIS A 112 4.90 -46.71 16.29
C HIS A 112 4.32 -45.63 15.38
N ILE A 113 4.21 -44.43 15.93
CA ILE A 113 4.05 -43.22 15.14
C ILE A 113 5.37 -42.46 15.27
N VAL A 114 5.98 -42.13 14.14
CA VAL A 114 7.24 -41.39 14.11
C VAL A 114 6.93 -39.95 13.77
N VAL A 115 7.28 -39.04 14.68
CA VAL A 115 6.98 -37.62 14.55
C VAL A 115 8.31 -36.87 14.41
N SER A 116 8.59 -36.37 13.20
CA SER A 116 9.82 -35.61 12.94
C SER A 116 9.60 -34.12 13.20
N CYS A 117 10.42 -33.54 14.07
CA CYS A 117 10.38 -32.10 14.30
C CYS A 117 11.50 -31.37 13.56
N ALA A 118 12.26 -32.08 12.73
CA ALA A 118 13.39 -31.49 12.03
C ALA A 118 12.92 -30.52 10.96
N ALA A 119 13.59 -29.37 10.87
CA ALA A 119 13.19 -28.36 9.91
C ALA A 119 13.51 -28.84 8.49
N GLY A 120 12.61 -28.57 7.55
CA GLY A 120 12.88 -28.92 6.17
C GLY A 120 12.74 -30.39 5.79
N VAL A 121 13.13 -31.34 6.65
CA VAL A 121 13.14 -32.76 6.31
C VAL A 121 11.74 -33.22 5.93
N THR A 122 11.59 -33.77 4.74
CA THR A 122 10.27 -34.11 4.22
C THR A 122 9.80 -35.49 4.67
N ILE A 123 8.47 -35.63 4.73
CA ILE A 123 7.84 -36.92 4.99
C ILE A 123 8.34 -37.96 4.00
N SER A 124 8.40 -37.58 2.72
CA SER A 124 8.89 -38.47 1.67
C SER A 124 10.25 -39.08 2.02
N SER A 125 11.18 -38.25 2.48
CA SER A 125 12.53 -38.73 2.72
C SER A 125 12.59 -39.63 3.95
N ILE A 126 11.76 -39.35 4.96
CA ILE A 126 11.72 -40.22 6.14
C ILE A 126 11.10 -41.57 5.81
N GLU A 127 9.97 -41.55 5.09
CA GLU A 127 9.31 -42.80 4.75
C GLU A 127 10.21 -43.69 3.90
N LYS A 128 10.98 -43.08 2.99
CA LYS A 128 11.87 -43.84 2.12
C LYS A 128 12.91 -44.62 2.93
N LYS A 129 13.57 -43.96 3.88
CA LYS A 129 14.53 -44.66 4.73
C LYS A 129 13.88 -45.77 5.52
N LEU A 130 12.75 -45.48 6.18
CA LEU A 130 12.10 -46.46 7.06
C LEU A 130 11.46 -47.60 6.27
N SER A 131 10.98 -47.32 5.05
CA SER A 131 10.33 -48.37 4.27
C SER A 131 11.27 -49.52 3.88
N ALA A 132 12.58 -49.29 3.87
CA ALA A 132 13.52 -50.38 3.62
C ALA A 132 13.48 -51.44 4.72
N PHE A 133 12.87 -51.13 5.86
CA PHE A 133 12.76 -52.09 6.97
C PHE A 133 11.36 -52.69 6.97
N ARG A 134 10.39 -51.98 7.53
CA ARG A 134 8.98 -52.37 7.50
C ARG A 134 8.22 -51.51 6.51
N PRO A 135 7.28 -52.09 5.75
CA PRO A 135 6.75 -51.39 4.57
C PRO A 135 5.84 -50.20 4.84
N ALA A 136 5.15 -50.11 5.99
CA ALA A 136 4.15 -49.07 6.21
C ALA A 136 4.44 -48.22 7.45
N PRO A 137 5.56 -47.49 7.48
CA PRO A 137 5.84 -46.61 8.62
C PRO A 137 4.82 -45.48 8.71
N ARG A 138 4.34 -45.24 9.93
CA ARG A 138 3.41 -44.15 10.21
C ARG A 138 4.21 -42.90 10.58
N VAL A 139 4.19 -41.90 9.72
CA VAL A 139 5.09 -40.76 9.86
C VAL A 139 4.26 -39.49 9.90
N ILE A 140 4.59 -38.61 10.82
CA ILE A 140 4.01 -37.28 10.89
C ILE A 140 5.15 -36.27 10.95
N ARG A 141 4.98 -35.14 10.26
CA ARG A 141 5.95 -34.05 10.31
C ARG A 141 5.32 -32.86 11.01
N CYS A 142 6.02 -32.26 11.97
CA CYS A 142 5.48 -31.05 12.56
C CYS A 142 6.52 -29.94 12.61
N MET A 143 6.02 -28.71 12.69
CA MET A 143 6.83 -27.53 13.02
C MET A 143 6.20 -26.95 14.27
N THR A 144 6.91 -27.03 15.39
CA THR A 144 6.48 -26.44 16.65
C THR A 144 7.54 -25.43 17.08
N ASN A 145 7.35 -24.77 18.21
CA ASN A 145 8.31 -23.79 18.65
C ASN A 145 8.50 -23.90 20.16
N THR A 146 9.50 -23.18 20.67
CA THR A 146 9.92 -23.35 22.05
C THR A 146 8.88 -22.96 23.09
N PRO A 147 7.99 -21.96 22.87
CA PRO A 147 6.99 -21.63 23.92
C PRO A 147 6.03 -22.77 24.28
N VAL A 148 6.17 -23.97 23.68
CA VAL A 148 5.47 -25.11 24.26
C VAL A 148 5.90 -25.30 25.71
N VAL A 149 7.06 -24.77 26.09
CA VAL A 149 7.59 -24.95 27.44
C VAL A 149 6.70 -24.24 28.47
N VAL A 150 6.01 -23.19 28.05
CA VAL A 150 5.01 -22.53 28.89
C VAL A 150 3.60 -22.77 28.34
N ARG A 151 3.43 -23.82 27.54
CA ARG A 151 2.14 -24.27 27.02
C ARG A 151 1.46 -23.21 26.17
N GLU A 152 2.24 -22.37 25.51
CA GLU A 152 1.72 -21.42 24.52
C GLU A 152 2.43 -21.58 23.17
N GLY A 153 2.79 -22.80 22.81
CA GLY A 153 3.41 -23.01 21.52
C GLY A 153 2.47 -22.74 20.36
N ALA A 154 3.05 -22.80 19.15
CA ALA A 154 2.32 -22.73 17.88
C ALA A 154 2.83 -23.86 17.00
N THR A 155 1.95 -24.81 16.67
CA THR A 155 2.35 -26.07 16.05
C THR A 155 1.49 -26.35 14.82
N VAL A 156 2.13 -26.79 13.73
CA VAL A 156 1.38 -27.37 12.64
C VAL A 156 1.97 -28.75 12.37
N TYR A 157 1.17 -29.61 11.74
CA TYR A 157 1.67 -30.93 11.39
C TYR A 157 1.05 -31.37 10.09
N ALA A 158 1.73 -32.29 9.40
CA ALA A 158 1.19 -32.94 8.22
C ALA A 158 1.36 -34.44 8.38
N THR A 159 0.38 -35.21 7.89
CA THR A 159 0.37 -36.65 8.06
C THR A 159 0.96 -37.35 6.83
N GLY A 160 1.67 -38.45 7.08
CA GLY A 160 2.32 -39.20 6.01
C GLY A 160 1.37 -40.15 5.30
N THR A 161 1.94 -40.86 4.32
CA THR A 161 1.12 -41.67 3.42
C THR A 161 0.62 -42.97 4.06
N HIS A 162 1.18 -43.41 5.19
CA HIS A 162 0.68 -44.61 5.86
C HIS A 162 0.07 -44.29 7.23
N ALA A 163 -0.09 -43.02 7.56
CA ALA A 163 -0.69 -42.68 8.84
C ALA A 163 -2.19 -42.96 8.79
N GLN A 164 -2.71 -43.57 9.85
CA GLN A 164 -4.15 -43.78 9.94
C GLN A 164 -4.86 -42.48 10.34
N VAL A 165 -6.16 -42.42 10.03
CA VAL A 165 -6.97 -41.25 10.39
C VAL A 165 -6.81 -40.93 11.87
N GLU A 166 -6.73 -41.98 12.70
CA GLU A 166 -6.62 -41.79 14.13
C GLU A 166 -5.31 -41.11 14.53
N ASP A 167 -4.23 -41.32 13.76
CA ASP A 167 -2.90 -40.82 14.13
C ASP A 167 -2.83 -39.30 14.09
N GLY A 168 -3.41 -38.71 13.05
CA GLY A 168 -3.45 -37.25 12.97
C GLY A 168 -4.30 -36.64 14.07
N ARG A 169 -5.41 -37.29 14.43
CA ARG A 169 -6.22 -36.81 15.53
C ARG A 169 -5.47 -36.91 16.85
N LEU A 170 -4.73 -38.01 17.07
CA LEU A 170 -3.96 -38.15 18.29
C LEU A 170 -2.92 -37.05 18.41
N MET A 171 -2.21 -36.79 17.32
CA MET A 171 -1.19 -35.74 17.31
C MET A 171 -1.81 -34.38 17.62
N GLU A 172 -2.94 -34.09 16.99
CA GLU A 172 -3.70 -32.87 17.25
C GLU A 172 -4.01 -32.72 18.74
N GLN A 173 -4.55 -33.78 19.35
CA GLN A 173 -4.93 -33.70 20.75
C GLN A 173 -3.71 -33.49 21.65
N LEU A 174 -2.61 -34.20 21.35
CA LEU A 174 -1.42 -34.13 22.19
C LEU A 174 -0.78 -32.75 22.15
N LEU A 175 -0.61 -32.19 20.96
CA LEU A 175 0.09 -30.92 20.86
C LEU A 175 -0.82 -29.73 21.13
N SER A 176 -2.14 -29.91 21.08
CA SER A 176 -3.04 -28.86 21.56
C SER A 176 -2.91 -28.65 23.06
N SER A 177 -2.44 -29.64 23.81
CA SER A 177 -2.26 -29.45 25.24
C SER A 177 -1.12 -28.48 25.56
N VAL A 178 -0.28 -28.11 24.59
CA VAL A 178 0.80 -27.18 24.88
C VAL A 178 0.80 -25.97 23.95
N GLY A 179 -0.34 -25.66 23.34
CA GLY A 179 -0.44 -24.48 22.50
C GLY A 179 -1.46 -24.68 21.39
N PHE A 180 -1.48 -23.72 20.47
CA PHE A 180 -2.28 -23.86 19.28
C PHE A 180 -1.70 -24.95 18.38
N CYS A 181 -2.58 -25.69 17.71
CA CYS A 181 -2.14 -26.75 16.81
C CYS A 181 -3.19 -26.97 15.74
N THR A 182 -2.74 -27.11 14.49
CA THR A 182 -3.68 -27.42 13.41
C THR A 182 -2.95 -28.22 12.35
N GLU A 183 -3.70 -29.01 11.59
CA GLU A 183 -3.14 -29.75 10.47
C GLU A 183 -2.93 -28.82 9.28
N VAL A 184 -1.85 -29.03 8.52
CA VAL A 184 -1.64 -28.33 7.25
C VAL A 184 -1.16 -29.30 6.18
N GLU A 185 -1.24 -28.84 4.94
CA GLU A 185 -0.55 -29.52 3.85
C GLU A 185 0.96 -29.35 4.02
N GLU A 186 1.71 -30.42 3.73
CA GLU A 186 3.15 -30.39 4.01
C GLU A 186 3.84 -29.25 3.28
N ASP A 187 3.34 -28.85 2.11
CA ASP A 187 4.04 -27.80 1.38
C ASP A 187 3.85 -26.42 1.98
N LEU A 188 3.11 -26.26 3.08
CA LEU A 188 3.11 -25.01 3.82
C LEU A 188 4.08 -24.99 5.00
N ILE A 189 4.74 -26.11 5.30
CA ILE A 189 5.48 -26.17 6.56
C ILE A 189 6.73 -25.28 6.51
N ASP A 190 7.39 -25.14 5.35
CA ASP A 190 8.54 -24.24 5.30
C ASP A 190 8.12 -22.80 5.60
N ALA A 191 6.98 -22.37 5.05
CA ALA A 191 6.49 -21.02 5.33
C ALA A 191 6.12 -20.85 6.80
N VAL A 192 5.49 -21.87 7.39
CA VAL A 192 5.16 -21.82 8.81
C VAL A 192 6.45 -21.68 9.63
N THR A 193 7.52 -22.38 9.20
CA THR A 193 8.80 -22.27 9.90
C THR A 193 9.28 -20.83 9.93
N GLY A 194 9.16 -20.12 8.81
CA GLY A 194 9.59 -18.73 8.76
C GLY A 194 8.76 -17.79 9.60
N LEU A 195 7.51 -18.17 9.90
CA LEU A 195 6.60 -17.33 10.68
C LEU A 195 6.61 -17.73 12.15
N SER A 196 5.99 -18.86 12.52
CA SER A 196 5.91 -19.19 13.95
C SER A 196 7.09 -20.00 14.45
N GLY A 197 7.81 -20.72 13.58
CA GLY A 197 8.99 -21.43 14.02
C GLY A 197 10.11 -20.51 14.47
N SER A 198 10.43 -19.51 13.65
CA SER A 198 11.44 -18.51 13.98
C SER A 198 10.86 -17.32 14.72
N GLY A 199 9.54 -17.21 14.77
CA GLY A 199 8.84 -16.09 15.36
C GLY A 199 9.32 -15.66 16.73
N PRO A 200 9.51 -16.59 17.67
CA PRO A 200 9.97 -16.18 19.00
C PRO A 200 11.32 -15.47 18.99
N ALA A 201 12.26 -15.87 18.12
CA ALA A 201 13.54 -15.16 18.06
C ALA A 201 13.35 -13.73 17.58
N TYR A 202 12.45 -13.51 16.64
CA TYR A 202 12.10 -12.15 16.25
C TYR A 202 11.62 -11.37 17.47
N ALA A 203 10.78 -12.00 18.28
CA ALA A 203 10.22 -11.31 19.44
C ALA A 203 11.28 -11.04 20.50
N PHE A 204 12.17 -12.01 20.76
CA PHE A 204 13.25 -11.75 21.70
C PHE A 204 14.16 -10.62 21.24
N THR A 205 14.45 -10.55 19.93
CA THR A 205 15.23 -9.44 19.39
C THR A 205 14.51 -8.10 19.59
N ALA A 206 13.22 -8.07 19.24
CA ALA A 206 12.41 -6.86 19.41
C ALA A 206 12.33 -6.44 20.87
N LEU A 207 12.21 -7.41 21.78
CA LEU A 207 12.12 -7.10 23.21
C LEU A 207 13.45 -6.59 23.78
N ASP A 208 14.59 -7.10 23.27
CA ASP A 208 15.90 -6.57 23.65
C ASP A 208 16.04 -5.12 23.24
N ALA A 209 15.59 -4.78 22.03
CA ALA A 209 15.68 -3.43 21.49
C ALA A 209 14.73 -2.48 22.20
N LEU A 210 13.48 -2.91 22.41
CA LEU A 210 12.53 -2.08 23.14
C LEU A 210 13.04 -1.82 24.54
N ALA A 211 13.69 -2.83 25.15
CA ALA A 211 14.33 -2.62 26.46
C ALA A 211 15.47 -1.59 26.39
N ASP A 212 16.34 -1.70 25.38
CA ASP A 212 17.38 -0.67 25.19
C ASP A 212 16.76 0.72 25.04
N GLY A 213 15.63 0.79 24.31
CA GLY A 213 14.95 2.06 24.14
C GLY A 213 14.43 2.63 25.46
N GLY A 214 13.78 1.79 26.27
CA GLY A 214 13.36 2.22 27.60
C GLY A 214 14.52 2.66 28.50
N VAL A 215 15.62 1.90 28.50
CA VAL A 215 16.81 2.27 29.27
C VAL A 215 17.38 3.61 28.78
N LYS A 216 17.38 3.83 27.47
CA LYS A 216 17.87 5.11 26.94
C LYS A 216 17.06 6.27 27.49
N MET A 217 15.75 6.12 27.58
CA MET A 217 14.89 7.20 28.10
C MET A 217 14.76 7.21 29.63
N GLY A 218 15.54 6.38 30.33
CA GLY A 218 15.70 6.50 31.77
C GLY A 218 15.13 5.40 32.64
N LEU A 219 14.55 4.30 32.03
CA LEU A 219 13.97 3.24 32.84
C LEU A 219 15.03 2.23 33.28
N PRO A 220 14.92 1.68 34.48
CA PRO A 220 15.80 0.56 34.86
C PRO A 220 15.62 -0.60 33.90
N ARG A 221 16.73 -1.32 33.65
CA ARG A 221 16.71 -2.41 32.67
C ARG A 221 15.63 -3.44 33.03
N ARG A 222 15.53 -3.79 34.31
CA ARG A 222 14.58 -4.82 34.73
C ARG A 222 13.15 -4.41 34.45
N LEU A 223 12.81 -3.15 34.75
CA LEU A 223 11.47 -2.67 34.47
C LEU A 223 11.20 -2.62 32.97
N ALA A 224 12.19 -2.19 32.17
CA ALA A 224 11.99 -2.07 30.73
C ALA A 224 11.69 -3.42 30.08
N VAL A 225 12.42 -4.46 30.50
CA VAL A 225 12.17 -5.82 30.00
C VAL A 225 10.76 -6.28 30.37
N ARG A 226 10.37 -6.08 31.64
CA ARG A 226 9.05 -6.49 32.10
CA ARG A 226 9.05 -6.50 32.10
C ARG A 226 7.95 -5.79 31.31
N LEU A 227 8.04 -4.47 31.17
CA LEU A 227 6.97 -3.70 30.52
C LEU A 227 6.87 -4.04 29.05
N GLY A 228 8.01 -4.17 28.37
CA GLY A 228 7.98 -4.52 26.96
C GLY A 228 7.40 -5.90 26.73
N ALA A 229 7.82 -6.87 27.55
CA ALA A 229 7.23 -8.22 27.45
C ALA A 229 5.72 -8.19 27.71
N GLN A 230 5.30 -7.43 28.72
CA GLN A 230 3.88 -7.43 29.04
C GLN A 230 3.06 -6.72 27.96
N ALA A 231 3.65 -5.70 27.32
CA ALA A 231 2.96 -5.02 26.24
C ALA A 231 2.77 -5.94 25.03
N LEU A 232 3.79 -6.75 24.71
CA LEU A 232 3.67 -7.67 23.59
C LEU A 232 2.69 -8.79 23.91
N LEU A 233 2.78 -9.35 25.11
CA LEU A 233 1.84 -10.39 25.50
C LEU A 233 0.40 -9.88 25.42
N GLY A 234 0.15 -8.69 25.99
CA GLY A 234 -1.20 -8.14 25.97
C GLY A 234 -1.69 -7.83 24.57
N ALA A 235 -0.82 -7.29 23.72
CA ALA A 235 -1.20 -7.01 22.33
C ALA A 235 -1.59 -8.29 21.61
N ALA A 236 -0.76 -9.33 21.72
CA ALA A 236 -1.05 -10.58 21.04
C ALA A 236 -2.34 -11.21 21.57
N LYS A 237 -2.59 -11.12 22.89
CA LYS A 237 -3.85 -11.67 23.38
C LYS A 237 -5.04 -10.89 22.85
N MET A 238 -4.91 -9.57 22.72
CA MET A 238 -5.99 -8.76 22.14
C MET A 238 -6.34 -9.25 20.73
N LEU A 239 -5.32 -9.48 19.90
CA LEU A 239 -5.57 -9.94 18.54
C LEU A 239 -6.22 -11.31 18.53
N LEU A 240 -5.71 -12.25 19.34
CA LEU A 240 -6.29 -13.58 19.41
C LEU A 240 -7.75 -13.57 19.88
N HIS A 241 -8.15 -12.64 20.74
CA HIS A 241 -9.53 -12.57 21.19
C HIS A 241 -10.39 -11.65 20.34
N SER A 242 -9.92 -11.22 19.19
CA SER A 242 -10.68 -10.31 18.33
CA SER A 242 -10.73 -10.35 18.36
C SER A 242 -10.94 -10.99 16.99
N GLU A 243 -11.98 -10.52 16.30
CA GLU A 243 -12.17 -10.98 14.93
C GLU A 243 -11.35 -10.15 13.95
N GLN A 244 -10.81 -9.02 14.40
CA GLN A 244 -10.17 -8.06 13.53
C GLN A 244 -8.75 -8.50 13.15
N HIS A 245 -8.27 -7.93 12.06
CA HIS A 245 -6.89 -8.09 11.66
C HIS A 245 -6.03 -7.04 12.35
N PRO A 246 -4.70 -7.23 12.34
CA PRO A 246 -3.81 -6.31 13.05
C PRO A 246 -3.95 -4.85 12.65
N GLY A 247 -4.30 -4.55 11.39
CA GLY A 247 -4.39 -3.16 10.97
C GLY A 247 -5.47 -2.39 11.72
N GLN A 248 -6.66 -2.99 11.85
CA GLN A 248 -7.77 -2.32 12.55
C GLN A 248 -7.41 -2.05 14.00
N LEU A 249 -6.74 -2.98 14.67
CA LEU A 249 -6.27 -2.75 16.03
C LEU A 249 -5.26 -1.61 16.11
N LYS A 250 -4.32 -1.55 15.15
CA LYS A 250 -3.41 -0.41 15.07
C LYS A 250 -4.19 0.91 14.98
N ASP A 251 -5.19 0.97 14.10
CA ASP A 251 -6.00 2.18 13.99
C ASP A 251 -6.70 2.48 15.31
N ASN A 252 -7.17 1.45 16.02
CA ASN A 252 -7.97 1.67 17.22
C ASN A 252 -7.16 2.32 18.34
N VAL A 253 -5.87 2.00 18.46
CA VAL A 253 -5.07 2.41 19.60
C VAL A 253 -4.20 3.63 19.30
N SER A 254 -4.30 4.23 18.12
CA SER A 254 -3.39 5.32 17.75
C SER A 254 -4.15 6.64 17.72
N SER A 255 -4.16 7.35 18.85
CA SER A 255 -5.01 8.52 18.97
C SER A 255 -4.45 9.70 18.14
N PRO A 256 -5.32 10.56 17.63
CA PRO A 256 -4.83 11.62 16.72
C PRO A 256 -3.82 12.53 17.42
N GLY A 257 -2.73 12.82 16.71
CA GLY A 257 -1.70 13.71 17.20
C GLY A 257 -0.87 13.17 18.35
N GLY A 258 -1.08 11.92 18.76
CA GLY A 258 -0.52 11.44 20.01
C GLY A 258 0.89 10.86 19.90
N ALA A 259 1.36 10.34 21.04
CA ALA A 259 2.71 9.78 21.11
C ALA A 259 2.83 8.55 20.21
N THR A 260 1.81 7.69 20.22
CA THR A 260 1.90 6.42 19.51
C THR A 260 2.02 6.62 18.01
N ILE A 261 1.18 7.50 17.43
CA ILE A 261 1.24 7.68 15.98
C ILE A 261 2.55 8.37 15.57
N HIS A 262 3.13 9.21 16.43
CA HIS A 262 4.44 9.73 16.12
C HIS A 262 5.48 8.62 16.07
N ALA A 263 5.39 7.66 17.00
CA ALA A 263 6.36 6.57 17.01
C ALA A 263 6.16 5.65 15.81
N LEU A 264 4.91 5.43 15.42
CA LEU A 264 4.66 4.57 14.26
C LEU A 264 5.31 5.13 13.00
N HIS A 265 5.35 6.45 12.88
CA HIS A 265 5.96 7.07 11.71
C HIS A 265 7.45 6.76 11.65
N VAL A 266 8.17 6.82 12.80
CA VAL A 266 9.60 6.52 12.69
C VAL A 266 9.81 5.04 12.39
N LEU A 267 8.91 4.14 12.85
CA LEU A 267 9.00 2.75 12.40
C LEU A 267 8.87 2.66 10.88
N GLU A 268 7.86 3.32 10.32
CA GLU A 268 7.64 3.28 8.87
C GLU A 268 8.81 3.87 8.10
N SER A 269 9.43 4.94 8.62
CA SER A 269 10.52 5.57 7.87
C SER A 269 11.74 4.66 7.75
N GLY A 270 11.91 3.71 8.66
CA GLY A 270 12.97 2.72 8.47
C GLY A 270 12.56 1.44 7.76
N GLY A 271 11.33 1.36 7.23
CA GLY A 271 10.93 0.15 6.54
C GLY A 271 10.73 -1.03 7.47
N PHE A 272 10.35 -0.76 8.71
CA PHE A 272 10.08 -1.78 9.74
C PHE A 272 9.28 -2.97 9.22
N ARG A 273 8.15 -2.70 8.54
CA ARG A 273 7.32 -3.80 8.03
C ARG A 273 8.11 -4.68 7.05
N SER A 274 8.82 -4.06 6.11
CA SER A 274 9.58 -4.85 5.13
C SER A 274 10.61 -5.76 5.80
N LEU A 275 11.18 -5.32 6.92
CA LEU A 275 12.20 -6.15 7.58
C LEU A 275 11.61 -7.47 8.06
N LEU A 276 10.39 -7.41 8.61
CA LEU A 276 9.73 -8.62 9.09
C LEU A 276 9.27 -9.52 7.93
N ILE A 277 8.80 -8.92 6.84
CA ILE A 277 8.54 -9.70 5.62
C ILE A 277 9.83 -10.38 5.15
N ASN A 278 10.94 -9.61 5.11
CA ASN A 278 12.25 -10.14 4.76
C ASN A 278 12.61 -11.35 5.62
N ALA A 279 12.37 -11.25 6.93
CA ALA A 279 12.74 -12.30 7.86
C ALA A 279 11.96 -13.59 7.58
N VAL A 280 10.63 -13.52 7.50
CA VAL A 280 9.79 -14.70 7.22
C VAL A 280 10.24 -15.36 5.92
N GLU A 281 10.52 -14.55 4.90
CA GLU A 281 10.97 -15.12 3.63
C GLU A 281 12.34 -15.79 3.76
N ALA A 282 13.30 -15.12 4.43
CA ALA A 282 14.64 -15.68 4.54
C ALA A 282 14.65 -16.99 5.32
N SER A 283 13.83 -17.09 6.37
CA SER A 283 13.76 -18.33 7.16
C SER A 283 13.08 -19.45 6.38
N CYS A 284 12.03 -19.12 5.63
CA CYS A 284 11.37 -20.13 4.79
C CYS A 284 12.30 -20.62 3.70
N ILE A 285 13.01 -19.70 3.04
CA ILE A 285 13.94 -20.12 1.99
C ILE A 285 15.06 -20.99 2.55
N ARG A 286 15.59 -20.64 3.72
CA ARG A 286 16.65 -21.46 4.32
C ARG A 286 16.12 -22.85 4.69
N THR A 287 14.86 -22.92 5.12
CA THR A 287 14.26 -24.20 5.49
C THR A 287 14.20 -25.13 4.28
N ARG A 288 13.77 -24.60 3.13
CA ARG A 288 13.80 -25.36 1.88
C ARG A 288 15.22 -25.84 1.56
N GLU A 289 16.24 -24.99 1.78
CA GLU A 289 17.62 -25.39 1.54
C GLU A 289 18.07 -26.51 2.47
N LEU A 290 17.55 -26.52 3.70
CA LEU A 290 17.92 -27.58 4.63
C LEU A 290 17.36 -28.92 4.21
N GLN A 291 16.25 -28.92 3.47
CA GLN A 291 15.76 -30.16 2.88
C GLN A 291 16.71 -30.63 1.78
N SER A 292 16.93 -29.79 0.76
CA SER A 292 17.82 -30.15 -0.33
C SER A 292 19.22 -30.48 0.16
N MET A 293 19.65 -29.85 1.25
CA MET A 293 20.88 -30.25 1.93
C MET A 293 20.87 -31.75 2.21
N ALA A 294 19.71 -32.29 2.58
CA ALA A 294 19.56 -33.70 2.85
C ALA A 294 19.21 -34.53 1.62
N ASP A 295 18.73 -33.89 0.55
CA ASP A 295 18.34 -34.60 -0.67
C ASP A 295 19.41 -34.47 -1.76
N ASN B 17 -5.70 -6.77 52.02
CA ASN B 17 -6.45 -6.49 50.80
C ASN B 17 -7.61 -5.54 51.07
N LEU B 18 -7.77 -4.54 50.20
CA LEU B 18 -8.81 -3.54 50.36
C LEU B 18 -10.10 -3.96 49.69
N TYR B 19 -11.22 -3.42 50.19
CA TYR B 19 -12.57 -3.75 49.74
C TYR B 19 -13.12 -2.56 48.95
N PHE B 20 -13.28 -2.74 47.63
CA PHE B 20 -13.80 -1.69 46.77
C PHE B 20 -14.91 -2.19 45.84
N GLN B 21 -15.57 -3.30 46.18
CA GLN B 21 -16.58 -3.87 45.29
C GLN B 21 -17.79 -2.95 45.15
N SER B 22 -18.11 -2.19 46.21
CA SER B 22 -19.29 -1.33 46.22
C SER B 22 -18.99 0.10 45.81
N MET B 23 -17.73 0.49 45.69
CA MET B 23 -17.40 1.87 45.37
C MET B 23 -17.70 2.17 43.90
N SER B 24 -17.94 3.44 43.62
CA SER B 24 -18.35 3.90 42.30
C SER B 24 -17.15 4.45 41.54
N VAL B 25 -17.04 4.07 40.28
CA VAL B 25 -15.94 4.47 39.40
C VAL B 25 -16.53 5.22 38.21
N GLY B 26 -15.96 6.38 37.91
CA GLY B 26 -16.44 7.20 36.82
C GLY B 26 -15.32 7.53 35.84
N PHE B 27 -15.72 7.70 34.58
CA PHE B 27 -14.79 8.07 33.51
C PHE B 27 -15.23 9.40 32.91
N ILE B 28 -14.33 10.38 32.93
CA ILE B 28 -14.48 11.58 32.12
C ILE B 28 -13.82 11.29 30.77
N GLY B 29 -14.64 11.14 29.74
CA GLY B 29 -14.14 10.60 28.48
C GLY B 29 -14.73 9.22 28.29
N ALA B 30 -15.10 8.92 27.04
CA ALA B 30 -15.75 7.66 26.70
C ALA B 30 -15.13 7.09 25.43
N GLY B 31 -13.80 7.18 25.35
CA GLY B 31 -13.05 6.74 24.20
C GLY B 31 -12.47 5.36 24.37
N GLN B 32 -11.42 5.09 23.60
CA GLN B 32 -10.82 3.76 23.55
C GLN B 32 -10.38 3.27 24.92
N LEU B 33 -9.75 4.15 25.69
CA LEU B 33 -9.19 3.74 26.98
C LEU B 33 -10.28 3.52 28.03
N ALA B 34 -11.27 4.42 28.10
CA ALA B 34 -12.36 4.23 29.04
C ALA B 34 -13.10 2.93 28.80
N PHE B 35 -13.34 2.59 27.52
CA PHE B 35 -13.97 1.31 27.22
C PHE B 35 -13.11 0.15 27.69
N ALA B 36 -11.80 0.21 27.40
CA ALA B 36 -10.92 -0.90 27.73
C ALA B 36 -10.86 -1.14 29.23
N LEU B 37 -10.72 -0.07 30.02
CA LEU B 37 -10.70 -0.20 31.48
C LEU B 37 -12.03 -0.71 32.01
N ALA B 38 -13.14 -0.12 31.53
CA ALA B 38 -14.46 -0.55 32.00
C ALA B 38 -14.71 -2.01 31.66
N LYS B 39 -14.36 -2.42 30.45
CA LYS B 39 -14.51 -3.82 30.06
C LYS B 39 -13.64 -4.73 30.92
N GLY B 40 -12.37 -4.34 31.10
CA GLY B 40 -11.46 -5.15 31.89
C GLY B 40 -11.92 -5.29 33.33
N PHE B 41 -12.29 -4.17 33.97
CA PHE B 41 -12.75 -4.22 35.36
C PHE B 41 -13.96 -5.12 35.50
N THR B 42 -14.93 -5.02 34.58
CA THR B 42 -16.13 -5.84 34.74
C THR B 42 -15.85 -7.29 34.40
N ALA B 43 -14.95 -7.56 33.44
CA ALA B 43 -14.56 -8.93 33.18
C ALA B 43 -13.87 -9.54 34.39
N ALA B 44 -12.98 -8.77 35.02
CA ALA B 44 -12.34 -9.21 36.26
C ALA B 44 -13.33 -9.40 37.40
N GLY B 45 -14.56 -8.90 37.27
CA GLY B 45 -15.54 -9.03 38.32
C GLY B 45 -15.29 -8.16 39.53
N VAL B 46 -14.33 -7.22 39.45
CA VAL B 46 -14.05 -6.35 40.59
C VAL B 46 -15.05 -5.22 40.69
N LEU B 47 -15.76 -4.92 39.60
CA LEU B 47 -16.74 -3.85 39.56
C LEU B 47 -17.99 -4.34 38.85
N ALA B 48 -19.14 -3.87 39.32
CA ALA B 48 -20.40 -4.09 38.63
C ALA B 48 -20.59 -3.02 37.56
N ALA B 49 -20.92 -3.47 36.34
CA ALA B 49 -21.08 -2.54 35.22
C ALA B 49 -22.08 -1.43 35.52
N HIS B 50 -23.15 -1.72 36.28
CA HIS B 50 -24.16 -0.71 36.54
C HIS B 50 -23.67 0.36 37.51
N LYS B 51 -22.60 0.10 38.27
CA LYS B 51 -22.01 1.11 39.13
C LYS B 51 -20.88 1.88 38.45
N ILE B 52 -20.85 1.90 37.12
CA ILE B 52 -19.88 2.66 36.34
C ILE B 52 -20.64 3.70 35.54
N MET B 53 -20.13 4.93 35.54
CA MET B 53 -20.68 6.03 34.75
C MET B 53 -19.57 6.62 33.89
N ALA B 54 -19.94 7.11 32.69
CA ALA B 54 -18.97 7.73 31.80
C ALA B 54 -19.62 8.91 31.10
N SER B 55 -18.83 9.96 30.86
CA SER B 55 -19.34 11.16 30.21
C SER B 55 -18.54 11.46 28.95
N SER B 56 -19.23 12.05 27.96
CA SER B 56 -18.64 12.31 26.66
C SER B 56 -19.36 13.46 25.98
N PRO B 57 -18.65 14.38 25.32
CA PRO B 57 -19.34 15.42 24.54
C PRO B 57 -19.88 14.91 23.21
N ASP B 58 -19.56 13.69 22.80
CA ASP B 58 -19.94 13.16 21.50
C ASP B 58 -20.41 11.72 21.69
N MET B 59 -21.68 11.46 21.36
CA MET B 59 -22.26 10.13 21.49
C MET B 59 -22.21 9.32 20.21
N ASP B 60 -21.98 9.95 19.06
CA ASP B 60 -21.87 9.23 17.78
C ASP B 60 -20.49 8.58 17.69
N LEU B 61 -20.26 7.60 18.57
CA LEU B 61 -18.97 6.95 18.68
C LEU B 61 -19.17 5.47 18.97
N ALA B 62 -18.33 4.64 18.34
CA ALA B 62 -18.39 3.20 18.59
C ALA B 62 -18.07 2.89 20.04
N THR B 63 -17.09 3.59 20.63
CA THR B 63 -16.74 3.34 22.02
C THR B 63 -17.91 3.67 22.94
N VAL B 64 -18.68 4.71 22.64
CA VAL B 64 -19.83 5.05 23.46
C VAL B 64 -20.89 3.96 23.38
N SER B 65 -21.18 3.47 22.17
CA SER B 65 -22.18 2.42 22.01
C SER B 65 -21.73 1.12 22.69
N ALA B 66 -20.44 0.80 22.55
CA ALA B 66 -19.87 -0.36 23.25
C ALA B 66 -20.04 -0.22 24.76
N LEU B 67 -19.70 0.96 25.30
CA LEU B 67 -19.90 1.19 26.73
C LEU B 67 -21.36 0.99 27.12
N ARG B 68 -22.28 1.43 26.27
CA ARG B 68 -23.70 1.35 26.58
C ARG B 68 -24.19 -0.10 26.61
N LYS B 69 -23.75 -0.91 25.63
CA LYS B 69 -24.22 -2.30 25.56
C LYS B 69 -23.79 -3.12 26.77
N MET B 70 -22.63 -2.80 27.37
CA MET B 70 -22.22 -3.50 28.58
C MET B 70 -22.87 -2.93 29.84
N GLY B 71 -23.76 -1.95 29.71
CA GLY B 71 -24.53 -1.45 30.82
C GLY B 71 -23.95 -0.25 31.54
N VAL B 72 -22.92 0.40 30.99
CA VAL B 72 -22.40 1.60 31.62
C VAL B 72 -23.40 2.74 31.44
N LYS B 73 -23.59 3.54 32.49
CA LYS B 73 -24.44 4.72 32.40
C LYS B 73 -23.68 5.86 31.72
N LEU B 74 -24.24 6.37 30.62
CA LEU B 74 -23.60 7.39 29.80
C LEU B 74 -24.33 8.71 29.97
N THR B 75 -23.57 9.78 30.20
CA THR B 75 -24.14 11.10 30.32
C THR B 75 -23.30 12.11 29.55
N PRO B 76 -23.91 13.18 29.05
CA PRO B 76 -23.12 14.26 28.44
C PRO B 76 -22.57 15.26 29.46
N HIS B 77 -22.89 15.14 30.75
CA HIS B 77 -22.52 16.12 31.76
C HIS B 77 -21.41 15.58 32.65
N ASN B 78 -20.21 16.18 32.52
CA ASN B 78 -19.08 15.81 33.37
C ASN B 78 -19.38 15.98 34.85
N LYS B 79 -20.16 17.00 35.22
CA LYS B 79 -20.44 17.20 36.63
C LYS B 79 -21.23 16.04 37.22
N GLU B 80 -22.13 15.45 36.43
CA GLU B 80 -22.90 14.32 36.92
C GLU B 80 -22.01 13.12 37.23
N THR B 81 -21.02 12.85 36.36
CA THR B 81 -20.07 11.77 36.59
C THR B 81 -19.30 11.96 37.90
N VAL B 82 -18.88 13.19 38.19
CA VAL B 82 -18.18 13.48 39.43
C VAL B 82 -19.10 13.23 40.63
N GLN B 83 -20.36 13.65 40.54
CA GLN B 83 -21.26 13.54 41.68
C GLN B 83 -21.63 12.10 42.01
N HIS B 84 -21.54 11.20 41.04
CA HIS B 84 -21.88 9.80 41.27
C HIS B 84 -20.68 8.93 41.61
N SER B 85 -19.45 9.42 41.46
CA SER B 85 -18.28 8.57 41.53
C SER B 85 -17.45 8.83 42.77
N ASP B 86 -16.70 7.79 43.18
CA ASP B 86 -15.67 7.91 44.21
C ASP B 86 -14.28 7.97 43.59
N VAL B 87 -13.97 7.07 42.66
CA VAL B 87 -12.73 7.12 41.90
C VAL B 87 -13.04 7.68 40.51
N LEU B 88 -12.29 8.71 40.11
CA LEU B 88 -12.57 9.41 38.86
C LEU B 88 -11.35 9.26 37.95
N PHE B 89 -11.51 8.52 36.86
CA PHE B 89 -10.49 8.39 35.84
C PHE B 89 -10.66 9.50 34.80
N LEU B 90 -9.60 10.28 34.58
CA LEU B 90 -9.58 11.26 33.51
C LEU B 90 -8.98 10.61 32.26
N ALA B 91 -9.83 10.32 31.28
CA ALA B 91 -9.44 9.60 30.08
C ALA B 91 -9.77 10.43 28.85
N VAL B 92 -9.23 11.64 28.80
CA VAL B 92 -9.38 12.53 27.66
C VAL B 92 -7.99 12.90 27.17
N LYS B 93 -7.94 13.48 25.97
CA LYS B 93 -6.68 13.91 25.41
C LYS B 93 -6.02 14.92 26.35
N PRO B 94 -4.68 15.01 26.34
CA PRO B 94 -4.00 15.94 27.26
C PRO B 94 -4.46 17.38 27.14
N HIS B 95 -4.67 17.88 25.92
CA HIS B 95 -5.09 19.27 25.73
C HIS B 95 -6.43 19.58 26.36
N ILE B 96 -7.26 18.57 26.66
CA ILE B 96 -8.57 18.78 27.25
C ILE B 96 -8.51 18.92 28.77
N ILE B 97 -7.47 18.37 29.40
CA ILE B 97 -7.43 18.25 30.86
C ILE B 97 -7.66 19.57 31.58
N PRO B 98 -6.96 20.67 31.24
CA PRO B 98 -7.19 21.92 32.01
C PRO B 98 -8.60 22.46 31.88
N PHE B 99 -9.26 22.30 30.73
CA PHE B 99 -10.65 22.74 30.62
C PHE B 99 -11.55 21.88 31.50
N ILE B 100 -11.32 20.56 31.51
CA ILE B 100 -12.10 19.67 32.37
C ILE B 100 -11.94 20.09 33.82
N LEU B 101 -10.70 20.37 34.24
CA LEU B 101 -10.45 20.72 35.63
C LEU B 101 -11.13 22.04 35.99
N ASP B 102 -11.15 22.99 35.05
CA ASP B 102 -11.90 24.22 35.28
C ASP B 102 -13.38 23.91 35.46
N GLU B 103 -13.90 22.94 34.71
CA GLU B 103 -15.33 22.68 34.73
C GLU B 103 -15.77 22.02 36.04
N ILE B 104 -15.03 21.00 36.50
CA ILE B 104 -15.50 20.19 37.61
C ILE B 104 -14.78 20.50 38.92
N GLY B 105 -13.79 21.40 38.92
CA GLY B 105 -13.02 21.65 40.12
C GLY B 105 -13.86 21.93 41.35
N ALA B 106 -14.89 22.77 41.22
CA ALA B 106 -15.71 23.09 42.38
C ALA B 106 -16.52 21.90 42.88
N ASP B 107 -16.61 20.81 42.11
CA ASP B 107 -17.40 19.65 42.48
C ASP B 107 -16.58 18.53 43.11
N ILE B 108 -15.26 18.60 43.05
CA ILE B 108 -14.41 17.60 43.67
C ILE B 108 -14.52 17.71 45.18
N GLU B 109 -14.76 16.58 45.84
CA GLU B 109 -14.96 16.54 47.28
C GLU B 109 -13.85 15.74 47.94
N ASP B 110 -13.92 15.63 49.27
CA ASP B 110 -12.86 15.00 50.03
C ASP B 110 -12.79 13.50 49.78
N ARG B 111 -13.91 12.87 49.42
CA ARG B 111 -13.91 11.44 49.14
C ARG B 111 -13.28 11.08 47.80
N HIS B 112 -13.02 12.07 46.93
CA HIS B 112 -12.63 11.76 45.55
C HIS B 112 -11.13 11.45 45.42
N ILE B 113 -10.83 10.43 44.64
CA ILE B 113 -9.49 10.16 44.14
C ILE B 113 -9.52 10.43 42.64
N VAL B 114 -8.74 11.42 42.19
CA VAL B 114 -8.67 11.77 40.78
C VAL B 114 -7.49 11.02 40.16
N VAL B 115 -7.75 10.20 39.14
CA VAL B 115 -6.74 9.38 38.50
C VAL B 115 -6.59 9.86 37.05
N SER B 116 -5.52 10.57 36.76
CA SER B 116 -5.28 11.08 35.42
C SER B 116 -4.59 10.01 34.58
N CYS B 117 -5.22 9.63 33.47
CA CYS B 117 -4.61 8.71 32.52
C CYS B 117 -4.00 9.43 31.33
N ALA B 118 -4.08 10.75 31.29
CA ALA B 118 -3.64 11.50 30.13
C ALA B 118 -2.13 11.45 29.98
N ALA B 119 -1.68 11.30 28.73
CA ALA B 119 -0.26 11.23 28.45
C ALA B 119 0.43 12.53 28.81
N GLY B 120 1.53 12.45 29.55
CA GLY B 120 2.39 13.61 29.74
C GLY B 120 1.95 14.62 30.79
N VAL B 121 0.67 14.67 31.16
CA VAL B 121 0.19 15.72 32.07
C VAL B 121 0.68 15.44 33.48
N THR B 122 1.31 16.44 34.11
CA THR B 122 1.95 16.24 35.40
C THR B 122 0.97 16.31 36.57
N ILE B 123 1.29 15.56 37.63
CA ILE B 123 0.57 15.69 38.89
C ILE B 123 0.55 17.14 39.36
N SER B 124 1.70 17.82 39.25
CA SER B 124 1.80 19.21 39.70
C SER B 124 0.77 20.09 39.03
N SER B 125 0.61 19.98 37.70
CA SER B 125 -0.35 20.82 36.99
C SER B 125 -1.78 20.50 37.38
N ILE B 126 -2.10 19.23 37.60
CA ILE B 126 -3.45 18.89 38.04
C ILE B 126 -3.72 19.44 39.43
N GLU B 127 -2.80 19.18 40.37
CA GLU B 127 -3.02 19.62 41.75
C GLU B 127 -3.15 21.13 41.85
N LYS B 128 -2.49 21.87 40.97
CA LYS B 128 -2.57 23.33 41.02
C LYS B 128 -3.98 23.81 40.66
N LYS B 129 -4.55 23.25 39.59
CA LYS B 129 -5.92 23.61 39.20
C LYS B 129 -6.91 23.27 40.30
N LEU B 130 -6.85 22.04 40.82
CA LEU B 130 -7.84 21.60 41.80
C LEU B 130 -7.66 22.29 43.13
N SER B 131 -6.43 22.63 43.51
CA SER B 131 -6.20 23.25 44.81
C SER B 131 -6.84 24.63 44.91
N ALA B 132 -7.15 25.26 43.78
CA ALA B 132 -7.84 26.55 43.83
C ALA B 132 -9.24 26.43 44.42
N PHE B 133 -9.80 25.22 44.44
CA PHE B 133 -11.17 24.97 44.90
C PHE B 133 -11.23 24.36 46.30
N ARG B 134 -10.55 23.23 46.51
CA ARG B 134 -10.40 22.59 47.81
C ARG B 134 -8.92 22.27 48.04
N PRO B 135 -8.44 22.35 49.28
CA PRO B 135 -6.98 22.49 49.48
C PRO B 135 -6.17 21.23 49.21
N ALA B 136 -6.69 20.04 49.42
CA ALA B 136 -5.89 18.81 49.41
C ALA B 136 -6.46 17.77 48.46
N PRO B 137 -6.46 18.04 47.16
CA PRO B 137 -6.97 17.04 46.21
C PRO B 137 -6.08 15.81 46.16
N ARG B 138 -6.72 14.64 46.13
CA ARG B 138 -6.02 13.36 46.11
C ARG B 138 -5.87 12.94 44.65
N VAL B 139 -4.64 13.03 44.15
CA VAL B 139 -4.37 12.84 42.72
C VAL B 139 -3.39 11.68 42.55
N ILE B 140 -3.70 10.83 41.57
CA ILE B 140 -2.80 9.78 41.10
C ILE B 140 -2.67 9.95 39.60
N ARG B 141 -1.44 9.75 39.08
CA ARG B 141 -1.19 9.74 37.64
C ARG B 141 -0.83 8.33 37.21
N CYS B 142 -1.45 7.83 36.15
CA CYS B 142 -1.08 6.51 35.68
C CYS B 142 -0.86 6.53 34.17
N MET B 143 -0.13 5.52 33.71
CA MET B 143 -0.03 5.23 32.28
C MET B 143 -0.33 3.76 32.14
N THR B 144 -1.40 3.44 31.45
CA THR B 144 -1.84 2.06 31.23
C THR B 144 -1.94 1.85 29.73
N ASN B 145 -2.52 0.73 29.31
CA ASN B 145 -2.62 0.51 27.87
C ASN B 145 -3.85 -0.34 27.55
N THR B 146 -4.19 -0.39 26.25
CA THR B 146 -5.44 -1.02 25.84
C THR B 146 -5.59 -2.48 26.24
N PRO B 147 -4.54 -3.32 26.31
CA PRO B 147 -4.78 -4.74 26.65
C PRO B 147 -5.36 -4.96 28.05
N VAL B 148 -5.64 -3.91 28.82
CA VAL B 148 -6.47 -4.10 30.01
C VAL B 148 -7.80 -4.74 29.59
N VAL B 149 -8.18 -4.58 28.32
CA VAL B 149 -9.47 -5.12 27.86
C VAL B 149 -9.50 -6.63 27.90
N VAL B 150 -8.35 -7.30 27.80
CA VAL B 150 -8.25 -8.75 28.00
C VAL B 150 -7.46 -9.06 29.27
N ARG B 151 -7.45 -8.11 30.22
CA ARG B 151 -6.86 -8.26 31.54
C ARG B 151 -5.36 -8.58 31.47
N GLU B 152 -4.68 -8.11 30.41
CA GLU B 152 -3.23 -8.24 30.31
C GLU B 152 -2.58 -6.88 30.06
N GLY B 153 -3.08 -5.83 30.67
CA GLY B 153 -2.46 -4.53 30.47
C GLY B 153 -1.12 -4.40 31.18
N ALA B 154 -0.45 -3.27 30.92
CA ALA B 154 0.79 -2.92 31.59
C ALA B 154 0.61 -1.52 32.13
N THR B 155 0.62 -1.38 33.45
CA THR B 155 0.26 -0.11 34.09
C THR B 155 1.37 0.32 35.06
N VAL B 156 1.69 1.62 35.06
CA VAL B 156 2.42 2.21 36.18
C VAL B 156 1.61 3.39 36.72
N TYR B 157 1.88 3.75 37.97
CA TYR B 157 1.23 4.92 38.56
C TYR B 157 2.19 5.59 39.52
N ALA B 158 1.91 6.87 39.79
CA ALA B 158 2.64 7.63 40.79
C ALA B 158 1.63 8.42 41.63
N THR B 159 1.93 8.56 42.92
CA THR B 159 0.98 9.17 43.84
C THR B 159 1.30 10.66 44.06
N GLY B 160 0.24 11.46 44.21
CA GLY B 160 0.39 12.90 44.37
C GLY B 160 0.71 13.31 45.80
N THR B 161 0.85 14.63 46.00
CA THR B 161 1.36 15.10 47.29
C THR B 161 0.33 15.00 48.41
N HIS B 162 -0.96 14.90 48.08
CA HIS B 162 -2.00 14.76 49.11
C HIS B 162 -2.65 13.39 49.09
N ALA B 163 -2.13 12.46 48.29
CA ALA B 163 -2.70 11.11 48.24
C ALA B 163 -2.42 10.37 49.54
N GLN B 164 -3.46 9.82 50.15
CA GLN B 164 -3.30 9.03 51.36
C GLN B 164 -2.57 7.72 51.04
N VAL B 165 -2.06 7.08 52.09
CA VAL B 165 -1.27 5.86 51.89
C VAL B 165 -2.11 4.80 51.19
N GLU B 166 -3.36 4.63 51.62
CA GLU B 166 -4.19 3.60 51.02
C GLU B 166 -4.72 3.96 49.64
N ASP B 167 -4.66 5.23 49.23
CA ASP B 167 -4.97 5.59 47.85
C ASP B 167 -4.04 4.89 46.89
N GLY B 168 -2.73 4.94 47.17
CA GLY B 168 -1.78 4.22 46.35
C GLY B 168 -2.03 2.72 46.35
N ARG B 169 -2.36 2.17 47.52
CA ARG B 169 -2.62 0.74 47.63
C ARG B 169 -3.91 0.34 46.90
N LEU B 170 -4.97 1.14 47.02
CA LEU B 170 -6.20 0.89 46.26
C LEU B 170 -5.92 0.88 44.76
N MET B 171 -5.07 1.82 44.32
CA MET B 171 -4.73 1.91 42.90
C MET B 171 -4.03 0.64 42.43
N GLU B 172 -3.06 0.16 43.21
CA GLU B 172 -2.33 -1.05 42.85
C GLU B 172 -3.27 -2.25 42.73
N GLN B 173 -4.22 -2.38 43.66
CA GLN B 173 -5.12 -3.53 43.64
C GLN B 173 -6.07 -3.46 42.46
N LEU B 174 -6.70 -2.29 42.25
CA LEU B 174 -7.63 -2.12 41.14
C LEU B 174 -6.98 -2.45 39.80
N LEU B 175 -5.84 -1.83 39.52
CA LEU B 175 -5.20 -2.02 38.22
C LEU B 175 -4.47 -3.35 38.11
N SER B 176 -4.10 -3.99 39.21
CA SER B 176 -3.58 -5.35 39.12
C SER B 176 -4.63 -6.35 38.65
N SER B 177 -5.92 -6.05 38.84
CA SER B 177 -6.98 -6.95 38.39
C SER B 177 -7.07 -7.02 36.87
N VAL B 178 -6.49 -6.06 36.15
CA VAL B 178 -6.57 -6.08 34.69
C VAL B 178 -5.19 -6.13 34.03
N GLY B 179 -4.14 -6.52 34.77
CA GLY B 179 -2.82 -6.66 34.17
C GLY B 179 -1.72 -6.41 35.18
N PHE B 180 -0.51 -6.25 34.68
CA PHE B 180 0.62 -5.89 35.54
C PHE B 180 0.48 -4.45 36.01
N CYS B 181 0.86 -4.20 37.25
CA CYS B 181 0.81 -2.83 37.76
C CYS B 181 1.90 -2.62 38.80
N THR B 182 2.56 -1.47 38.75
CA THR B 182 3.57 -1.16 39.77
C THR B 182 3.67 0.35 39.96
N GLU B 183 4.13 0.75 41.14
CA GLU B 183 4.34 2.17 41.43
C GLU B 183 5.71 2.60 40.91
N VAL B 184 5.78 3.82 40.35
CA VAL B 184 7.04 4.41 39.91
C VAL B 184 7.10 5.88 40.33
N GLU B 185 8.30 6.42 40.32
CA GLU B 185 8.49 7.87 40.38
C GLU B 185 7.89 8.51 39.13
N GLU B 186 7.25 9.67 39.32
CA GLU B 186 6.57 10.32 38.21
C GLU B 186 7.51 10.61 37.04
N ASP B 187 8.77 10.92 37.32
CA ASP B 187 9.71 11.25 36.25
C ASP B 187 10.02 10.06 35.33
N LEU B 188 9.54 8.87 35.64
CA LEU B 188 9.68 7.77 34.68
C LEU B 188 8.48 7.61 33.76
N ILE B 189 7.38 8.34 33.99
CA ILE B 189 6.14 7.95 33.31
C ILE B 189 6.18 8.27 31.81
N ASP B 190 6.85 9.36 31.42
CA ASP B 190 6.95 9.67 30.00
C ASP B 190 7.67 8.54 29.23
N ALA B 191 8.72 7.95 29.83
CA ALA B 191 9.43 6.86 29.16
C ALA B 191 8.59 5.58 29.15
N VAL B 192 7.86 5.29 30.24
CA VAL B 192 6.93 4.16 30.20
C VAL B 192 5.93 4.33 29.07
N THR B 193 5.49 5.58 28.83
CA THR B 193 4.52 5.81 27.75
C THR B 193 5.12 5.39 26.40
N GLY B 194 6.38 5.73 26.16
CA GLY B 194 7.01 5.34 24.90
C GLY B 194 7.19 3.84 24.76
N LEU B 195 7.27 3.11 25.88
CA LEU B 195 7.53 1.68 25.85
C LEU B 195 6.23 0.88 25.94
N SER B 196 5.57 0.82 27.11
CA SER B 196 4.36 -0.01 27.17
C SER B 196 3.08 0.74 26.80
N GLY B 197 3.05 2.07 26.87
CA GLY B 197 1.86 2.80 26.44
C GLY B 197 1.61 2.68 24.95
N SER B 198 2.64 2.95 24.13
CA SER B 198 2.58 2.79 22.67
C SER B 198 2.93 1.38 22.21
N GLY B 199 3.46 0.57 23.11
CA GLY B 199 3.94 -0.76 22.80
C GLY B 199 2.99 -1.60 21.98
N PRO B 200 1.71 -1.70 22.39
CA PRO B 200 0.76 -2.53 21.61
C PRO B 200 0.67 -2.15 20.15
N ALA B 201 0.73 -0.85 19.83
CA ALA B 201 0.71 -0.45 18.43
C ALA B 201 1.95 -0.97 17.70
N TYR B 202 3.12 -0.94 18.35
CA TYR B 202 4.31 -1.52 17.70
C TYR B 202 4.06 -2.99 17.37
N ALA B 203 3.42 -3.70 18.30
CA ALA B 203 3.14 -5.13 18.11
C ALA B 203 2.10 -5.37 17.02
N PHE B 204 1.05 -4.54 16.96
CA PHE B 204 0.08 -4.71 15.88
C PHE B 204 0.72 -4.44 14.52
N THR B 205 1.60 -3.44 14.42
CA THR B 205 2.31 -3.19 13.17
C THR B 205 3.18 -4.40 12.79
N ALA B 206 3.89 -4.95 13.76
CA ALA B 206 4.73 -6.12 13.51
C ALA B 206 3.91 -7.32 13.09
N LEU B 207 2.76 -7.54 13.75
CA LEU B 207 1.89 -8.67 13.44
C LEU B 207 1.30 -8.54 12.04
N ASP B 208 0.99 -7.32 11.60
CA ASP B 208 0.50 -7.13 10.24
C ASP B 208 1.58 -7.50 9.22
N ALA B 209 2.81 -7.05 9.47
CA ALA B 209 3.94 -7.30 8.57
C ALA B 209 4.33 -8.79 8.58
N LEU B 210 4.33 -9.42 9.75
CA LEU B 210 4.61 -10.84 9.82
C LEU B 210 3.55 -11.63 9.07
N ALA B 211 2.27 -11.23 9.20
CA ALA B 211 1.21 -11.87 8.43
C ALA B 211 1.40 -11.65 6.94
N ASP B 212 1.79 -10.43 6.53
CA ASP B 212 2.10 -10.19 5.12
C ASP B 212 3.20 -11.13 4.63
N GLY B 213 4.20 -11.38 5.48
CA GLY B 213 5.27 -12.28 5.11
C GLY B 213 4.84 -13.73 5.02
N GLY B 214 3.99 -14.16 5.96
CA GLY B 214 3.39 -15.49 5.85
C GLY B 214 2.60 -15.66 4.55
N VAL B 215 1.79 -14.67 4.21
CA VAL B 215 0.99 -14.72 2.99
C VAL B 215 1.90 -14.73 1.75
N LYS B 216 2.98 -13.95 1.77
CA LYS B 216 3.87 -13.96 0.60
C LYS B 216 4.43 -15.35 0.37
N MET B 217 4.80 -16.06 1.43
CA MET B 217 5.34 -17.41 1.29
C MET B 217 4.25 -18.50 1.18
N GLY B 218 2.97 -18.14 1.01
CA GLY B 218 1.94 -19.08 0.59
C GLY B 218 0.91 -19.47 1.64
N LEU B 219 0.96 -18.89 2.87
CA LEU B 219 0.00 -19.21 3.92
C LEU B 219 -1.30 -18.42 3.75
N PRO B 220 -2.45 -19.02 4.08
CA PRO B 220 -3.69 -18.24 4.11
C PRO B 220 -3.59 -17.11 5.11
N ARG B 221 -4.23 -15.98 4.78
CA ARG B 221 -4.15 -14.79 5.64
C ARG B 221 -4.63 -15.09 7.07
N ARG B 222 -5.73 -15.84 7.21
CA ARG B 222 -6.26 -16.11 8.55
C ARG B 222 -5.27 -16.91 9.39
N LEU B 223 -4.65 -17.93 8.80
CA LEU B 223 -3.63 -18.72 9.51
C LEU B 223 -2.39 -17.89 9.84
N ALA B 224 -1.93 -17.05 8.91
CA ALA B 224 -0.73 -16.25 9.18
C ALA B 224 -0.96 -15.29 10.34
N VAL B 225 -2.18 -14.77 10.46
CA VAL B 225 -2.49 -13.86 11.56
C VAL B 225 -2.43 -14.61 12.89
N ARG B 226 -3.05 -15.80 12.94
CA ARG B 226 -3.12 -16.59 14.16
C ARG B 226 -1.73 -17.07 14.58
N LEU B 227 -0.94 -17.57 13.64
CA LEU B 227 0.39 -18.09 13.97
C LEU B 227 1.31 -16.99 14.47
N GLY B 228 1.31 -15.83 13.81
CA GLY B 228 2.18 -14.75 14.26
C GLY B 228 1.81 -14.27 15.65
N ALA B 229 0.51 -14.11 15.90
CA ALA B 229 0.06 -13.66 17.22
C ALA B 229 0.40 -14.71 18.29
N GLN B 230 0.14 -15.99 18.01
CA GLN B 230 0.49 -17.03 18.99
C GLN B 230 2.00 -17.09 19.21
N ALA B 231 2.79 -16.86 18.16
CA ALA B 231 4.23 -16.83 18.33
C ALA B 231 4.66 -15.69 19.25
N LEU B 232 4.09 -14.49 19.06
CA LEU B 232 4.51 -13.38 19.90
C LEU B 232 4.01 -13.55 21.33
N LEU B 233 2.82 -14.13 21.50
CA LEU B 233 2.30 -14.38 22.84
C LEU B 233 3.18 -15.39 23.58
N GLY B 234 3.52 -16.50 22.91
CA GLY B 234 4.34 -17.52 23.56
C GLY B 234 5.73 -17.02 23.92
N ALA B 235 6.35 -16.24 23.03
CA ALA B 235 7.66 -15.66 23.32
C ALA B 235 7.58 -14.73 24.52
N ALA B 236 6.62 -13.80 24.53
CA ALA B 236 6.47 -12.89 25.65
C ALA B 236 6.30 -13.65 26.94
N LYS B 237 5.46 -14.70 26.92
CA LYS B 237 5.25 -15.50 28.13
C LYS B 237 6.52 -16.22 28.55
N MET B 238 7.31 -16.72 27.60
CA MET B 238 8.57 -17.38 27.95
C MET B 238 9.49 -16.42 28.69
N LEU B 239 9.60 -15.18 28.19
CA LEU B 239 10.46 -14.20 28.83
C LEU B 239 9.98 -13.86 30.23
N LEU B 240 8.68 -13.61 30.38
CA LEU B 240 8.13 -13.28 31.69
C LEU B 240 8.32 -14.40 32.69
N HIS B 241 8.42 -15.65 32.23
CA HIS B 241 8.59 -16.79 33.12
C HIS B 241 10.04 -17.21 33.30
N SER B 242 10.98 -16.49 32.72
CA SER B 242 12.40 -16.79 32.86
CA SER B 242 12.39 -16.80 32.88
C SER B 242 13.09 -15.70 33.66
N GLU B 243 14.19 -16.05 34.30
CA GLU B 243 15.02 -15.03 34.91
C GLU B 243 15.92 -14.35 33.89
N GLN B 244 15.97 -14.84 32.66
CA GLN B 244 16.91 -14.41 31.64
C GLN B 244 16.43 -13.13 30.94
N HIS B 245 17.39 -12.39 30.41
CA HIS B 245 17.10 -11.24 29.57
C HIS B 245 16.88 -11.70 28.13
N PRO B 246 16.31 -10.83 27.27
CA PRO B 246 15.94 -11.29 25.93
C PRO B 246 17.11 -11.84 25.11
N GLY B 247 18.31 -11.30 25.29
CA GLY B 247 19.44 -11.72 24.46
C GLY B 247 19.80 -13.19 24.68
N GLN B 248 19.81 -13.64 25.93
CA GLN B 248 20.08 -15.05 26.21
C GLN B 248 19.02 -15.95 25.57
N LEU B 249 17.75 -15.50 25.55
CA LEU B 249 16.70 -16.31 24.94
C LEU B 249 16.85 -16.35 23.42
N LYS B 250 17.22 -15.23 22.80
CA LYS B 250 17.60 -15.24 21.39
C LYS B 250 18.71 -16.26 21.11
N ASP B 251 19.74 -16.31 21.96
CA ASP B 251 20.83 -17.27 21.78
C ASP B 251 20.34 -18.70 21.92
N ASN B 252 19.43 -18.94 22.87
CA ASN B 252 18.96 -20.29 23.15
C ASN B 252 18.23 -20.90 21.97
N VAL B 253 17.53 -20.10 21.18
CA VAL B 253 16.64 -20.67 20.17
C VAL B 253 17.17 -20.52 18.75
N SER B 254 18.40 -20.02 18.54
CA SER B 254 18.93 -19.80 17.20
CA SER B 254 18.92 -19.81 17.19
C SER B 254 19.99 -20.87 16.93
N SER B 255 19.56 -21.99 16.36
CA SER B 255 20.46 -23.11 16.12
C SER B 255 21.49 -22.79 15.04
N PRO B 256 22.70 -23.33 15.16
CA PRO B 256 23.75 -23.06 14.17
C PRO B 256 23.33 -23.39 12.75
N GLY B 257 23.57 -22.45 11.84
CA GLY B 257 23.29 -22.68 10.44
C GLY B 257 21.83 -22.69 10.06
N GLY B 258 20.91 -22.46 11.01
CA GLY B 258 19.51 -22.71 10.79
C GLY B 258 18.73 -21.54 10.17
N ALA B 259 17.45 -21.81 9.94
CA ALA B 259 16.55 -20.83 9.31
C ALA B 259 16.43 -19.58 10.16
N THR B 260 16.34 -19.73 11.48
CA THR B 260 16.12 -18.61 12.36
C THR B 260 17.31 -17.64 12.35
N ILE B 261 18.54 -18.16 12.44
CA ILE B 261 19.70 -17.25 12.46
C ILE B 261 19.86 -16.58 11.10
N HIS B 262 19.42 -17.22 10.02
CA HIS B 262 19.45 -16.55 8.73
C HIS B 262 18.45 -15.37 8.69
N ALA B 263 17.26 -15.57 9.27
CA ALA B 263 16.29 -14.48 9.31
C ALA B 263 16.72 -13.35 10.25
N LEU B 264 17.36 -13.70 11.38
CA LEU B 264 17.85 -12.64 12.27
C LEU B 264 18.86 -11.74 11.56
N HIS B 265 19.71 -12.33 10.71
CA HIS B 265 20.68 -11.51 9.99
C HIS B 265 19.97 -10.45 9.15
N VAL B 266 18.88 -10.83 8.44
CA VAL B 266 18.24 -9.82 7.59
C VAL B 266 17.54 -8.76 8.44
N LEU B 267 17.04 -9.12 9.62
CA LEU B 267 16.56 -8.06 10.53
C LEU B 267 17.69 -7.09 10.87
N GLU B 268 18.86 -7.62 11.26
CA GLU B 268 20.00 -6.77 11.64
C GLU B 268 20.45 -5.90 10.48
N SER B 269 20.46 -6.45 9.25
CA SER B 269 20.89 -5.64 8.12
C SER B 269 20.00 -4.42 7.88
N GLY B 270 18.74 -4.47 8.29
CA GLY B 270 17.86 -3.31 8.21
C GLY B 270 17.89 -2.40 9.43
N GLY B 271 18.73 -2.69 10.42
CA GLY B 271 18.72 -1.89 11.65
C GLY B 271 17.45 -2.02 12.46
N PHE B 272 16.80 -3.19 12.39
CA PHE B 272 15.57 -3.52 13.12
C PHE B 272 15.58 -3.02 14.56
N ARG B 273 16.65 -3.34 15.30
CA ARG B 273 16.73 -2.93 16.70
C ARG B 273 16.66 -1.43 16.83
N SER B 274 17.41 -0.71 16.01
CA SER B 274 17.45 0.76 16.13
C SER B 274 16.08 1.38 15.87
N LEU B 275 15.27 0.75 15.01
CA LEU B 275 13.96 1.31 14.72
C LEU B 275 13.06 1.29 15.96
N LEU B 276 13.14 0.21 16.74
CA LEU B 276 12.35 0.13 17.97
C LEU B 276 12.89 1.08 19.03
N ILE B 277 14.22 1.24 19.10
CA ILE B 277 14.78 2.28 19.96
C ILE B 277 14.25 3.64 19.54
N ASN B 278 14.37 3.96 18.23
CA ASN B 278 13.83 5.21 17.72
C ASN B 278 12.38 5.41 18.16
N ALA B 279 11.58 4.33 18.16
CA ALA B 279 10.14 4.43 18.42
C ALA B 279 9.88 4.78 19.89
N VAL B 280 10.49 4.04 20.82
CA VAL B 280 10.34 4.37 22.23
C VAL B 280 10.74 5.81 22.48
N GLU B 281 11.85 6.24 21.88
CA GLU B 281 12.33 7.60 22.08
C GLU B 281 11.33 8.63 21.52
N ALA B 282 10.86 8.41 20.29
CA ALA B 282 9.93 9.35 19.67
C ALA B 282 8.64 9.48 20.48
N SER B 283 8.10 8.37 20.96
CA SER B 283 6.85 8.43 21.73
C SER B 283 7.08 9.18 23.04
N CYS B 284 8.18 8.87 23.73
CA CYS B 284 8.53 9.56 24.98
C CYS B 284 8.71 11.06 24.76
N ILE B 285 9.40 11.46 23.68
CA ILE B 285 9.62 12.87 23.41
C ILE B 285 8.29 13.57 23.09
N ARG B 286 7.43 12.93 22.30
CA ARG B 286 6.12 13.52 21.98
C ARG B 286 5.28 13.67 23.24
N THR B 287 5.34 12.68 24.13
CA THR B 287 4.61 12.76 25.39
C THR B 287 4.99 14.02 26.16
N ARG B 288 6.31 14.30 26.25
CA ARG B 288 6.75 15.49 26.95
CA ARG B 288 6.75 15.49 26.96
C ARG B 288 6.26 16.76 26.26
N GLU B 289 6.22 16.75 24.92
CA GLU B 289 5.66 17.89 24.18
C GLU B 289 4.18 18.10 24.50
N LEU B 290 3.44 17.02 24.72
CA LEU B 290 2.01 17.14 24.99
C LEU B 290 1.75 17.75 26.35
N GLN B 291 2.67 17.55 27.30
CA GLN B 291 2.62 18.29 28.55
C GLN B 291 2.85 19.78 28.29
N SER B 292 3.97 20.10 27.62
CA SER B 292 4.40 21.47 27.41
C SER B 292 3.32 22.32 26.75
N MET B 293 2.80 21.85 25.61
CA MET B 293 1.85 22.67 24.86
C MET B 293 0.60 22.95 25.68
N ALA B 294 0.16 21.99 26.48
CA ALA B 294 -0.90 22.27 27.45
C ALA B 294 -0.46 23.36 28.43
N ASP B 295 0.75 23.21 28.99
CA ASP B 295 1.34 24.24 29.84
C ASP B 295 1.50 25.56 29.09
N GLN C 21 -30.19 -11.82 -21.36
CA GLN C 21 -31.29 -12.31 -22.18
C GLN C 21 -31.81 -13.65 -21.66
N SER C 22 -31.51 -14.71 -22.38
CA SER C 22 -31.73 -16.07 -21.90
C SER C 22 -30.47 -16.70 -21.33
N MET C 23 -29.35 -15.98 -21.38
CA MET C 23 -28.05 -16.57 -21.10
C MET C 23 -27.82 -16.79 -19.61
N SER C 24 -27.07 -17.85 -19.29
CA SER C 24 -26.74 -18.20 -17.91
C SER C 24 -25.23 -18.21 -17.70
N VAL C 25 -24.83 -17.83 -16.48
CA VAL C 25 -23.43 -17.64 -16.12
C VAL C 25 -23.12 -18.53 -14.92
N GLY C 26 -21.96 -19.18 -14.96
CA GLY C 26 -21.54 -20.04 -13.89
C GLY C 26 -20.17 -19.67 -13.37
N PHE C 27 -19.98 -19.89 -12.07
CA PHE C 27 -18.69 -19.67 -11.40
C PHE C 27 -18.19 -21.00 -10.83
N ILE C 28 -16.99 -21.40 -11.21
CA ILE C 28 -16.26 -22.47 -10.53
C ILE C 28 -15.21 -21.82 -9.64
N GLY C 29 -15.37 -21.99 -8.34
CA GLY C 29 -14.64 -21.24 -7.34
C GLY C 29 -15.55 -20.23 -6.67
N ALA C 30 -15.26 -19.93 -5.41
CA ALA C 30 -16.12 -19.04 -4.65
C ALA C 30 -15.30 -18.12 -3.75
N GLY C 31 -14.09 -17.77 -4.17
CA GLY C 31 -13.25 -16.85 -3.44
C GLY C 31 -13.73 -15.43 -3.56
N GLN C 32 -12.87 -14.46 -3.26
CA GLN C 32 -13.31 -13.06 -3.26
C GLN C 32 -13.62 -12.57 -4.68
N LEU C 33 -12.87 -13.04 -5.68
CA LEU C 33 -13.11 -12.61 -7.06
C LEU C 33 -14.45 -13.11 -7.59
N ALA C 34 -14.74 -14.40 -7.41
CA ALA C 34 -16.02 -14.95 -7.84
C ALA C 34 -17.18 -14.27 -7.13
N PHE C 35 -17.06 -14.05 -5.81
CA PHE C 35 -18.11 -13.30 -5.12
C PHE C 35 -18.29 -11.92 -5.75
N ALA C 36 -17.18 -11.23 -6.04
CA ALA C 36 -17.26 -9.84 -6.47
C ALA C 36 -17.94 -9.73 -7.82
N LEU C 37 -17.65 -10.66 -8.73
CA LEU C 37 -18.31 -10.70 -10.04
C LEU C 37 -19.78 -11.06 -9.93
N ALA C 38 -20.11 -12.05 -9.09
CA ALA C 38 -21.51 -12.40 -8.92
C ALA C 38 -22.28 -11.22 -8.35
N LYS C 39 -21.69 -10.51 -7.38
CA LYS C 39 -22.41 -9.38 -6.80
C LYS C 39 -22.56 -8.26 -7.81
N GLY C 40 -21.48 -7.96 -8.54
CA GLY C 40 -21.53 -6.89 -9.54
C GLY C 40 -22.48 -7.20 -10.69
N PHE C 41 -22.48 -8.45 -11.16
CA PHE C 41 -23.42 -8.82 -12.23
C PHE C 41 -24.86 -8.64 -11.76
N THR C 42 -25.17 -9.01 -10.52
CA THR C 42 -26.55 -8.88 -10.05
C THR C 42 -26.92 -7.43 -9.86
N ALA C 43 -26.00 -6.60 -9.36
CA ALA C 43 -26.29 -5.18 -9.22
C ALA C 43 -26.47 -4.53 -10.59
N ALA C 44 -25.82 -5.07 -11.62
CA ALA C 44 -25.98 -4.53 -12.97
C ALA C 44 -27.31 -4.90 -13.62
N GLY C 45 -28.02 -5.90 -13.09
CA GLY C 45 -29.23 -6.35 -13.75
C GLY C 45 -29.02 -6.85 -15.15
N VAL C 46 -27.80 -7.29 -15.48
CA VAL C 46 -27.47 -7.63 -16.86
C VAL C 46 -28.01 -9.02 -17.23
N LEU C 47 -28.33 -9.84 -16.25
CA LEU C 47 -28.87 -11.17 -16.49
C LEU C 47 -30.28 -11.29 -15.95
N ALA C 48 -31.04 -12.23 -16.51
CA ALA C 48 -32.36 -12.52 -15.99
C ALA C 48 -32.24 -13.12 -14.59
N ALA C 49 -33.38 -13.40 -13.98
CA ALA C 49 -33.41 -13.88 -12.61
C ALA C 49 -33.01 -15.35 -12.52
N HIS C 50 -32.23 -15.67 -11.48
CA HIS C 50 -31.75 -17.02 -11.19
C HIS C 50 -30.78 -17.54 -12.26
N LYS C 51 -30.18 -16.65 -13.04
CA LYS C 51 -29.32 -17.04 -14.14
C LYS C 51 -27.86 -17.23 -13.73
N ILE C 52 -27.54 -17.09 -12.44
CA ILE C 52 -26.17 -17.20 -11.94
C ILE C 52 -26.07 -18.40 -11.02
N MET C 53 -25.02 -19.19 -11.18
CA MET C 53 -24.75 -20.35 -10.33
C MET C 53 -23.29 -20.33 -9.91
N ALA C 54 -23.01 -20.86 -8.71
CA ALA C 54 -21.63 -20.95 -8.25
C ALA C 54 -21.42 -22.23 -7.45
N SER C 55 -20.23 -22.81 -7.58
CA SER C 55 -19.87 -24.05 -6.92
C SER C 55 -18.47 -23.96 -6.34
N SER C 56 -18.24 -24.64 -5.23
CA SER C 56 -16.93 -24.70 -4.60
C SER C 56 -16.90 -25.88 -3.64
N PRO C 57 -15.71 -26.40 -3.32
CA PRO C 57 -15.64 -27.52 -2.37
C PRO C 57 -15.94 -27.11 -0.94
N ASP C 58 -15.27 -26.06 -0.44
CA ASP C 58 -15.47 -25.58 0.94
C ASP C 58 -15.78 -24.08 0.88
N MET C 59 -17.06 -23.77 0.63
CA MET C 59 -17.52 -22.39 0.65
C MET C 59 -17.83 -21.98 2.07
N ASP C 60 -17.31 -20.84 2.50
CA ASP C 60 -17.59 -20.40 3.86
C ASP C 60 -19.07 -20.00 3.97
N LEU C 61 -19.62 -20.18 5.17
CA LEU C 61 -21.06 -20.02 5.35
C LEU C 61 -21.51 -18.58 5.11
N ALA C 62 -20.65 -17.60 5.37
CA ALA C 62 -21.01 -16.22 5.06
C ALA C 62 -21.18 -16.03 3.56
N THR C 63 -20.26 -16.58 2.77
CA THR C 63 -20.38 -16.48 1.32
C THR C 63 -21.60 -17.22 0.82
N VAL C 64 -21.85 -18.41 1.37
CA VAL C 64 -23.08 -19.14 1.05
C VAL C 64 -24.30 -18.29 1.37
N SER C 65 -24.32 -17.68 2.56
CA SER C 65 -25.47 -16.88 2.97
C SER C 65 -25.63 -15.65 2.09
N ALA C 66 -24.53 -14.91 1.88
CA ALA C 66 -24.58 -13.71 1.06
C ALA C 66 -25.05 -14.03 -0.37
N LEU C 67 -24.42 -15.02 -1.00
CA LEU C 67 -24.80 -15.41 -2.36
C LEU C 67 -26.23 -15.92 -2.42
N ARG C 68 -26.65 -16.73 -1.44
CA ARG C 68 -28.01 -17.24 -1.44
C ARG C 68 -29.02 -16.10 -1.29
N LYS C 69 -28.76 -15.17 -0.38
CA LYS C 69 -29.67 -14.04 -0.21
C LYS C 69 -29.66 -13.13 -1.44
N MET C 70 -28.62 -13.22 -2.26
CA MET C 70 -28.48 -12.47 -3.50
C MET C 70 -29.31 -13.04 -4.64
N GLY C 71 -29.80 -14.28 -4.51
CA GLY C 71 -30.46 -14.97 -5.60
C GLY C 71 -29.56 -15.89 -6.39
N VAL C 72 -28.31 -16.07 -5.99
CA VAL C 72 -27.39 -16.94 -6.72
C VAL C 72 -27.64 -18.39 -6.31
N LYS C 73 -27.80 -19.27 -7.30
CA LYS C 73 -27.89 -20.70 -7.04
C LYS C 73 -26.53 -21.28 -6.67
N LEU C 74 -26.52 -22.22 -5.72
CA LEU C 74 -25.30 -22.77 -5.17
C LEU C 74 -25.35 -24.29 -5.16
N THR C 75 -24.21 -24.92 -5.44
CA THR C 75 -24.08 -26.38 -5.49
C THR C 75 -22.64 -26.73 -5.17
N PRO C 76 -22.40 -27.92 -4.58
CA PRO C 76 -21.01 -28.33 -4.31
C PRO C 76 -20.35 -29.03 -5.49
N HIS C 77 -21.12 -29.37 -6.52
CA HIS C 77 -20.62 -30.16 -7.65
C HIS C 77 -20.36 -29.24 -8.83
N ASN C 78 -19.10 -29.18 -9.26
CA ASN C 78 -18.74 -28.40 -10.44
C ASN C 78 -19.51 -28.86 -11.68
N LYS C 79 -19.82 -30.16 -11.77
CA LYS C 79 -20.52 -30.65 -12.95
C LYS C 79 -21.90 -30.01 -13.09
N GLU C 80 -22.56 -29.75 -11.96
CA GLU C 80 -23.89 -29.15 -12.01
C GLU C 80 -23.84 -27.73 -12.58
N THR C 81 -22.86 -26.94 -12.15
CA THR C 81 -22.69 -25.60 -12.71
C THR C 81 -22.44 -25.66 -14.21
N VAL C 82 -21.51 -26.53 -14.64
CA VAL C 82 -21.23 -26.69 -16.07
C VAL C 82 -22.49 -27.03 -16.84
N GLN C 83 -23.28 -27.96 -16.31
CA GLN C 83 -24.45 -28.42 -17.05
C GLN C 83 -25.54 -27.37 -17.16
N HIS C 84 -25.60 -26.41 -16.24
CA HIS C 84 -26.64 -25.39 -16.29
C HIS C 84 -26.15 -24.02 -16.72
N SER C 85 -24.89 -23.90 -17.16
CA SER C 85 -24.31 -22.60 -17.52
C SER C 85 -23.88 -22.59 -18.99
N ASP C 86 -23.95 -21.40 -19.59
CA ASP C 86 -23.43 -21.16 -20.93
C ASP C 86 -22.02 -20.58 -20.88
N VAL C 87 -21.82 -19.58 -20.02
CA VAL C 87 -20.53 -18.92 -19.82
C VAL C 87 -19.98 -19.40 -18.48
N LEU C 88 -18.77 -19.94 -18.51
CA LEU C 88 -18.17 -20.59 -17.36
C LEU C 88 -16.94 -19.80 -16.91
N PHE C 89 -17.04 -19.14 -15.75
CA PHE C 89 -15.92 -18.44 -15.16
C PHE C 89 -15.13 -19.38 -14.24
N LEU C 90 -13.83 -19.49 -14.48
CA LEU C 90 -12.93 -20.24 -13.61
C LEU C 90 -12.21 -19.23 -12.74
N ALA C 91 -12.69 -19.07 -11.51
CA ALA C 91 -12.08 -18.14 -10.57
C ALA C 91 -11.44 -18.92 -9.43
N VAL C 92 -10.41 -19.69 -9.76
CA VAL C 92 -9.65 -20.47 -8.79
C VAL C 92 -8.18 -20.12 -8.95
N LYS C 93 -7.38 -20.60 -7.99
CA LYS C 93 -5.95 -20.29 -8.01
C LYS C 93 -5.29 -20.99 -9.20
N PRO C 94 -4.22 -20.40 -9.75
CA PRO C 94 -3.57 -21.02 -10.92
C PRO C 94 -3.20 -22.47 -10.72
N HIS C 95 -2.76 -22.84 -9.51
CA HIS C 95 -2.40 -24.23 -9.23
C HIS C 95 -3.61 -25.16 -9.38
N ILE C 96 -4.81 -24.65 -9.18
CA ILE C 96 -6.01 -25.49 -9.21
C ILE C 96 -6.51 -25.69 -10.64
N ILE C 97 -6.16 -24.79 -11.56
CA ILE C 97 -6.73 -24.85 -12.92
C ILE C 97 -6.61 -26.24 -13.56
N PRO C 98 -5.43 -26.89 -13.60
CA PRO C 98 -5.37 -28.20 -14.28
C PRO C 98 -6.30 -29.24 -13.68
N PHE C 99 -6.57 -29.20 -12.38
CA PHE C 99 -7.42 -30.21 -11.78
C PHE C 99 -8.88 -30.00 -12.15
N ILE C 100 -9.33 -28.74 -12.17
CA ILE C 100 -10.70 -28.43 -12.58
C ILE C 100 -10.96 -28.89 -14.01
N LEU C 101 -10.04 -28.55 -14.91
CA LEU C 101 -10.21 -28.90 -16.32
C LEU C 101 -10.32 -30.41 -16.51
N ASP C 102 -9.52 -31.17 -15.75
CA ASP C 102 -9.66 -32.63 -15.80
C ASP C 102 -11.03 -33.07 -15.29
N GLU C 103 -11.56 -32.39 -14.27
CA GLU C 103 -12.86 -32.79 -13.72
C GLU C 103 -13.99 -32.47 -14.68
N ILE C 104 -14.07 -31.21 -15.14
CA ILE C 104 -15.20 -30.78 -15.97
C ILE C 104 -15.02 -31.08 -17.44
N GLY C 105 -13.86 -31.62 -17.84
CA GLY C 105 -13.51 -31.66 -19.25
C GLY C 105 -14.51 -32.40 -20.11
N ALA C 106 -14.96 -33.57 -19.66
CA ALA C 106 -15.92 -34.37 -20.41
C ALA C 106 -17.29 -33.70 -20.47
N ASP C 107 -17.57 -32.73 -19.58
CA ASP C 107 -18.87 -32.08 -19.54
C ASP C 107 -18.92 -30.79 -20.34
N ILE C 108 -17.78 -30.35 -20.89
CA ILE C 108 -17.76 -29.15 -21.72
C ILE C 108 -18.41 -29.46 -23.05
N GLU C 109 -19.30 -28.58 -23.49
CA GLU C 109 -20.05 -28.76 -24.72
C GLU C 109 -19.73 -27.63 -25.70
N ASP C 110 -20.25 -27.77 -26.92
CA ASP C 110 -20.00 -26.78 -27.95
C ASP C 110 -20.54 -25.41 -27.58
N ARG C 111 -21.67 -25.36 -26.86
CA ARG C 111 -22.28 -24.09 -26.47
C ARG C 111 -21.46 -23.32 -25.44
N HIS C 112 -20.49 -23.96 -24.80
CA HIS C 112 -19.85 -23.38 -23.63
C HIS C 112 -18.78 -22.37 -24.03
N ILE C 113 -18.69 -21.30 -23.25
CA ILE C 113 -17.58 -20.37 -23.29
C ILE C 113 -16.87 -20.45 -21.94
N VAL C 114 -15.61 -20.88 -21.97
CA VAL C 114 -14.81 -21.03 -20.75
C VAL C 114 -13.96 -19.79 -20.58
N VAL C 115 -14.19 -19.05 -19.49
CA VAL C 115 -13.48 -17.81 -19.19
C VAL C 115 -12.57 -18.07 -18.00
N SER C 116 -11.27 -18.00 -18.21
CA SER C 116 -10.29 -18.23 -17.14
C SER C 116 -9.89 -16.90 -16.51
N CYS C 117 -10.04 -16.80 -15.19
CA CYS C 117 -9.59 -15.61 -14.48
C CYS C 117 -8.26 -15.82 -13.75
N ALA C 118 -7.71 -17.02 -13.78
CA ALA C 118 -6.47 -17.29 -13.04
C ALA C 118 -5.32 -16.46 -13.59
N ALA C 119 -4.50 -15.91 -12.69
CA ALA C 119 -3.34 -15.14 -13.10
C ALA C 119 -2.31 -16.03 -13.77
N GLY C 120 -1.70 -15.53 -14.82
CA GLY C 120 -0.63 -16.27 -15.46
C GLY C 120 -1.02 -17.36 -16.44
N VAL C 121 -2.10 -18.11 -16.16
CA VAL C 121 -2.40 -19.33 -16.91
C VAL C 121 -2.76 -18.99 -18.36
N THR C 122 -2.07 -19.62 -19.30
CA THR C 122 -2.21 -19.24 -20.69
C THR C 122 -3.40 -19.92 -21.36
N ILE C 123 -3.96 -19.25 -22.36
CA ILE C 123 -4.97 -19.86 -23.23
C ILE C 123 -4.46 -21.18 -23.77
N SER C 124 -3.18 -21.21 -24.20
CA SER C 124 -2.60 -22.41 -24.79
C SER C 124 -2.76 -23.62 -23.86
N SER C 125 -2.42 -23.45 -22.59
CA SER C 125 -2.46 -24.59 -21.67
C SER C 125 -3.89 -25.01 -21.35
N ILE C 126 -4.84 -24.07 -21.34
CA ILE C 126 -6.23 -24.44 -21.12
C ILE C 126 -6.77 -25.23 -22.31
N GLU C 127 -6.55 -24.71 -23.52
CA GLU C 127 -7.03 -25.42 -24.71
C GLU C 127 -6.42 -26.79 -24.80
N LYS C 128 -5.15 -26.94 -24.38
CA LYS C 128 -4.51 -28.24 -24.50
C LYS C 128 -5.19 -29.27 -23.61
N LYS C 129 -5.56 -28.88 -22.39
CA LYS C 129 -6.28 -29.78 -21.50
C LYS C 129 -7.65 -30.13 -22.04
N LEU C 130 -8.42 -29.10 -22.44
CA LEU C 130 -9.80 -29.33 -22.82
C LEU C 130 -9.91 -30.07 -24.13
N SER C 131 -8.91 -29.92 -25.01
CA SER C 131 -9.00 -30.53 -26.34
C SER C 131 -8.87 -32.05 -26.31
N ALA C 132 -8.32 -32.61 -25.24
CA ALA C 132 -8.28 -34.06 -25.12
C ALA C 132 -9.68 -34.66 -24.97
N PHE C 133 -10.68 -33.85 -24.64
CA PHE C 133 -12.06 -34.33 -24.49
C PHE C 133 -12.88 -34.01 -25.73
N ARG C 134 -13.14 -32.72 -25.98
CA ARG C 134 -13.76 -32.25 -27.21
C ARG C 134 -12.79 -31.38 -27.98
N PRO C 135 -12.85 -31.36 -29.32
CA PRO C 135 -11.73 -30.82 -30.10
C PRO C 135 -11.63 -29.29 -30.19
N ALA C 136 -12.71 -28.53 -30.01
CA ALA C 136 -12.70 -27.09 -30.26
C ALA C 136 -13.24 -26.28 -29.08
N PRO C 137 -12.58 -26.33 -27.92
CA PRO C 137 -13.08 -25.57 -26.77
C PRO C 137 -12.94 -24.07 -27.00
N ARG C 138 -14.01 -23.34 -26.65
CA ARG C 138 -14.04 -21.88 -26.80
C ARG C 138 -13.55 -21.23 -25.50
N VAL C 139 -12.37 -20.63 -25.54
CA VAL C 139 -11.65 -20.22 -24.34
C VAL C 139 -11.37 -18.73 -24.44
N ILE C 140 -11.59 -18.04 -23.33
CA ILE C 140 -11.22 -16.63 -23.20
C ILE C 140 -10.44 -16.51 -21.91
N ARG C 141 -9.39 -15.70 -21.94
CA ARG C 141 -8.62 -15.39 -20.74
C ARG C 141 -8.86 -13.95 -20.35
N CYS C 142 -9.14 -13.69 -19.07
CA CYS C 142 -9.36 -12.32 -18.65
C CYS C 142 -8.58 -12.02 -17.38
N MET C 143 -8.24 -10.74 -17.21
CA MET C 143 -7.67 -10.22 -15.96
C MET C 143 -8.61 -9.12 -15.52
N THR C 144 -9.32 -9.36 -14.42
CA THR C 144 -10.24 -8.37 -13.86
C THR C 144 -9.82 -8.13 -12.42
N ASN C 145 -10.55 -7.28 -11.70
CA ASN C 145 -10.13 -6.95 -10.34
C ASN C 145 -11.34 -6.79 -9.43
N THR C 146 -11.05 -6.74 -8.12
CA THR C 146 -12.13 -6.80 -7.14
C THR C 146 -13.17 -5.69 -7.27
N PRO C 147 -12.83 -4.44 -7.66
CA PRO C 147 -13.88 -3.41 -7.70
C PRO C 147 -15.02 -3.65 -8.68
N VAL C 148 -15.04 -4.78 -9.42
CA VAL C 148 -16.25 -5.16 -10.14
C VAL C 148 -17.41 -5.21 -9.13
N VAL C 149 -17.09 -5.37 -7.85
CA VAL C 149 -18.12 -5.54 -6.82
C VAL C 149 -18.96 -4.27 -6.66
N VAL C 150 -18.36 -3.10 -6.91
CA VAL C 150 -19.07 -1.82 -6.94
C VAL C 150 -19.17 -1.29 -8.38
N ARG C 151 -19.06 -2.18 -9.38
CA ARG C 151 -19.25 -1.88 -10.80
C ARG C 151 -18.24 -0.88 -11.33
N GLU C 152 -17.04 -0.83 -10.76
CA GLU C 152 -15.97 0.01 -11.27
C GLU C 152 -14.72 -0.83 -11.50
N GLY C 153 -14.88 -2.05 -11.98
CA GLY C 153 -13.74 -2.88 -12.26
C GLY C 153 -12.91 -2.35 -13.42
N ALA C 154 -11.72 -2.95 -13.59
CA ALA C 154 -10.88 -2.74 -14.78
C ALA C 154 -10.55 -4.11 -15.34
N THR C 155 -11.02 -4.42 -16.55
CA THR C 155 -10.91 -5.75 -17.12
C THR C 155 -10.29 -5.72 -18.51
N VAL C 156 -9.37 -6.64 -18.78
CA VAL C 156 -8.96 -6.92 -20.15
C VAL C 156 -9.19 -8.40 -20.42
N TYR C 157 -9.33 -8.74 -21.71
CA TYR C 157 -9.53 -10.13 -22.08
C TYR C 157 -8.85 -10.37 -23.42
N ALA C 158 -8.51 -11.64 -23.64
CA ALA C 158 -7.97 -12.12 -24.92
C ALA C 158 -8.72 -13.39 -25.32
N THR C 159 -8.94 -13.56 -26.63
CA THR C 159 -9.73 -14.69 -27.13
C THR C 159 -8.81 -15.81 -27.64
N GLY C 160 -9.26 -17.06 -27.44
CA GLY C 160 -8.48 -18.22 -27.84
C GLY C 160 -8.72 -18.58 -29.31
N THR C 161 -8.12 -19.68 -29.73
CA THR C 161 -8.02 -20.02 -31.14
C THR C 161 -9.31 -20.60 -31.69
N HIS C 162 -10.23 -21.04 -30.83
CA HIS C 162 -11.51 -21.57 -31.28
C HIS C 162 -12.67 -20.69 -30.88
N ALA C 163 -12.41 -19.50 -30.32
CA ALA C 163 -13.48 -18.57 -30.00
C ALA C 163 -14.12 -18.00 -31.26
N GLN C 164 -15.45 -17.99 -31.30
CA GLN C 164 -16.18 -17.29 -32.35
C GLN C 164 -16.06 -15.78 -32.13
N VAL C 165 -16.23 -15.00 -33.20
CA VAL C 165 -16.14 -13.54 -33.06
C VAL C 165 -17.20 -13.05 -32.08
N GLU C 166 -18.39 -13.64 -32.10
CA GLU C 166 -19.42 -13.24 -31.16
C GLU C 166 -19.07 -13.55 -29.71
N ASP C 167 -18.14 -14.50 -29.46
CA ASP C 167 -17.74 -14.79 -28.08
C ASP C 167 -17.03 -13.61 -27.44
N GLY C 168 -16.12 -12.96 -28.17
CA GLY C 168 -15.45 -11.79 -27.63
C GLY C 168 -16.40 -10.64 -27.39
N ARG C 169 -17.34 -10.42 -28.31
CA ARG C 169 -18.31 -9.34 -28.15
C ARG C 169 -19.20 -9.59 -26.94
N LEU C 170 -19.64 -10.83 -26.75
CA LEU C 170 -20.41 -11.22 -25.57
C LEU C 170 -19.64 -10.93 -24.29
N MET C 171 -18.38 -11.34 -24.24
CA MET C 171 -17.54 -11.09 -23.08
C MET C 171 -17.39 -9.59 -22.82
N GLU C 172 -17.15 -8.82 -23.88
CA GLU C 172 -17.01 -7.38 -23.75
C GLU C 172 -18.25 -6.76 -23.12
N GLN C 173 -19.44 -7.13 -23.62
CA GLN C 173 -20.68 -6.55 -23.10
C GLN C 173 -20.93 -6.99 -21.66
N LEU C 174 -20.72 -8.28 -21.38
CA LEU C 174 -20.85 -8.76 -20.00
C LEU C 174 -19.96 -7.97 -19.04
N LEU C 175 -18.65 -7.98 -19.26
CA LEU C 175 -17.74 -7.35 -18.32
C LEU C 175 -17.81 -5.83 -18.34
N SER C 176 -18.35 -5.24 -19.41
CA SER C 176 -18.58 -3.80 -19.41
C SER C 176 -19.67 -3.39 -18.42
N SER C 177 -20.59 -4.29 -18.07
CA SER C 177 -21.64 -3.92 -17.12
C SER C 177 -21.10 -3.70 -15.71
N VAL C 178 -19.85 -4.09 -15.43
CA VAL C 178 -19.30 -3.95 -14.09
C VAL C 178 -17.99 -3.15 -14.08
N GLY C 179 -17.70 -2.43 -15.15
CA GLY C 179 -16.50 -1.62 -15.17
C GLY C 179 -15.99 -1.41 -16.59
N PHE C 180 -14.78 -0.83 -16.67
CA PHE C 180 -14.08 -0.71 -17.94
C PHE C 180 -13.67 -2.10 -18.44
N CYS C 181 -13.78 -2.31 -19.75
CA CYS C 181 -13.36 -3.59 -20.34
C CYS C 181 -12.86 -3.35 -21.75
N THR C 182 -11.74 -3.99 -22.10
CA THR C 182 -11.25 -3.90 -23.48
C THR C 182 -10.50 -5.17 -23.84
N GLU C 183 -10.49 -5.51 -25.13
CA GLU C 183 -9.72 -6.64 -25.63
C GLU C 183 -8.25 -6.27 -25.77
N VAL C 184 -7.37 -7.23 -25.45
CA VAL C 184 -5.93 -7.07 -25.65
C VAL C 184 -5.37 -8.36 -26.24
N GLU C 185 -4.16 -8.27 -26.79
CA GLU C 185 -3.37 -9.46 -27.09
C GLU C 185 -2.96 -10.16 -25.79
N GLU C 186 -2.95 -11.50 -25.80
CA GLU C 186 -2.67 -12.23 -24.57
C GLU C 186 -1.32 -11.86 -23.96
N ASP C 187 -0.31 -11.50 -24.77
CA ASP C 187 1.01 -11.26 -24.16
C ASP C 187 1.07 -9.96 -23.33
N LEU C 188 0.02 -9.15 -23.35
CA LEU C 188 -0.08 -7.99 -22.45
C LEU C 188 -0.71 -8.31 -21.10
N ILE C 189 -1.26 -9.51 -20.90
CA ILE C 189 -2.10 -9.68 -19.72
C ILE C 189 -1.26 -9.71 -18.44
N ASP C 190 -0.04 -10.23 -18.51
CA ASP C 190 0.84 -10.22 -17.33
C ASP C 190 1.13 -8.79 -16.88
N ALA C 191 1.37 -7.89 -17.84
CA ALA C 191 1.61 -6.49 -17.48
C ALA C 191 0.34 -5.84 -16.92
N VAL C 192 -0.82 -6.10 -17.53
CA VAL C 192 -2.09 -5.60 -16.97
C VAL C 192 -2.28 -6.09 -15.55
N THR C 193 -1.92 -7.37 -15.29
CA THR C 193 -1.99 -7.88 -13.93
C THR C 193 -1.19 -7.00 -12.98
N GLY C 194 0.03 -6.62 -13.37
CA GLY C 194 0.87 -5.79 -12.51
C GLY C 194 0.30 -4.39 -12.26
N LEU C 195 -0.53 -3.90 -13.17
CA LEU C 195 -1.09 -2.54 -13.09
C LEU C 195 -2.48 -2.51 -12.48
N SER C 196 -3.53 -2.91 -13.22
CA SER C 196 -4.88 -2.87 -12.66
C SER C 196 -5.27 -4.12 -11.87
N GLY C 197 -4.64 -5.27 -12.12
CA GLY C 197 -4.95 -6.45 -11.32
C GLY C 197 -4.55 -6.28 -9.86
N SER C 198 -3.29 -5.88 -9.61
CA SER C 198 -2.77 -5.58 -8.28
C SER C 198 -3.04 -4.14 -7.84
N GLY C 199 -3.40 -3.27 -8.78
CA GLY C 199 -3.66 -1.88 -8.49
C GLY C 199 -4.42 -1.60 -7.21
N PRO C 200 -5.59 -2.23 -7.01
CA PRO C 200 -6.39 -1.91 -5.82
C PRO C 200 -5.64 -2.09 -4.51
N ALA C 201 -4.80 -3.13 -4.39
CA ALA C 201 -4.00 -3.30 -3.18
C ALA C 201 -2.99 -2.18 -3.01
N TYR C 202 -2.42 -1.69 -4.11
CA TYR C 202 -1.51 -0.54 -3.96
C TYR C 202 -2.28 0.63 -3.36
N ALA C 203 -3.51 0.83 -3.84
CA ALA C 203 -4.36 1.93 -3.38
C ALA C 203 -4.74 1.78 -1.92
N PHE C 204 -5.12 0.57 -1.48
CA PHE C 204 -5.45 0.36 -0.08
C PHE C 204 -4.25 0.66 0.82
N THR C 205 -3.05 0.21 0.41
CA THR C 205 -1.82 0.53 1.14
C THR C 205 -1.61 2.03 1.24
N ALA C 206 -1.72 2.72 0.10
CA ALA C 206 -1.64 4.18 0.07
C ALA C 206 -2.69 4.83 0.97
N LEU C 207 -3.94 4.35 0.90
CA LEU C 207 -4.98 4.97 1.73
C LEU C 207 -4.74 4.73 3.22
N ASP C 208 -4.21 3.58 3.58
CA ASP C 208 -3.87 3.34 4.99
C ASP C 208 -2.80 4.33 5.45
N ALA C 209 -1.79 4.58 4.62
CA ALA C 209 -0.70 5.46 4.99
C ALA C 209 -1.16 6.91 5.04
N LEU C 210 -1.98 7.33 4.07
CA LEU C 210 -2.50 8.69 4.09
C LEU C 210 -3.35 8.93 5.33
N ALA C 211 -4.11 7.90 5.74
CA ALA C 211 -4.90 7.97 6.97
C ALA C 211 -3.99 8.07 8.18
N ASP C 212 -2.92 7.26 8.22
CA ASP C 212 -1.91 7.41 9.27
C ASP C 212 -1.35 8.83 9.31
N GLY C 213 -1.05 9.42 8.15
CA GLY C 213 -0.56 10.78 8.13
C GLY C 213 -1.58 11.79 8.63
N GLY C 214 -2.86 11.63 8.21
CA GLY C 214 -3.92 12.48 8.73
C GLY C 214 -4.07 12.42 10.24
N VAL C 215 -4.04 11.20 10.79
CA VAL C 215 -4.12 11.00 12.23
C VAL C 215 -2.89 11.60 12.92
N LYS C 216 -1.69 11.41 12.34
CA LYS C 216 -0.50 12.02 12.96
C LYS C 216 -0.69 13.53 13.13
N MET C 217 -1.27 14.20 12.12
CA MET C 217 -1.51 15.63 12.17
C MET C 217 -2.80 16.03 12.90
N GLY C 218 -3.49 15.10 13.55
CA GLY C 218 -4.56 15.43 14.47
C GLY C 218 -5.98 15.12 14.02
N LEU C 219 -6.17 14.46 12.86
CA LEU C 219 -7.53 14.11 12.41
C LEU C 219 -8.01 12.82 13.06
N PRO C 220 -9.30 12.70 13.37
CA PRO C 220 -9.86 11.39 13.72
C PRO C 220 -9.64 10.38 12.59
N ARG C 221 -9.38 9.12 12.98
CA ARG C 221 -9.12 8.06 12.02
C ARG C 221 -10.27 7.92 11.02
N ARG C 222 -11.51 7.92 11.51
CA ARG C 222 -12.67 7.81 10.63
C ARG C 222 -12.65 8.91 9.55
N LEU C 223 -12.45 10.17 9.97
CA LEU C 223 -12.39 11.27 9.02
C LEU C 223 -11.22 11.12 8.04
N ALA C 224 -10.03 10.75 8.56
CA ALA C 224 -8.86 10.59 7.70
C ALA C 224 -9.08 9.52 6.64
N VAL C 225 -9.73 8.41 7.00
CA VAL C 225 -9.99 7.36 6.01
C VAL C 225 -10.92 7.87 4.91
N ARG C 226 -12.00 8.56 5.31
CA ARG C 226 -13.01 9.03 4.35
CA ARG C 226 -13.01 9.03 4.36
C ARG C 226 -12.44 10.08 3.42
N LEU C 227 -11.70 11.05 3.97
CA LEU C 227 -11.15 12.14 3.16
C LEU C 227 -10.12 11.63 2.17
N GLY C 228 -9.23 10.73 2.61
CA GLY C 228 -8.24 10.18 1.70
C GLY C 228 -8.88 9.38 0.58
N ALA C 229 -9.86 8.54 0.94
CA ALA C 229 -10.58 7.78 -0.09
C ALA C 229 -11.29 8.72 -1.07
N GLN C 230 -11.94 9.77 -0.57
CA GLN C 230 -12.66 10.68 -1.47
C GLN C 230 -11.68 11.46 -2.36
N ALA C 231 -10.52 11.84 -1.82
CA ALA C 231 -9.52 12.52 -2.64
C ALA C 231 -9.03 11.65 -3.78
N LEU C 232 -8.80 10.36 -3.52
CA LEU C 232 -8.29 9.49 -4.57
C LEU C 232 -9.36 9.23 -5.63
N LEU C 233 -10.62 9.00 -5.21
CA LEU C 233 -11.70 8.80 -6.17
C LEU C 233 -11.89 10.03 -7.04
N GLY C 234 -11.95 11.21 -6.42
CA GLY C 234 -12.10 12.44 -7.19
C GLY C 234 -10.97 12.67 -8.17
N ALA C 235 -9.73 12.38 -7.74
CA ALA C 235 -8.56 12.56 -8.61
C ALA C 235 -8.61 11.62 -9.81
N ALA C 236 -8.91 10.33 -9.55
CA ALA C 236 -9.02 9.36 -10.64
C ALA C 236 -10.14 9.74 -11.60
N LYS C 237 -11.26 10.25 -11.07
CA LYS C 237 -12.35 10.64 -11.95
C LYS C 237 -11.98 11.87 -12.79
N MET C 238 -11.24 12.82 -12.21
CA MET C 238 -10.76 13.95 -12.99
C MET C 238 -9.94 13.48 -14.18
N LEU C 239 -8.99 12.59 -13.94
CA LEU C 239 -8.14 12.07 -15.02
C LEU C 239 -8.95 11.37 -16.09
N LEU C 240 -9.82 10.45 -15.68
CA LEU C 240 -10.67 9.75 -16.64
C LEU C 240 -11.50 10.71 -17.49
N HIS C 241 -11.94 11.82 -16.91
CA HIS C 241 -12.77 12.76 -17.66
C HIS C 241 -11.98 13.88 -18.33
N SER C 242 -10.65 13.79 -18.39
CA SER C 242 -9.86 14.76 -19.12
C SER C 242 -9.11 14.07 -20.26
N GLU C 243 -8.69 14.86 -21.23
CA GLU C 243 -7.81 14.32 -22.27
C GLU C 243 -6.37 14.26 -21.82
N GLN C 244 -6.04 14.88 -20.68
CA GLN C 244 -4.66 15.07 -20.26
C GLN C 244 -4.08 13.80 -19.64
N HIS C 245 -2.77 13.72 -19.66
CA HIS C 245 -2.05 12.72 -18.91
C HIS C 245 -1.85 13.22 -17.48
N PRO C 246 -1.51 12.31 -16.55
CA PRO C 246 -1.39 12.73 -15.14
C PRO C 246 -0.41 13.87 -14.90
N GLY C 247 0.68 13.95 -15.68
CA GLY C 247 1.68 14.98 -15.44
C GLY C 247 1.11 16.38 -15.54
N GLN C 248 0.28 16.63 -16.56
CA GLN C 248 -0.33 17.94 -16.73
C GLN C 248 -1.26 18.28 -15.58
N LEU C 249 -2.00 17.29 -15.08
CA LEU C 249 -2.90 17.53 -13.95
C LEU C 249 -2.13 17.83 -12.66
N LYS C 250 -1.02 17.10 -12.43
CA LYS C 250 -0.11 17.47 -11.36
C LYS C 250 0.34 18.93 -11.47
N ASP C 251 0.69 19.37 -12.70
CA ASP C 251 1.09 20.76 -12.87
C ASP C 251 -0.07 21.70 -12.58
N ASN C 252 -1.30 21.33 -12.99
CA ASN C 252 -2.45 22.21 -12.85
C ASN C 252 -2.77 22.52 -11.40
N VAL C 253 -2.54 21.57 -10.49
CA VAL C 253 -3.00 21.70 -9.11
C VAL C 253 -1.88 22.04 -8.13
N SER C 254 -0.65 22.32 -8.57
CA SER C 254 0.47 22.57 -7.66
CA SER C 254 0.47 22.57 -7.66
C SER C 254 0.81 24.06 -7.71
N SER C 255 0.20 24.84 -6.79
CA SER C 255 0.41 26.29 -6.91
C SER C 255 1.80 26.71 -6.42
N PRO C 256 2.34 27.80 -6.98
CA PRO C 256 3.69 28.23 -6.61
C PRO C 256 3.85 28.48 -5.12
N GLY C 257 4.88 27.87 -4.53
CA GLY C 257 5.21 28.08 -3.14
C GLY C 257 4.29 27.41 -2.15
N GLY C 258 3.29 26.66 -2.63
CA GLY C 258 2.20 26.19 -1.80
C GLY C 258 2.48 24.90 -1.06
N ALA C 259 1.46 24.47 -0.30
CA ALA C 259 1.59 23.27 0.52
C ALA C 259 1.79 22.03 -0.33
N THR C 260 1.08 21.97 -1.45
CA THR C 260 1.09 20.77 -2.28
C THR C 260 2.47 20.53 -2.90
N ILE C 261 3.08 21.57 -3.47
CA ILE C 261 4.39 21.38 -4.10
C ILE C 261 5.44 21.02 -3.06
N HIS C 262 5.30 21.55 -1.84
CA HIS C 262 6.20 21.14 -0.78
C HIS C 262 6.06 19.65 -0.48
N ALA C 263 4.82 19.14 -0.48
CA ALA C 263 4.64 17.72 -0.19
C ALA C 263 5.10 16.88 -1.36
N LEU C 264 4.91 17.34 -2.59
CA LEU C 264 5.43 16.57 -3.73
C LEU C 264 6.94 16.42 -3.66
N HIS C 265 7.65 17.43 -3.14
CA HIS C 265 9.09 17.31 -3.03
C HIS C 265 9.48 16.15 -2.10
N VAL C 266 8.77 15.99 -0.97
CA VAL C 266 9.19 14.92 -0.08
C VAL C 266 8.86 13.54 -0.67
N LEU C 267 7.80 13.44 -1.49
CA LEU C 267 7.55 12.19 -2.22
C LEU C 267 8.71 11.87 -3.16
N GLU C 268 9.15 12.88 -3.92
CA GLU C 268 10.27 12.70 -4.85
C GLU C 268 11.56 12.29 -4.11
N SER C 269 11.83 12.89 -2.94
CA SER C 269 13.09 12.59 -2.25
C SER C 269 13.17 11.14 -1.81
N GLY C 270 12.04 10.49 -1.58
CA GLY C 270 12.06 9.07 -1.28
C GLY C 270 11.91 8.18 -2.48
N GLY C 271 11.86 8.76 -3.68
CA GLY C 271 11.74 7.93 -4.88
C GLY C 271 10.38 7.27 -5.03
N PHE C 272 9.32 7.95 -4.55
CA PHE C 272 7.94 7.49 -4.61
C PHE C 272 7.54 6.91 -5.96
N ARG C 273 7.91 7.60 -7.04
CA ARG C 273 7.58 7.12 -8.38
C ARG C 273 8.25 5.77 -8.64
N SER C 274 9.53 5.63 -8.30
CA SER C 274 10.24 4.39 -8.60
C SER C 274 9.64 3.20 -7.87
N LEU C 275 9.07 3.42 -6.69
CA LEU C 275 8.45 2.32 -5.95
C LEU C 275 7.24 1.75 -6.67
N LEU C 276 6.39 2.63 -7.24
CA LEU C 276 5.21 2.15 -7.96
C LEU C 276 5.60 1.45 -9.26
N ILE C 277 6.66 1.94 -9.92
CA ILE C 277 7.20 1.24 -11.08
C ILE C 277 7.72 -0.13 -10.67
N ASN C 278 8.49 -0.17 -9.59
CA ASN C 278 8.99 -1.44 -9.06
C ASN C 278 7.85 -2.41 -8.79
N ALA C 279 6.72 -1.91 -8.28
CA ALA C 279 5.57 -2.75 -7.93
C ALA C 279 4.93 -3.37 -9.17
N VAL C 280 4.58 -2.55 -10.17
CA VAL C 280 4.03 -3.06 -11.43
C VAL C 280 4.93 -4.15 -12.00
N GLU C 281 6.25 -3.89 -12.03
CA GLU C 281 7.18 -4.85 -12.61
C GLU C 281 7.24 -6.14 -11.78
N ALA C 282 7.28 -6.01 -10.46
CA ALA C 282 7.36 -7.20 -9.60
C ALA C 282 6.11 -8.07 -9.75
N SER C 283 4.94 -7.44 -9.83
CA SER C 283 3.70 -8.19 -9.98
C SER C 283 3.65 -8.84 -11.36
N CYS C 284 4.07 -8.12 -12.40
CA CYS C 284 4.09 -8.72 -13.73
C CYS C 284 5.05 -9.92 -13.80
N ILE C 285 6.25 -9.77 -13.23
CA ILE C 285 7.24 -10.85 -13.27
C ILE C 285 6.74 -12.07 -12.49
N ARG C 286 6.15 -11.85 -11.32
CA ARG C 286 5.60 -12.97 -10.55
C ARG C 286 4.47 -13.66 -11.33
N THR C 287 3.63 -12.89 -12.01
CA THR C 287 2.57 -13.46 -12.84
C THR C 287 3.14 -14.40 -13.91
N ARG C 288 4.22 -13.97 -14.58
CA ARG C 288 4.87 -14.84 -15.56
CA ARG C 288 4.87 -14.85 -15.55
C ARG C 288 5.39 -16.12 -14.91
N GLU C 289 5.92 -16.01 -13.67
CA GLU C 289 6.37 -17.18 -12.93
C GLU C 289 5.22 -18.14 -12.59
N LEU C 290 4.01 -17.60 -12.37
CA LEU C 290 2.87 -18.45 -12.05
C LEU C 290 2.36 -19.23 -13.26
N GLN C 291 2.69 -18.77 -14.47
CA GLN C 291 2.42 -19.57 -15.65
C GLN C 291 3.38 -20.74 -15.74
N SER C 292 4.68 -20.45 -15.75
CA SER C 292 5.70 -21.48 -15.92
C SER C 292 5.63 -22.53 -14.82
N MET C 293 5.36 -22.11 -13.58
CA MET C 293 5.23 -23.08 -12.49
C MET C 293 4.08 -24.04 -12.75
N ALA C 294 3.00 -23.56 -13.37
CA ALA C 294 1.95 -24.46 -13.81
C ALA C 294 2.38 -25.27 -15.02
N ASP C 295 3.27 -24.72 -15.85
CA ASP C 295 3.76 -25.41 -17.04
C ASP C 295 5.04 -26.17 -16.75
N PHE D 20 -32.39 27.30 -2.35
CA PHE D 20 -31.75 28.53 -2.78
C PHE D 20 -31.75 28.69 -4.29
N GLN D 21 -32.93 28.96 -4.86
CA GLN D 21 -33.07 29.28 -6.27
C GLN D 21 -32.97 30.79 -6.53
N SER D 22 -32.82 31.59 -5.48
CA SER D 22 -32.79 33.03 -5.61
C SER D 22 -31.46 33.66 -5.21
N MET D 23 -30.53 32.90 -4.62
CA MET D 23 -29.32 33.50 -4.10
C MET D 23 -28.22 33.55 -5.16
N SER D 24 -27.44 34.62 -5.11
CA SER D 24 -26.33 34.85 -6.02
C SER D 24 -25.04 34.41 -5.34
N VAL D 25 -24.14 33.81 -6.12
CA VAL D 25 -22.83 33.39 -5.64
C VAL D 25 -21.77 34.20 -6.39
N GLY D 26 -20.78 34.69 -5.66
CA GLY D 26 -19.70 35.47 -6.24
C GLY D 26 -18.36 34.83 -5.92
N PHE D 27 -17.44 34.90 -6.87
CA PHE D 27 -16.06 34.46 -6.71
C PHE D 27 -15.14 35.66 -6.82
N ILE D 28 -14.39 35.95 -5.76
CA ILE D 28 -13.26 36.87 -5.86
C ILE D 28 -12.03 36.02 -6.15
N GLY D 29 -11.51 36.16 -7.36
CA GLY D 29 -10.56 35.22 -7.93
C GLY D 29 -11.27 34.38 -8.98
N ALA D 30 -10.62 34.18 -10.12
CA ALA D 30 -11.18 33.42 -11.23
C ALA D 30 -10.17 32.40 -11.74
N GLY D 31 -9.58 31.65 -10.83
CA GLY D 31 -8.60 30.65 -11.15
C GLY D 31 -9.17 29.25 -11.11
N GLN D 32 -8.26 28.28 -10.93
CA GLN D 32 -8.64 26.86 -11.02
C GLN D 32 -9.71 26.49 -10.00
N LEU D 33 -9.60 26.99 -8.77
CA LEU D 33 -10.61 26.65 -7.77
C LEU D 33 -11.95 27.29 -8.11
N ALA D 34 -11.94 28.56 -8.53
CA ALA D 34 -13.18 29.23 -8.89
C ALA D 34 -13.85 28.50 -10.06
N PHE D 35 -13.07 28.17 -11.10
CA PHE D 35 -13.65 27.44 -12.22
C PHE D 35 -14.23 26.11 -11.75
N ALA D 36 -13.44 25.37 -10.95
CA ALA D 36 -13.85 24.04 -10.52
C ALA D 36 -15.16 24.10 -9.73
N LEU D 37 -15.30 25.07 -8.84
CA LEU D 37 -16.53 25.20 -8.06
C LEU D 37 -17.69 25.63 -8.95
N ALA D 38 -17.47 26.67 -9.77
CA ALA D 38 -18.54 27.13 -10.64
C ALA D 38 -19.00 26.02 -11.58
N LYS D 39 -18.06 25.25 -12.13
CA LYS D 39 -18.45 24.15 -13.02
C LYS D 39 -19.22 23.08 -12.26
N GLY D 40 -18.71 22.70 -11.07
CA GLY D 40 -19.43 21.72 -10.27
C GLY D 40 -20.81 22.21 -9.85
N PHE D 41 -20.90 23.48 -9.41
CA PHE D 41 -22.19 24.02 -8.99
C PHE D 41 -23.21 24.01 -10.11
N THR D 42 -22.78 24.39 -11.32
CA THR D 42 -23.75 24.43 -12.42
C THR D 42 -24.05 23.03 -12.93
N ALA D 43 -23.05 22.13 -12.94
CA ALA D 43 -23.30 20.75 -13.34
C ALA D 43 -24.31 20.09 -12.42
N ALA D 44 -24.22 20.35 -11.13
CA ALA D 44 -25.18 19.79 -10.18
C ALA D 44 -26.56 20.42 -10.29
N GLY D 45 -26.74 21.45 -11.11
CA GLY D 45 -28.01 22.12 -11.17
C GLY D 45 -28.38 22.87 -9.92
N VAL D 46 -27.44 23.07 -9.00
CA VAL D 46 -27.75 23.75 -7.76
C VAL D 46 -27.84 25.26 -7.96
N LEU D 47 -27.18 25.80 -8.99
CA LEU D 47 -27.16 27.22 -9.26
C LEU D 47 -27.27 27.47 -10.76
N ALA D 48 -28.02 28.51 -11.12
CA ALA D 48 -27.99 29.03 -12.48
C ALA D 48 -26.65 29.73 -12.72
N ALA D 49 -26.02 29.44 -13.87
CA ALA D 49 -24.73 30.04 -14.18
C ALA D 49 -24.82 31.57 -14.28
N HIS D 50 -25.97 32.10 -14.68
CA HIS D 50 -26.11 33.55 -14.73
C HIS D 50 -26.29 34.16 -13.33
N LYS D 51 -26.49 33.34 -12.30
CA LYS D 51 -26.47 33.81 -10.93
C LYS D 51 -25.08 33.79 -10.31
N ILE D 52 -24.06 33.49 -11.11
CA ILE D 52 -22.67 33.40 -10.63
C ILE D 52 -21.89 34.55 -11.25
N MET D 53 -21.12 35.26 -10.43
CA MET D 53 -20.24 36.32 -10.89
C MET D 53 -18.84 36.08 -10.34
N ALA D 54 -17.83 36.36 -11.16
CA ALA D 54 -16.43 36.20 -10.77
C ALA D 54 -15.63 37.42 -11.17
N SER D 55 -14.67 37.82 -10.33
CA SER D 55 -13.70 38.86 -10.68
C SER D 55 -12.28 38.31 -10.51
N SER D 56 -11.35 38.89 -11.28
CA SER D 56 -9.96 38.43 -11.27
C SER D 56 -9.05 39.60 -11.61
N PRO D 57 -7.75 39.52 -11.25
CA PRO D 57 -6.81 40.59 -11.62
C PRO D 57 -6.68 40.79 -13.13
N ASP D 58 -6.32 39.74 -13.87
CA ASP D 58 -6.18 39.81 -15.32
C ASP D 58 -7.18 38.86 -15.98
N MET D 59 -7.72 39.29 -17.12
CA MET D 59 -8.73 38.54 -17.84
C MET D 59 -8.16 37.60 -18.90
N ASP D 60 -6.87 37.70 -19.19
CA ASP D 60 -6.23 36.82 -20.19
C ASP D 60 -5.88 35.45 -19.64
N LEU D 61 -6.76 34.87 -18.84
CA LEU D 61 -6.59 33.53 -18.30
C LEU D 61 -7.48 32.55 -19.04
N ALA D 62 -6.99 31.31 -19.18
CA ALA D 62 -7.83 30.27 -19.77
C ALA D 62 -9.04 29.99 -18.89
N THR D 63 -8.87 30.12 -17.57
CA THR D 63 -9.99 29.92 -16.65
C THR D 63 -11.04 31.00 -16.80
N VAL D 64 -10.62 32.24 -17.05
CA VAL D 64 -11.57 33.32 -17.26
C VAL D 64 -12.38 33.08 -18.53
N SER D 65 -11.72 32.62 -19.59
CA SER D 65 -12.43 32.36 -20.83
C SER D 65 -13.44 31.23 -20.68
N ALA D 66 -13.04 30.17 -19.97
CA ALA D 66 -13.94 29.05 -19.71
C ALA D 66 -15.15 29.49 -18.88
N LEU D 67 -14.94 30.42 -17.94
CA LEU D 67 -16.07 30.92 -17.15
C LEU D 67 -17.05 31.67 -18.03
N ARG D 68 -16.54 32.55 -18.91
CA ARG D 68 -17.39 33.22 -19.89
C ARG D 68 -18.28 32.24 -20.63
N LYS D 69 -17.68 31.16 -21.15
CA LYS D 69 -18.42 30.21 -21.98
C LYS D 69 -19.47 29.46 -21.17
N MET D 70 -19.23 29.29 -19.87
CA MET D 70 -20.15 28.58 -18.99
C MET D 70 -21.39 29.41 -18.65
N GLY D 71 -21.37 30.71 -18.95
CA GLY D 71 -22.44 31.61 -18.58
C GLY D 71 -22.15 32.47 -17.37
N VAL D 72 -20.98 32.36 -16.77
CA VAL D 72 -20.68 33.16 -15.59
C VAL D 72 -20.41 34.61 -16.00
N LYS D 73 -20.99 35.55 -15.24
CA LYS D 73 -20.66 36.96 -15.45
C LYS D 73 -19.28 37.26 -14.87
N LEU D 74 -18.46 37.97 -15.63
CA LEU D 74 -17.11 38.33 -15.22
C LEU D 74 -16.97 39.84 -15.18
N THR D 75 -16.17 40.30 -14.21
CA THR D 75 -15.90 41.73 -14.03
C THR D 75 -14.47 41.89 -13.53
N PRO D 76 -13.81 43.00 -13.87
CA PRO D 76 -12.47 43.24 -13.31
C PRO D 76 -12.50 43.88 -11.92
N HIS D 77 -13.67 44.26 -11.42
CA HIS D 77 -13.79 44.98 -10.16
C HIS D 77 -14.37 44.06 -9.09
N ASN D 78 -13.60 43.82 -8.04
CA ASN D 78 -14.07 42.99 -6.93
C ASN D 78 -15.34 43.56 -6.31
N LYS D 79 -15.45 44.89 -6.24
CA LYS D 79 -16.58 45.50 -5.56
C LYS D 79 -17.88 45.24 -6.31
N GLU D 80 -17.82 45.09 -7.63
CA GLU D 80 -19.02 44.72 -8.37
C GLU D 80 -19.48 43.32 -7.99
N THR D 81 -18.55 42.37 -7.86
CA THR D 81 -18.88 41.02 -7.40
C THR D 81 -19.58 41.07 -6.05
N VAL D 82 -18.99 41.78 -5.09
CA VAL D 82 -19.57 41.92 -3.76
C VAL D 82 -21.00 42.45 -3.84
N GLN D 83 -21.20 43.51 -4.64
CA GLN D 83 -22.48 44.19 -4.66
C GLN D 83 -23.59 43.36 -5.29
N HIS D 84 -23.25 42.32 -6.06
CA HIS D 84 -24.25 41.52 -6.75
C HIS D 84 -24.23 40.06 -6.34
N SER D 85 -23.72 39.74 -5.16
CA SER D 85 -23.69 38.37 -4.67
C SER D 85 -24.16 38.34 -3.22
N ASP D 86 -24.68 37.18 -2.80
CA ASP D 86 -25.04 36.93 -1.41
C ASP D 86 -24.00 36.08 -0.70
N VAL D 87 -23.53 35.02 -1.35
CA VAL D 87 -22.45 34.19 -0.84
C VAL D 87 -21.19 34.51 -1.63
N LEU D 88 -20.10 34.80 -0.91
CA LEU D 88 -18.86 35.30 -1.50
C LEU D 88 -17.73 34.32 -1.23
N PHE D 89 -17.22 33.66 -2.27
CA PHE D 89 -16.07 32.77 -2.13
C PHE D 89 -14.78 33.55 -2.39
N LEU D 90 -13.86 33.53 -1.43
CA LEU D 90 -12.53 34.12 -1.62
C LEU D 90 -11.64 33.00 -2.14
N ALA D 91 -11.43 32.98 -3.46
CA ALA D 91 -10.60 31.95 -4.07
C ALA D 91 -9.28 32.54 -4.54
N VAL D 92 -8.51 33.11 -3.62
CA VAL D 92 -7.28 33.81 -3.92
C VAL D 92 -6.17 33.24 -3.05
N LYS D 93 -4.93 33.58 -3.40
CA LYS D 93 -3.79 33.08 -2.66
C LYS D 93 -3.80 33.65 -1.24
N PRO D 94 -3.30 32.88 -0.26
CA PRO D 94 -3.36 33.35 1.14
C PRO D 94 -2.84 34.75 1.36
N HIS D 95 -1.74 35.13 0.72
CA HIS D 95 -1.18 36.45 1.04
C HIS D 95 -1.90 37.59 0.30
N ILE D 96 -2.88 37.28 -0.55
CA ILE D 96 -3.74 38.32 -1.11
C ILE D 96 -4.96 38.61 -0.21
N ILE D 97 -5.36 37.63 0.61
CA ILE D 97 -6.54 37.81 1.47
C ILE D 97 -6.57 39.16 2.19
N PRO D 98 -5.53 39.58 2.92
CA PRO D 98 -5.63 40.88 3.61
C PRO D 98 -5.82 42.04 2.66
N PHE D 99 -5.30 41.95 1.44
CA PHE D 99 -5.48 43.03 0.48
C PHE D 99 -6.89 43.05 -0.06
N ILE D 100 -7.48 41.87 -0.30
CA ILE D 100 -8.89 41.83 -0.70
C ILE D 100 -9.78 42.39 0.39
N LEU D 101 -9.54 41.98 1.64
CA LEU D 101 -10.42 42.40 2.73
C LEU D 101 -10.36 43.90 2.95
N ASP D 102 -9.21 44.52 2.74
CA ASP D 102 -9.14 45.98 2.83
C ASP D 102 -9.87 46.66 1.68
N GLU D 103 -9.95 46.01 0.51
CA GLU D 103 -10.55 46.63 -0.65
C GLU D 103 -12.07 46.62 -0.59
N ILE D 104 -12.66 45.49 -0.19
CA ILE D 104 -14.11 45.33 -0.25
C ILE D 104 -14.75 45.37 1.12
N GLY D 105 -13.98 45.62 2.19
CA GLY D 105 -14.54 45.52 3.53
C GLY D 105 -15.70 46.48 3.77
N ALA D 106 -15.59 47.69 3.23
CA ALA D 106 -16.66 48.67 3.39
C ALA D 106 -17.93 48.28 2.63
N ASP D 107 -17.81 47.37 1.65
CA ASP D 107 -18.99 46.97 0.89
C ASP D 107 -19.66 45.73 1.44
N ILE D 108 -19.07 45.10 2.46
CA ILE D 108 -19.67 43.92 3.06
C ILE D 108 -20.90 44.34 3.85
N GLU D 109 -22.06 43.85 3.45
CA GLU D 109 -23.33 44.16 4.08
C GLU D 109 -23.77 43.01 4.99
N ASP D 110 -24.93 43.16 5.61
CA ASP D 110 -25.38 42.16 6.57
C ASP D 110 -25.80 40.87 5.90
N ARG D 111 -26.33 40.92 4.68
CA ARG D 111 -26.79 39.72 4.00
C ARG D 111 -25.65 38.79 3.59
N HIS D 112 -24.40 39.25 3.63
CA HIS D 112 -23.28 38.51 3.06
C HIS D 112 -22.82 37.36 3.96
N ILE D 113 -22.50 36.23 3.32
CA ILE D 113 -21.72 35.16 3.91
C ILE D 113 -20.38 35.13 3.17
N VAL D 114 -19.28 35.27 3.89
CA VAL D 114 -17.94 35.31 3.31
C VAL D 114 -17.28 33.96 3.53
N VAL D 115 -16.95 33.28 2.44
CA VAL D 115 -16.38 31.93 2.51
C VAL D 115 -14.94 32.02 2.00
N SER D 116 -13.98 31.95 2.90
CA SER D 116 -12.57 31.93 2.50
C SER D 116 -12.14 30.52 2.13
N CYS D 117 -11.58 30.35 0.93
CA CYS D 117 -10.98 29.08 0.52
C CYS D 117 -9.47 29.06 0.64
N ALA D 118 -8.85 30.14 1.09
CA ALA D 118 -7.39 30.23 1.11
C ALA D 118 -6.80 29.29 2.16
N ALA D 119 -5.72 28.61 1.79
CA ALA D 119 -5.07 27.67 2.70
C ALA D 119 -4.47 28.42 3.89
N GLY D 120 -4.67 27.88 5.09
CA GLY D 120 -4.01 28.43 6.25
C GLY D 120 -4.63 29.67 6.90
N VAL D 121 -5.30 30.53 6.13
CA VAL D 121 -5.78 31.81 6.69
C VAL D 121 -6.92 31.55 7.67
N THR D 122 -6.83 32.15 8.85
CA THR D 122 -7.74 31.84 9.94
C THR D 122 -8.98 32.72 9.93
N ILE D 123 -10.07 32.15 10.45
CA ILE D 123 -11.29 32.91 10.64
C ILE D 123 -11.01 34.16 11.45
N SER D 124 -10.18 34.02 12.50
CA SER D 124 -9.88 35.14 13.38
C SER D 124 -9.30 36.31 12.58
N SER D 125 -8.35 36.02 11.68
CA SER D 125 -7.73 37.13 10.96
C SER D 125 -8.70 37.77 9.97
N ILE D 126 -9.63 36.99 9.42
CA ILE D 126 -10.60 37.54 8.48
C ILE D 126 -11.62 38.40 9.20
N GLU D 127 -12.16 37.90 10.32
CA GLU D 127 -13.13 38.68 11.08
C GLU D 127 -12.52 39.98 11.58
N LYS D 128 -11.25 39.94 11.98
CA LYS D 128 -10.57 41.12 12.51
C LYS D 128 -10.50 42.23 11.46
N LYS D 129 -10.19 41.88 10.21
CA LYS D 129 -10.15 42.86 9.13
C LYS D 129 -11.55 43.44 8.84
N LEU D 130 -12.53 42.55 8.67
CA LEU D 130 -13.87 43.00 8.27
C LEU D 130 -14.57 43.74 9.39
N SER D 131 -14.29 43.37 10.65
CA SER D 131 -14.94 44.03 11.78
C SER D 131 -14.57 45.50 11.90
N ALA D 132 -13.45 45.93 11.31
CA ALA D 132 -13.12 47.34 11.31
C ALA D 132 -14.13 48.17 10.54
N PHE D 133 -14.94 47.53 9.70
CA PHE D 133 -15.97 48.19 8.91
C PHE D 133 -17.34 47.97 9.55
N ARG D 134 -17.99 46.84 9.23
CA ARG D 134 -19.21 46.51 9.94
C ARG D 134 -18.93 45.49 11.03
N PRO D 135 -19.67 45.54 12.14
CA PRO D 135 -19.23 44.83 13.35
C PRO D 135 -19.43 43.31 13.38
N ALA D 136 -20.34 42.73 12.62
CA ALA D 136 -20.67 41.30 12.78
C ALA D 136 -20.56 40.51 11.49
N PRO D 137 -19.38 40.45 10.86
CA PRO D 137 -19.27 39.72 9.58
C PRO D 137 -19.51 38.22 9.74
N ARG D 138 -20.26 37.65 8.80
CA ARG D 138 -20.57 36.22 8.80
C ARG D 138 -19.53 35.51 7.93
N VAL D 139 -18.65 34.73 8.57
CA VAL D 139 -17.46 34.18 7.92
C VAL D 139 -17.47 32.66 8.05
N ILE D 140 -17.18 31.98 6.95
CA ILE D 140 -16.95 30.54 6.96
C ILE D 140 -15.59 30.29 6.32
N ARG D 141 -14.82 29.37 6.89
CA ARG D 141 -13.56 28.91 6.30
C ARG D 141 -13.77 27.50 5.76
N CYS D 142 -13.29 27.24 4.56
CA CYS D 142 -13.36 25.87 4.06
C CYS D 142 -12.05 25.49 3.38
N MET D 143 -11.89 24.19 3.21
CA MET D 143 -10.79 23.60 2.45
C MET D 143 -11.46 22.57 1.55
N THR D 144 -11.45 22.83 0.25
CA THR D 144 -12.02 21.95 -0.75
C THR D 144 -10.89 21.55 -1.70
N ASN D 145 -11.22 20.79 -2.75
CA ASN D 145 -10.18 20.43 -3.69
C ASN D 145 -10.74 20.43 -5.11
N THR D 146 -9.85 20.29 -6.09
CA THR D 146 -10.24 20.44 -7.49
C THR D 146 -11.30 19.44 -7.98
N PRO D 147 -11.37 18.20 -7.49
CA PRO D 147 -12.40 17.28 -8.03
C PRO D 147 -13.85 17.72 -7.86
N VAL D 148 -14.15 18.82 -7.15
CA VAL D 148 -15.49 19.39 -7.23
C VAL D 148 -15.88 19.58 -8.69
N VAL D 149 -14.87 19.67 -9.58
CA VAL D 149 -15.12 19.93 -10.99
C VAL D 149 -15.83 18.76 -11.64
N VAL D 150 -15.65 17.54 -11.14
CA VAL D 150 -16.43 16.37 -11.55
C VAL D 150 -17.36 15.92 -10.42
N ARG D 151 -17.66 16.83 -9.50
CA ARG D 151 -18.66 16.64 -8.44
C ARG D 151 -18.26 15.50 -7.50
N GLU D 152 -16.96 15.30 -7.31
CA GLU D 152 -16.41 14.34 -6.36
C GLU D 152 -15.37 15.01 -5.49
N GLY D 153 -15.57 16.27 -5.15
CA GLY D 153 -14.68 16.96 -4.23
C GLY D 153 -14.74 16.36 -2.83
N ALA D 154 -13.76 16.78 -2.01
CA ALA D 154 -13.70 16.50 -0.59
C ALA D 154 -13.57 17.84 0.15
N THR D 155 -14.56 18.17 0.98
CA THR D 155 -14.64 19.51 1.56
C THR D 155 -14.89 19.46 3.07
N VAL D 156 -14.18 20.32 3.81
CA VAL D 156 -14.55 20.58 5.20
C VAL D 156 -14.73 22.09 5.37
N TYR D 157 -15.47 22.46 6.39
CA TYR D 157 -15.64 23.89 6.69
C TYR D 157 -15.77 24.08 8.19
N ALA D 158 -15.43 25.29 8.66
CA ALA D 158 -15.70 25.73 10.03
C ALA D 158 -16.44 27.07 10.01
N THR D 159 -17.32 27.27 10.98
CA THR D 159 -18.12 28.50 11.05
C THR D 159 -17.48 29.51 11.99
N GLY D 160 -17.58 30.80 11.62
CA GLY D 160 -17.04 31.88 12.40
C GLY D 160 -17.95 32.28 13.56
N THR D 161 -17.51 33.31 14.29
CA THR D 161 -18.18 33.66 15.53
C THR D 161 -19.50 34.41 15.33
N HIS D 162 -19.76 34.95 14.14
CA HIS D 162 -21.02 35.63 13.88
C HIS D 162 -21.86 34.90 12.85
N ALA D 163 -21.45 33.70 12.44
CA ALA D 163 -22.23 32.91 11.50
C ALA D 163 -23.50 32.42 12.19
N GLN D 164 -24.63 32.65 11.54
CA GLN D 164 -25.89 32.09 12.00
C GLN D 164 -25.91 30.58 11.77
N VAL D 165 -26.83 29.89 12.45
CA VAL D 165 -26.90 28.43 12.32
C VAL D 165 -27.28 28.02 10.90
N GLU D 166 -28.11 28.83 10.24
CA GLU D 166 -28.50 28.50 8.86
C GLU D 166 -27.33 28.67 7.90
N ASP D 167 -26.38 29.55 8.20
CA ASP D 167 -25.22 29.74 7.33
C ASP D 167 -24.44 28.45 7.17
N GLY D 168 -24.19 27.75 8.28
CA GLY D 168 -23.43 26.51 8.22
C GLY D 168 -24.18 25.42 7.48
N ARG D 169 -25.50 25.33 7.68
CA ARG D 169 -26.26 24.29 7.00
C ARG D 169 -26.46 24.63 5.52
N LEU D 170 -26.58 25.92 5.17
CA LEU D 170 -26.54 26.32 3.77
C LEU D 170 -25.23 25.90 3.12
N MET D 171 -24.12 26.17 3.80
CA MET D 171 -22.80 25.78 3.30
C MET D 171 -22.72 24.27 3.13
N GLU D 172 -23.20 23.51 4.11
CA GLU D 172 -23.19 22.05 3.98
C GLU D 172 -24.02 21.61 2.78
N GLN D 173 -25.15 22.28 2.54
CA GLN D 173 -26.01 21.94 1.42
C GLN D 173 -25.32 22.23 0.10
N LEU D 174 -24.76 23.43 -0.04
CA LEU D 174 -24.13 23.83 -1.29
C LEU D 174 -22.94 22.92 -1.64
N LEU D 175 -22.01 22.75 -0.72
CA LEU D 175 -20.82 21.98 -1.07
C LEU D 175 -21.06 20.48 -1.17
N SER D 176 -22.11 19.95 -0.52
CA SER D 176 -22.45 18.54 -0.69
C SER D 176 -22.91 18.22 -2.11
N SER D 177 -23.34 19.22 -2.88
CA SER D 177 -23.76 18.98 -4.25
C SER D 177 -22.58 18.74 -5.19
N VAL D 178 -21.34 18.96 -4.74
CA VAL D 178 -20.17 18.76 -5.59
C VAL D 178 -19.17 17.79 -4.97
N GLY D 179 -19.58 17.02 -3.96
CA GLY D 179 -18.71 16.03 -3.34
C GLY D 179 -19.05 15.84 -1.88
N PHE D 180 -18.17 15.15 -1.17
CA PHE D 180 -18.33 14.97 0.28
C PHE D 180 -18.09 16.30 1.00
N CYS D 181 -18.86 16.56 2.06
CA CYS D 181 -18.70 17.78 2.86
C CYS D 181 -19.08 17.51 4.31
N THR D 182 -18.31 18.06 5.24
CA THR D 182 -18.66 17.95 6.66
C THR D 182 -18.08 19.13 7.42
N GLU D 183 -18.76 19.51 8.51
CA GLU D 183 -18.23 20.55 9.38
C GLU D 183 -17.14 19.99 10.27
N VAL D 184 -16.09 20.80 10.50
CA VAL D 184 -15.02 20.47 11.45
C VAL D 184 -14.73 21.66 12.34
N GLU D 185 -14.07 21.40 13.47
CA GLU D 185 -13.41 22.48 14.19
C GLU D 185 -12.30 23.05 13.33
N GLU D 186 -12.07 24.36 13.45
CA GLU D 186 -11.09 25.02 12.59
C GLU D 186 -9.67 24.48 12.80
N ASP D 187 -9.34 24.05 14.02
CA ASP D 187 -7.96 23.61 14.23
C ASP D 187 -7.59 22.34 13.47
N LEU D 188 -8.54 21.69 12.78
CA LEU D 188 -8.24 20.54 11.94
C LEU D 188 -8.02 20.89 10.46
N ILE D 189 -8.29 22.13 10.06
CA ILE D 189 -8.32 22.40 8.61
C ILE D 189 -6.91 22.37 8.01
N ASP D 190 -5.88 22.78 8.76
CA ASP D 190 -4.52 22.65 8.20
C ASP D 190 -4.17 21.19 7.92
N ALA D 191 -4.58 20.28 8.81
CA ALA D 191 -4.36 18.85 8.58
C ALA D 191 -5.17 18.34 7.39
N VAL D 192 -6.44 18.76 7.28
CA VAL D 192 -7.25 18.37 6.13
C VAL D 192 -6.57 18.79 4.84
N THR D 193 -5.98 19.99 4.83
CA THR D 193 -5.28 20.49 3.65
C THR D 193 -4.16 19.53 3.23
N GLY D 194 -3.43 18.99 4.20
CA GLY D 194 -2.33 18.08 3.85
C GLY D 194 -2.82 16.75 3.31
N LEU D 195 -4.05 16.38 3.64
CA LEU D 195 -4.61 15.10 3.22
C LEU D 195 -5.48 15.27 1.97
N SER D 196 -6.67 15.86 2.07
CA SER D 196 -7.55 15.92 0.91
C SER D 196 -7.33 17.16 0.05
N GLY D 197 -6.82 18.26 0.63
CA GLY D 197 -6.48 19.40 -0.19
C GLY D 197 -5.37 19.11 -1.18
N SER D 198 -4.25 18.58 -0.69
CA SER D 198 -3.12 18.19 -1.53
C SER D 198 -3.27 16.79 -2.12
N GLY D 199 -4.23 16.02 -1.63
CA GLY D 199 -4.41 14.63 -2.03
C GLY D 199 -4.44 14.34 -3.53
N PRO D 200 -5.25 15.08 -4.30
CA PRO D 200 -5.29 14.78 -5.75
C PRO D 200 -3.91 14.85 -6.42
N ALA D 201 -3.04 15.75 -5.98
CA ALA D 201 -1.70 15.81 -6.54
C ALA D 201 -0.88 14.56 -6.20
N TYR D 202 -1.06 14.00 -5.01
CA TYR D 202 -0.39 12.73 -4.71
C TYR D 202 -0.84 11.68 -5.70
N ALA D 203 -2.14 11.67 -6.01
CA ALA D 203 -2.70 10.64 -6.88
C ALA D 203 -2.25 10.84 -8.33
N PHE D 204 -2.17 12.10 -8.80
CA PHE D 204 -1.66 12.31 -10.16
C PHE D 204 -0.20 11.83 -10.29
N THR D 205 0.63 12.09 -9.27
CA THR D 205 2.00 11.59 -9.24
C THR D 205 1.99 10.05 -9.26
N ALA D 206 1.16 9.44 -8.41
CA ALA D 206 1.07 7.98 -8.37
C ALA D 206 0.56 7.42 -9.71
N LEU D 207 -0.38 8.11 -10.36
CA LEU D 207 -0.92 7.59 -11.62
C LEU D 207 0.12 7.72 -12.74
N ASP D 208 0.90 8.80 -12.71
CA ASP D 208 1.97 8.97 -13.69
C ASP D 208 3.02 7.88 -13.57
N ALA D 209 3.36 7.51 -12.34
CA ALA D 209 4.37 6.49 -12.11
C ALA D 209 3.83 5.09 -12.43
N LEU D 210 2.59 4.79 -12.02
CA LEU D 210 1.98 3.51 -12.39
C LEU D 210 1.92 3.35 -13.91
N ALA D 211 1.63 4.44 -14.63
CA ALA D 211 1.60 4.37 -16.08
C ALA D 211 3.00 4.10 -16.65
N ASP D 212 4.03 4.76 -16.11
CA ASP D 212 5.41 4.43 -16.47
C ASP D 212 5.70 2.96 -16.21
N GLY D 213 5.21 2.43 -15.09
CA GLY D 213 5.40 1.00 -14.83
C GLY D 213 4.72 0.13 -15.89
N GLY D 214 3.46 0.45 -16.21
CA GLY D 214 2.76 -0.28 -17.25
C GLY D 214 3.49 -0.22 -18.59
N VAL D 215 3.92 0.97 -18.97
CA VAL D 215 4.69 1.13 -20.21
C VAL D 215 5.98 0.31 -20.15
N LYS D 216 6.70 0.33 -19.01
CA LYS D 216 7.94 -0.44 -18.96
C LYS D 216 7.68 -1.91 -19.27
N MET D 217 6.57 -2.45 -18.79
CA MET D 217 6.27 -3.86 -18.96
C MET D 217 5.52 -4.15 -20.27
N GLY D 218 5.38 -3.16 -21.15
CA GLY D 218 4.92 -3.41 -22.51
C GLY D 218 3.56 -2.86 -22.89
N LEU D 219 2.88 -2.12 -21.99
CA LEU D 219 1.55 -1.59 -22.29
C LEU D 219 1.65 -0.27 -23.05
N PRO D 220 0.77 -0.04 -24.03
CA PRO D 220 0.66 1.32 -24.59
C PRO D 220 0.36 2.32 -23.49
N ARG D 221 0.89 3.54 -23.68
CA ARG D 221 0.77 4.57 -22.66
C ARG D 221 -0.69 4.93 -22.39
N ARG D 222 -1.49 5.02 -23.44
CA ARG D 222 -2.88 5.42 -23.24
C ARG D 222 -3.64 4.38 -22.43
N LEU D 223 -3.40 3.10 -22.72
CA LEU D 223 -4.01 2.02 -21.97
C LEU D 223 -3.54 1.99 -20.52
N ALA D 224 -2.25 2.26 -20.29
CA ALA D 224 -1.71 2.24 -18.92
C ALA D 224 -2.29 3.38 -18.08
N VAL D 225 -2.46 4.56 -18.68
CA VAL D 225 -3.13 5.65 -17.96
C VAL D 225 -4.56 5.25 -17.60
N ARG D 226 -5.31 4.74 -18.59
CA ARG D 226 -6.71 4.39 -18.36
CA ARG D 226 -6.71 4.38 -18.36
C ARG D 226 -6.85 3.31 -17.27
N LEU D 227 -6.04 2.26 -17.35
CA LEU D 227 -6.16 1.16 -16.39
C LEU D 227 -5.77 1.61 -14.97
N GLY D 228 -4.70 2.39 -14.84
CA GLY D 228 -4.31 2.85 -13.52
C GLY D 228 -5.36 3.74 -12.88
N ALA D 229 -5.91 4.68 -13.65
CA ALA D 229 -6.97 5.54 -13.13
C ALA D 229 -8.18 4.71 -12.70
N GLN D 230 -8.58 3.75 -13.53
CA GLN D 230 -9.76 2.95 -13.20
C GLN D 230 -9.52 2.10 -11.96
N ALA D 231 -8.30 1.55 -11.83
CA ALA D 231 -7.96 0.77 -10.64
C ALA D 231 -8.08 1.61 -9.38
N LEU D 232 -7.57 2.85 -9.42
CA LEU D 232 -7.60 3.69 -8.24
C LEU D 232 -9.02 4.13 -7.91
N LEU D 233 -9.81 4.50 -8.93
CA LEU D 233 -11.20 4.87 -8.72
C LEU D 233 -11.97 3.71 -8.09
N GLY D 234 -11.83 2.51 -8.66
CA GLY D 234 -12.59 1.37 -8.14
C GLY D 234 -12.19 0.99 -6.72
N ALA D 235 -10.89 1.08 -6.41
CA ALA D 235 -10.42 0.84 -5.06
C ALA D 235 -11.02 1.84 -4.08
N ALA D 236 -10.95 3.13 -4.42
CA ALA D 236 -11.50 4.16 -3.55
C ALA D 236 -12.98 3.94 -3.30
N LYS D 237 -13.76 3.62 -4.37
CA LYS D 237 -15.18 3.39 -4.20
C LYS D 237 -15.47 2.17 -3.34
N MET D 238 -14.71 1.09 -3.54
CA MET D 238 -14.83 -0.08 -2.68
C MET D 238 -14.69 0.29 -1.21
N LEU D 239 -13.65 1.06 -0.89
CA LEU D 239 -13.42 1.48 0.48
C LEU D 239 -14.58 2.32 1.00
N LEU D 240 -14.97 3.35 0.23
CA LEU D 240 -16.11 4.18 0.61
C LEU D 240 -17.37 3.37 0.87
N HIS D 241 -17.56 2.25 0.16
CA HIS D 241 -18.77 1.46 0.26
C HIS D 241 -18.66 0.28 1.22
N SER D 242 -17.59 0.17 1.98
CA SER D 242 -17.59 -0.80 3.05
C SER D 242 -17.41 -0.08 4.38
N GLU D 243 -17.64 -0.81 5.47
CA GLU D 243 -17.34 -0.28 6.79
C GLU D 243 -15.93 -0.64 7.23
N GLN D 244 -15.10 -1.13 6.32
CA GLN D 244 -13.76 -1.58 6.64
C GLN D 244 -12.74 -0.45 6.52
N HIS D 245 -11.67 -0.57 7.26
CA HIS D 245 -10.52 0.29 7.07
C HIS D 245 -9.65 -0.27 5.97
N PRO D 246 -8.71 0.53 5.44
CA PRO D 246 -7.92 0.07 4.28
C PRO D 246 -7.11 -1.20 4.53
N GLY D 247 -6.62 -1.42 5.76
CA GLY D 247 -5.82 -2.60 6.03
C GLY D 247 -6.54 -3.91 5.74
N GLN D 248 -7.80 -4.03 6.21
CA GLN D 248 -8.60 -5.24 5.95
C GLN D 248 -8.79 -5.48 4.46
N LEU D 249 -9.01 -4.41 3.69
CA LEU D 249 -9.23 -4.57 2.25
C LEU D 249 -7.93 -5.00 1.55
N LYS D 250 -6.80 -4.45 1.98
CA LYS D 250 -5.50 -4.95 1.51
C LYS D 250 -5.37 -6.45 1.77
N ASP D 251 -5.76 -6.91 2.97
CA ASP D 251 -5.68 -8.34 3.27
C ASP D 251 -6.62 -9.14 2.39
N ASN D 252 -7.82 -8.60 2.10
CA ASN D 252 -8.83 -9.35 1.36
C ASN D 252 -8.38 -9.67 -0.05
N VAL D 253 -7.65 -8.76 -0.69
CA VAL D 253 -7.33 -8.89 -2.12
C VAL D 253 -5.92 -9.42 -2.37
N SER D 254 -5.20 -9.83 -1.33
CA SER D 254 -3.79 -10.24 -1.50
C SER D 254 -3.69 -11.75 -1.30
N SER D 255 -3.78 -12.49 -2.39
CA SER D 255 -3.83 -13.93 -2.30
C SER D 255 -2.46 -14.54 -1.96
N PRO D 256 -2.45 -15.66 -1.24
CA PRO D 256 -1.17 -16.27 -0.82
C PRO D 256 -0.27 -16.62 -2.00
N GLY D 257 1.01 -16.24 -1.86
CA GLY D 257 2.04 -16.50 -2.85
C GLY D 257 1.89 -15.71 -4.15
N GLY D 258 0.89 -14.84 -4.27
CA GLY D 258 0.51 -14.26 -5.54
C GLY D 258 1.32 -13.02 -5.96
N ALA D 259 0.94 -12.50 -7.13
CA ALA D 259 1.61 -11.36 -7.73
C ALA D 259 1.44 -10.10 -6.88
N THR D 260 0.24 -9.91 -6.34
CA THR D 260 -0.04 -8.70 -5.59
C THR D 260 0.81 -8.62 -4.33
N ILE D 261 0.89 -9.71 -3.56
CA ILE D 261 1.67 -9.69 -2.31
C ILE D 261 3.16 -9.52 -2.60
N HIS D 262 3.67 -10.13 -3.68
CA HIS D 262 5.05 -9.86 -4.07
C HIS D 262 5.26 -8.37 -4.32
N ALA D 263 4.33 -7.72 -5.01
CA ALA D 263 4.47 -6.30 -5.31
C ALA D 263 4.34 -5.46 -4.05
N LEU D 264 3.46 -5.84 -3.12
CA LEU D 264 3.36 -5.09 -1.86
C LEU D 264 4.69 -5.11 -1.10
N HIS D 265 5.42 -6.22 -1.18
CA HIS D 265 6.71 -6.28 -0.50
C HIS D 265 7.70 -5.27 -1.07
N VAL D 266 7.73 -5.07 -2.40
CA VAL D 266 8.70 -4.09 -2.89
C VAL D 266 8.29 -2.67 -2.51
N LEU D 267 6.98 -2.38 -2.44
CA LEU D 267 6.57 -1.07 -1.91
C LEU D 267 7.08 -0.88 -0.47
N GLU D 268 6.86 -1.88 0.39
CA GLU D 268 7.32 -1.78 1.77
C GLU D 268 8.84 -1.60 1.86
N SER D 269 9.61 -2.27 0.97
CA SER D 269 11.05 -2.18 1.08
C SER D 269 11.57 -0.78 0.79
N GLY D 270 10.83 0.04 0.05
CA GLY D 270 11.20 1.43 -0.10
C GLY D 270 10.53 2.38 0.88
N GLY D 271 9.82 1.88 1.89
CA GLY D 271 9.16 2.80 2.82
C GLY D 271 8.04 3.61 2.20
N PHE D 272 7.34 3.03 1.22
CA PHE D 272 6.20 3.66 0.54
C PHE D 272 5.21 4.30 1.50
N ARG D 273 4.80 3.58 2.55
CA ARG D 273 3.87 4.16 3.53
C ARG D 273 4.43 5.44 4.16
N SER D 274 5.71 5.44 4.55
CA SER D 274 6.29 6.61 5.22
C SER D 274 6.35 7.84 4.32
N LEU D 275 6.49 7.65 3.01
CA LEU D 275 6.53 8.78 2.09
C LEU D 275 5.20 9.53 2.08
N LEU D 276 4.08 8.80 2.05
CA LEU D 276 2.76 9.44 2.11
C LEU D 276 2.50 10.07 3.48
N ILE D 277 2.97 9.44 4.55
CA ILE D 277 2.92 10.10 5.85
C ILE D 277 3.75 11.38 5.82
N ASN D 278 4.96 11.32 5.24
CA ASN D 278 5.81 12.50 5.12
C ASN D 278 5.08 13.61 4.36
N ALA D 279 4.36 13.24 3.30
CA ALA D 279 3.68 14.21 2.45
C ALA D 279 2.58 14.96 3.20
N VAL D 280 1.65 14.24 3.82
CA VAL D 280 0.56 14.87 4.57
C VAL D 280 1.14 15.81 5.62
N GLU D 281 2.24 15.40 6.23
CA GLU D 281 2.84 16.22 7.27
C GLU D 281 3.47 17.48 6.66
N ALA D 282 4.17 17.35 5.54
CA ALA D 282 4.84 18.50 4.93
C ALA D 282 3.84 19.53 4.41
N SER D 283 2.71 19.06 3.84
CA SER D 283 1.68 19.97 3.37
C SER D 283 0.99 20.68 4.53
N CYS D 284 0.68 19.94 5.59
CA CYS D 284 0.07 20.55 6.78
C CYS D 284 0.99 21.60 7.39
N ILE D 285 2.29 21.29 7.55
CA ILE D 285 3.22 22.25 8.14
C ILE D 285 3.35 23.50 7.26
N ARG D 286 3.44 23.31 5.94
CA ARG D 286 3.55 24.47 5.04
C ARG D 286 2.29 25.34 5.10
N THR D 287 1.11 24.71 5.18
CA THR D 287 -0.14 25.45 5.31
C THR D 287 -0.13 26.34 6.55
N ARG D 288 0.36 25.81 7.68
CA ARG D 288 0.49 26.62 8.90
C ARG D 288 1.47 27.77 8.70
N GLU D 289 2.57 27.55 7.97
CA GLU D 289 3.49 28.64 7.66
C GLU D 289 2.83 29.72 6.81
N LEU D 290 1.95 29.32 5.88
CA LEU D 290 1.31 30.30 5.00
C LEU D 290 0.45 31.26 5.80
N GLN D 291 -0.21 30.77 6.85
CA GLN D 291 -0.89 31.67 7.77
C GLN D 291 0.10 32.59 8.48
N SER D 292 1.11 32.00 9.12
CA SER D 292 2.01 32.77 9.99
C SER D 292 2.79 33.82 9.22
N MET D 293 3.15 33.54 7.97
CA MET D 293 3.76 34.57 7.12
C MET D 293 2.82 35.76 6.96
N ALA D 294 1.56 35.49 6.59
CA ALA D 294 0.58 36.57 6.46
C ALA D 294 0.35 37.28 7.79
N ASP D 295 0.51 36.57 8.91
CA ASP D 295 0.34 37.17 10.23
C ASP D 295 1.52 38.07 10.60
N MET E 23 14.59 13.15 -55.83
CA MET E 23 14.46 11.84 -55.18
C MET E 23 13.16 11.75 -54.38
N SER E 24 12.76 10.52 -54.06
CA SER E 24 11.52 10.28 -53.32
C SER E 24 11.81 9.44 -52.09
N VAL E 25 11.19 9.81 -50.97
CA VAL E 25 11.40 9.16 -49.69
C VAL E 25 10.08 8.53 -49.23
N GLY E 26 10.15 7.30 -48.74
CA GLY E 26 8.99 6.64 -48.17
C GLY E 26 9.16 6.22 -46.72
N PHE E 27 8.04 6.10 -46.00
CA PHE E 27 8.05 5.63 -44.62
C PHE E 27 7.14 4.42 -44.47
N ILE E 28 7.68 3.35 -43.89
CA ILE E 28 6.91 2.18 -43.49
C ILE E 28 6.75 2.23 -41.98
N GLY E 29 5.50 2.29 -41.52
CA GLY E 29 5.28 2.70 -40.14
C GLY E 29 4.96 4.17 -40.04
N ALA E 30 4.20 4.53 -39.01
CA ALA E 30 3.80 5.93 -38.84
C ALA E 30 3.91 6.36 -37.39
N GLY E 31 4.91 5.85 -36.67
CA GLY E 31 5.10 6.19 -35.28
C GLY E 31 5.48 7.66 -35.10
N GLN E 32 5.88 7.97 -33.88
CA GLN E 32 6.37 9.32 -33.60
C GLN E 32 7.60 9.66 -34.44
N LEU E 33 8.40 8.66 -34.80
CA LEU E 33 9.65 8.93 -35.52
C LEU E 33 9.40 9.23 -37.00
N ALA E 34 8.57 8.43 -37.67
CA ALA E 34 8.26 8.69 -39.07
C ALA E 34 7.65 10.07 -39.25
N PHE E 35 6.72 10.44 -38.36
CA PHE E 35 6.17 11.79 -38.40
C PHE E 35 7.26 12.84 -38.21
N ALA E 36 8.13 12.63 -37.21
CA ALA E 36 9.15 13.62 -36.89
C ALA E 36 10.12 13.81 -38.05
N LEU E 37 10.52 12.72 -38.70
CA LEU E 37 11.42 12.83 -39.85
C LEU E 37 10.73 13.52 -41.02
N ALA E 38 9.51 13.09 -41.34
CA ALA E 38 8.80 13.69 -42.47
C ALA E 38 8.56 15.18 -42.23
N LYS E 39 8.27 15.56 -40.99
CA LYS E 39 8.07 16.98 -40.70
C LYS E 39 9.38 17.75 -40.80
N GLY E 40 10.48 17.16 -40.31
CA GLY E 40 11.78 17.81 -40.46
C GLY E 40 12.20 17.96 -41.91
N PHE E 41 12.05 16.89 -42.70
CA PHE E 41 12.47 16.95 -44.10
C PHE E 41 11.72 18.05 -44.85
N THR E 42 10.40 18.14 -44.65
CA THR E 42 9.62 19.17 -45.34
C THR E 42 9.97 20.57 -44.85
N ALA E 43 10.11 20.74 -43.54
CA ALA E 43 10.55 22.02 -43.01
C ALA E 43 11.93 22.39 -43.54
N ALA E 44 12.79 21.39 -43.79
CA ALA E 44 14.13 21.69 -44.30
C ALA E 44 14.10 22.07 -45.76
N GLY E 45 13.01 21.78 -46.47
CA GLY E 45 12.94 22.08 -47.87
C GLY E 45 13.82 21.22 -48.74
N VAL E 46 14.28 20.08 -48.22
CA VAL E 46 15.06 19.17 -49.05
C VAL E 46 14.16 18.25 -49.88
N LEU E 47 12.91 18.07 -49.48
CA LEU E 47 11.98 17.19 -50.16
C LEU E 47 10.63 17.88 -50.31
N ALA E 48 10.12 17.90 -51.54
CA ALA E 48 8.73 18.29 -51.75
C ALA E 48 7.82 17.25 -51.10
N ALA E 49 7.01 17.68 -50.12
CA ALA E 49 6.22 16.74 -49.33
C ALA E 49 5.37 15.82 -50.19
N HIS E 50 4.99 16.26 -51.40
CA HIS E 50 4.32 15.37 -52.34
C HIS E 50 5.20 14.20 -52.75
N LYS E 51 6.52 14.33 -52.62
CA LYS E 51 7.46 13.24 -52.85
C LYS E 51 7.75 12.45 -51.58
N ILE E 52 6.82 12.42 -50.62
CA ILE E 52 6.93 11.62 -49.41
C ILE E 52 5.65 10.80 -49.27
N MET E 53 5.80 9.52 -48.98
CA MET E 53 4.69 8.60 -48.80
C MET E 53 4.84 7.87 -47.48
N ALA E 54 3.71 7.58 -46.83
CA ALA E 54 3.71 6.90 -45.54
C ALA E 54 2.65 5.80 -45.52
N SER E 55 2.90 4.76 -44.72
CA SER E 55 1.99 3.64 -44.57
C SER E 55 2.00 3.16 -43.13
N SER E 56 0.83 2.73 -42.65
CA SER E 56 0.67 2.29 -41.27
C SER E 56 -0.43 1.23 -41.20
N PRO E 57 -0.39 0.34 -40.18
CA PRO E 57 -1.53 -0.53 -39.93
C PRO E 57 -2.66 0.20 -39.21
N ASP E 58 -2.30 1.02 -38.24
CA ASP E 58 -3.24 1.86 -37.50
C ASP E 58 -2.78 3.31 -37.61
N MET E 59 -3.46 4.08 -38.45
CA MET E 59 -3.17 5.51 -38.60
C MET E 59 -4.30 6.27 -37.92
N ASP E 60 -3.96 6.98 -36.84
CA ASP E 60 -4.96 7.74 -36.10
C ASP E 60 -5.46 8.93 -36.91
N LEU E 61 -6.72 9.30 -36.66
CA LEU E 61 -7.31 10.43 -37.37
C LEU E 61 -6.53 11.72 -37.19
N ALA E 62 -5.66 11.79 -36.18
CA ALA E 62 -4.86 13.00 -35.97
C ALA E 62 -3.62 12.99 -36.86
N THR E 63 -2.70 12.05 -36.61
CA THR E 63 -1.47 11.97 -37.40
C THR E 63 -1.77 11.81 -38.88
N VAL E 64 -2.89 11.17 -39.22
CA VAL E 64 -3.32 11.13 -40.61
C VAL E 64 -3.61 12.53 -41.13
N SER E 65 -4.42 13.29 -40.40
CA SER E 65 -4.70 14.67 -40.80
C SER E 65 -3.48 15.56 -40.63
N ALA E 66 -2.59 15.21 -39.70
CA ALA E 66 -1.33 15.94 -39.57
C ALA E 66 -0.49 15.77 -40.84
N LEU E 67 -0.28 14.53 -41.27
CA LEU E 67 0.52 14.25 -42.46
C LEU E 67 -0.22 14.60 -43.75
N ARG E 68 -1.55 14.53 -43.76
CA ARG E 68 -2.30 14.92 -44.95
C ARG E 68 -2.33 16.44 -45.10
N LYS E 69 -2.43 17.16 -43.99
CA LYS E 69 -2.28 18.62 -44.04
C LYS E 69 -0.86 19.02 -44.37
N MET E 70 0.12 18.19 -43.98
CA MET E 70 1.52 18.43 -44.30
C MET E 70 1.80 18.28 -45.79
N GLY E 71 0.96 17.52 -46.51
CA GLY E 71 1.19 17.24 -47.90
C GLY E 71 1.71 15.85 -48.21
N VAL E 72 1.82 14.98 -47.20
CA VAL E 72 2.38 13.64 -47.38
C VAL E 72 1.28 12.69 -47.82
N LYS E 73 1.46 12.06 -48.99
CA LYS E 73 0.51 11.07 -49.44
C LYS E 73 0.59 9.83 -48.55
N LEU E 74 -0.56 9.26 -48.22
CA LEU E 74 -0.62 8.10 -47.36
C LEU E 74 -1.23 6.92 -48.12
N THR E 75 -1.18 5.75 -47.49
CA THR E 75 -1.75 4.51 -47.98
C THR E 75 -1.66 3.49 -46.86
N PRO E 76 -2.60 2.54 -46.76
CA PRO E 76 -2.49 1.50 -45.74
C PRO E 76 -1.73 0.26 -46.19
N HIS E 77 -1.23 0.24 -47.42
CA HIS E 77 -0.45 -0.87 -47.95
C HIS E 77 1.01 -0.48 -48.00
N ASN E 78 1.86 -1.26 -47.32
CA ASN E 78 3.29 -1.05 -47.42
C ASN E 78 3.80 -1.25 -48.84
N LYS E 79 3.08 -2.04 -49.64
CA LYS E 79 3.56 -2.37 -50.98
C LYS E 79 3.59 -1.13 -51.87
N GLU E 80 2.53 -0.32 -51.84
CA GLU E 80 2.49 0.88 -52.66
C GLU E 80 3.60 1.86 -52.28
N THR E 81 3.89 1.98 -50.98
CA THR E 81 4.94 2.89 -50.52
C THR E 81 6.30 2.50 -51.12
N VAL E 82 6.60 1.20 -51.15
CA VAL E 82 7.84 0.74 -51.75
C VAL E 82 7.89 1.07 -53.24
N GLN E 83 6.75 0.93 -53.91
CA GLN E 83 6.72 1.07 -55.36
C GLN E 83 6.93 2.52 -55.82
N HIS E 84 6.64 3.50 -54.98
CA HIS E 84 6.79 4.90 -55.37
C HIS E 84 7.93 5.61 -54.65
N SER E 85 8.72 4.90 -53.85
CA SER E 85 9.79 5.51 -53.07
C SER E 85 11.15 4.97 -53.48
N ASP E 86 12.17 5.82 -53.36
CA ASP E 86 13.57 5.44 -53.58
C ASP E 86 14.28 5.07 -52.29
N VAL E 87 14.23 5.97 -51.30
CA VAL E 87 14.78 5.72 -49.98
C VAL E 87 13.64 5.31 -49.06
N LEU E 88 13.82 4.16 -48.40
CA LEU E 88 12.78 3.52 -47.61
C LEU E 88 13.21 3.52 -46.16
N PHE E 89 12.58 4.37 -45.35
CA PHE E 89 12.81 4.38 -43.91
C PHE E 89 11.86 3.38 -43.26
N LEU E 90 12.42 2.46 -42.47
CA LEU E 90 11.64 1.50 -41.69
C LEU E 90 11.60 2.00 -40.25
N ALA E 91 10.53 2.69 -39.90
CA ALA E 91 10.33 3.22 -38.55
C ALA E 91 9.22 2.43 -37.85
N VAL E 92 9.51 1.16 -37.57
CA VAL E 92 8.59 0.27 -36.87
C VAL E 92 9.33 -0.33 -35.69
N LYS E 93 8.56 -0.96 -34.79
CA LYS E 93 9.15 -1.57 -33.62
C LYS E 93 10.10 -2.70 -34.05
N PRO E 94 11.18 -2.92 -33.29
CA PRO E 94 12.12 -3.99 -33.67
C PRO E 94 11.45 -5.34 -33.81
N HIS E 95 10.37 -5.58 -33.08
CA HIS E 95 9.64 -6.84 -33.16
C HIS E 95 9.02 -7.05 -34.54
N ILE E 96 8.69 -5.97 -35.25
CA ILE E 96 7.91 -6.07 -36.47
C ILE E 96 8.78 -6.11 -37.73
N ILE E 97 10.03 -5.64 -37.65
CA ILE E 97 10.95 -5.57 -38.78
C ILE E 97 10.93 -6.84 -39.63
N PRO E 98 11.18 -8.04 -39.09
CA PRO E 98 11.23 -9.22 -39.96
C PRO E 98 9.89 -9.53 -40.61
N PHE E 99 8.78 -9.19 -39.96
CA PHE E 99 7.49 -9.37 -40.62
C PHE E 99 7.35 -8.41 -41.79
N ILE E 100 7.83 -7.17 -41.63
CA ILE E 100 7.81 -6.21 -42.74
C ILE E 100 8.68 -6.70 -43.88
N LEU E 101 9.92 -7.11 -43.56
CA LEU E 101 10.87 -7.49 -44.60
C LEU E 101 10.34 -8.62 -45.47
N ASP E 102 9.70 -9.62 -44.85
CA ASP E 102 9.16 -10.73 -45.64
C ASP E 102 7.88 -10.34 -46.37
N GLU E 103 7.30 -9.17 -46.08
CA GLU E 103 6.14 -8.68 -46.80
C GLU E 103 6.53 -7.90 -48.06
N ILE E 104 7.61 -7.13 -47.98
CA ILE E 104 8.01 -6.23 -49.06
C ILE E 104 9.23 -6.71 -49.82
N GLY E 105 9.88 -7.79 -49.36
CA GLY E 105 11.16 -8.18 -49.95
C GLY E 105 11.08 -8.47 -51.43
N ALA E 106 9.96 -9.03 -51.88
CA ALA E 106 9.80 -9.29 -53.31
C ALA E 106 9.66 -7.99 -54.11
N ASP E 107 9.24 -6.90 -53.47
CA ASP E 107 9.08 -5.64 -54.16
C ASP E 107 10.34 -4.79 -54.15
N ILE E 108 11.35 -5.18 -53.37
CA ILE E 108 12.59 -4.42 -53.32
C ILE E 108 13.30 -4.51 -54.67
N GLU E 109 13.66 -3.35 -55.22
CA GLU E 109 14.33 -3.25 -56.50
C GLU E 109 15.76 -2.79 -56.29
N ASP E 110 16.51 -2.71 -57.40
CA ASP E 110 17.91 -2.36 -57.29
C ASP E 110 18.10 -0.88 -56.92
N ARG E 111 17.11 -0.05 -57.25
CA ARG E 111 17.20 1.38 -56.95
C ARG E 111 17.04 1.67 -55.46
N HIS E 112 16.45 0.77 -54.69
CA HIS E 112 16.06 1.09 -53.32
C HIS E 112 17.25 1.13 -52.37
N ILE E 113 17.21 2.08 -51.45
CA ILE E 113 18.06 2.11 -50.26
C ILE E 113 17.14 1.89 -49.07
N VAL E 114 17.40 0.84 -48.28
CA VAL E 114 16.57 0.51 -47.13
C VAL E 114 17.26 1.02 -45.87
N VAL E 115 16.59 1.93 -45.16
CA VAL E 115 17.14 2.57 -43.97
C VAL E 115 16.32 2.12 -42.76
N SER E 116 16.91 1.29 -41.91
CA SER E 116 16.26 0.83 -40.70
C SER E 116 16.56 1.81 -39.57
N CYS E 117 15.51 2.29 -38.92
CA CYS E 117 15.64 3.09 -37.71
C CYS E 117 15.37 2.26 -36.46
N ALA E 118 15.04 0.98 -36.61
CA ALA E 118 14.69 0.14 -35.47
C ALA E 118 15.87 0.05 -34.51
N ALA E 119 15.54 0.05 -33.21
CA ALA E 119 16.58 -0.07 -32.20
C ALA E 119 17.14 -1.49 -32.18
N GLY E 120 18.46 -1.60 -32.12
CA GLY E 120 19.10 -2.90 -31.93
C GLY E 120 19.21 -3.80 -33.15
N VAL E 121 18.22 -3.76 -34.05
CA VAL E 121 18.19 -4.68 -35.19
C VAL E 121 19.42 -4.47 -36.06
N THR E 122 20.14 -5.56 -36.34
CA THR E 122 21.44 -5.48 -36.99
C THR E 122 21.31 -5.46 -38.50
N ILE E 123 22.31 -4.84 -39.15
CA ILE E 123 22.39 -4.84 -40.60
C ILE E 123 22.36 -6.26 -41.13
N SER E 124 23.06 -7.16 -40.44
CA SER E 124 23.18 -8.56 -40.88
C SER E 124 21.81 -9.23 -40.95
N SER E 125 20.98 -9.05 -39.92
CA SER E 125 19.67 -9.69 -39.92
C SER E 125 18.78 -9.15 -41.03
N ILE E 126 18.87 -7.85 -41.32
CA ILE E 126 18.06 -7.28 -42.40
C ILE E 126 18.53 -7.79 -43.75
N GLU E 127 19.85 -7.76 -43.98
CA GLU E 127 20.38 -8.22 -45.26
C GLU E 127 20.05 -9.69 -45.49
N LYS E 128 20.11 -10.52 -44.44
CA LYS E 128 19.86 -11.94 -44.63
C LYS E 128 18.40 -12.22 -45.00
N LYS E 129 17.46 -11.42 -44.49
CA LYS E 129 16.07 -11.55 -44.90
C LYS E 129 15.88 -11.14 -46.36
N LEU E 130 16.39 -9.95 -46.72
CA LEU E 130 16.15 -9.41 -48.05
C LEU E 130 16.91 -10.18 -49.13
N SER E 131 18.08 -10.73 -48.79
CA SER E 131 18.88 -11.46 -49.75
C SER E 131 18.17 -12.72 -50.25
N ALA E 132 17.18 -13.22 -49.52
CA ALA E 132 16.40 -14.36 -49.98
C ALA E 132 15.59 -14.03 -51.22
N PHE E 133 15.41 -12.75 -51.53
CA PHE E 133 14.65 -12.32 -52.70
C PHE E 133 15.59 -11.86 -53.81
N ARG E 134 16.16 -10.66 -53.68
CA ARG E 134 17.20 -10.22 -54.60
C ARG E 134 18.54 -10.12 -53.87
N PRO E 135 19.65 -10.46 -54.53
CA PRO E 135 20.86 -10.85 -53.79
C PRO E 135 21.67 -9.72 -53.17
N ALA E 136 21.56 -8.48 -53.61
CA ALA E 136 22.43 -7.40 -53.09
C ALA E 136 21.62 -6.21 -52.56
N PRO E 137 20.82 -6.42 -51.51
CA PRO E 137 20.10 -5.27 -50.92
C PRO E 137 21.04 -4.22 -50.36
N ARG E 138 20.73 -2.96 -50.67
CA ARG E 138 21.47 -1.79 -50.15
C ARG E 138 20.83 -1.36 -48.83
N VAL E 139 21.52 -1.59 -47.72
CA VAL E 139 20.93 -1.39 -46.40
C VAL E 139 21.77 -0.40 -45.60
N ILE E 140 21.08 0.50 -44.90
CA ILE E 140 21.70 1.41 -43.94
C ILE E 140 20.95 1.28 -42.64
N ARG E 141 21.67 1.30 -41.54
CA ARG E 141 21.08 1.31 -40.20
C ARG E 141 21.33 2.68 -39.58
N CYS E 142 20.31 3.25 -38.94
CA CYS E 142 20.54 4.54 -38.31
C CYS E 142 19.88 4.60 -36.93
N MET E 143 20.43 5.45 -36.06
CA MET E 143 19.82 5.79 -34.78
C MET E 143 19.68 7.30 -34.76
N THR E 144 18.46 7.78 -34.82
CA THR E 144 18.15 9.20 -34.78
C THR E 144 17.20 9.43 -33.60
N ASN E 145 16.65 10.64 -33.49
CA ASN E 145 15.78 10.92 -32.35
C ASN E 145 14.72 11.94 -32.73
N THR E 146 13.76 12.13 -31.82
CA THR E 146 12.58 12.93 -32.16
C THR E 146 12.88 14.40 -32.49
N PRO E 147 13.91 15.06 -31.91
CA PRO E 147 14.12 16.48 -32.25
C PRO E 147 14.46 16.77 -33.70
N VAL E 148 14.57 15.76 -34.58
CA VAL E 148 14.55 16.05 -36.01
C VAL E 148 13.31 16.87 -36.38
N VAL E 149 12.24 16.75 -35.58
CA VAL E 149 10.99 17.46 -35.86
C VAL E 149 11.19 18.97 -35.84
N VAL E 150 12.14 19.47 -35.05
CA VAL E 150 12.54 20.88 -35.08
C VAL E 150 13.93 21.03 -35.70
N ARG E 151 14.34 20.03 -36.47
CA ARG E 151 15.60 20.04 -37.23
C ARG E 151 16.82 20.18 -36.32
N GLU E 152 16.72 19.67 -35.08
CA GLU E 152 17.88 19.56 -34.20
C GLU E 152 18.07 18.12 -33.75
N GLY E 153 17.91 17.16 -34.67
CA GLY E 153 18.14 15.78 -34.32
C GLY E 153 19.61 15.49 -34.09
N ALA E 154 19.88 14.30 -33.55
CA ALA E 154 21.22 13.75 -33.46
C ALA E 154 21.18 12.35 -34.07
N THR E 155 21.93 12.14 -35.16
CA THR E 155 21.82 10.92 -35.96
C THR E 155 23.19 10.30 -36.20
N VAL E 156 23.28 8.99 -36.05
CA VAL E 156 24.41 8.25 -36.58
C VAL E 156 23.86 7.16 -37.51
N TYR E 157 24.72 6.67 -38.38
CA TYR E 157 24.30 5.62 -39.29
C TYR E 157 25.50 4.75 -39.64
N ALA E 158 25.24 3.48 -39.97
CA ALA E 158 26.26 2.59 -40.50
C ALA E 158 25.80 2.00 -41.83
N THR E 159 26.74 1.82 -42.75
CA THR E 159 26.44 1.32 -44.08
C THR E 159 26.59 -0.20 -44.12
N GLY E 160 25.69 -0.85 -44.88
CA GLY E 160 25.70 -2.29 -45.06
C GLY E 160 26.66 -2.76 -46.13
N THR E 161 26.66 -4.07 -46.35
CA THR E 161 27.70 -4.72 -47.15
C THR E 161 27.54 -4.51 -48.66
N HIS E 162 26.38 -4.06 -49.12
CA HIS E 162 26.15 -3.79 -50.54
C HIS E 162 25.84 -2.33 -50.81
N ALA E 163 25.91 -1.48 -49.80
CA ALA E 163 25.67 -0.06 -49.99
C ALA E 163 26.81 0.57 -50.79
N GLN E 164 26.49 1.12 -51.96
CA GLN E 164 27.46 1.90 -52.72
C GLN E 164 27.93 3.10 -51.91
N VAL E 165 29.06 3.68 -52.32
CA VAL E 165 29.65 4.77 -51.54
C VAL E 165 28.73 5.99 -51.56
N GLU E 166 28.12 6.26 -52.72
CA GLU E 166 27.17 7.37 -52.84
C GLU E 166 25.99 7.21 -51.88
N ASP E 167 25.58 5.96 -51.58
CA ASP E 167 24.47 5.75 -50.67
C ASP E 167 24.73 6.36 -49.30
N GLY E 168 25.96 6.22 -48.79
CA GLY E 168 26.26 6.79 -47.50
C GLY E 168 26.37 8.30 -47.54
N ARG E 169 26.87 8.84 -48.64
CA ARG E 169 26.94 10.30 -48.77
C ARG E 169 25.55 10.91 -48.88
N LEU E 170 24.64 10.25 -49.59
CA LEU E 170 23.26 10.69 -49.67
C LEU E 170 22.61 10.69 -48.29
N MET E 171 22.75 9.58 -47.56
CA MET E 171 22.24 9.49 -46.20
C MET E 171 22.77 10.62 -45.33
N GLU E 172 24.07 10.91 -45.44
CA GLU E 172 24.67 11.99 -44.65
C GLU E 172 24.07 13.34 -45.01
N GLN E 173 23.86 13.59 -46.30
CA GLN E 173 23.28 14.87 -46.71
C GLN E 173 21.83 15.01 -46.25
N LEU E 174 21.05 13.95 -46.39
CA LEU E 174 19.62 14.02 -46.07
C LEU E 174 19.39 14.20 -44.57
N LEU E 175 20.07 13.42 -43.75
CA LEU E 175 19.86 13.52 -42.31
C LEU E 175 20.56 14.72 -41.69
N SER E 176 21.52 15.34 -42.41
CA SER E 176 22.09 16.58 -41.91
C SER E 176 21.14 17.76 -42.05
N SER E 177 20.16 17.67 -42.94
CA SER E 177 19.19 18.74 -43.08
C SER E 177 18.25 18.82 -41.88
N VAL E 178 18.26 17.82 -41.00
CA VAL E 178 17.38 17.82 -39.84
C VAL E 178 18.14 17.66 -38.53
N GLY E 179 19.47 17.81 -38.55
CA GLY E 179 20.23 17.76 -37.32
C GLY E 179 21.69 17.43 -37.56
N PHE E 180 22.38 17.10 -36.47
CA PHE E 180 23.72 16.55 -36.58
C PHE E 180 23.65 15.11 -37.09
N CYS E 181 24.62 14.73 -37.92
CA CYS E 181 24.65 13.37 -38.45
C CYS E 181 26.09 12.98 -38.77
N THR E 182 26.47 11.75 -38.39
CA THR E 182 27.79 11.24 -38.72
C THR E 182 27.74 9.73 -38.92
N GLU E 183 28.67 9.21 -39.71
CA GLU E 183 28.79 7.77 -39.88
C GLU E 183 29.55 7.18 -38.69
N VAL E 184 29.12 6.00 -38.24
CA VAL E 184 29.83 5.24 -37.21
C VAL E 184 29.94 3.79 -37.66
N GLU E 185 30.83 3.05 -36.99
CA GLU E 185 30.81 1.60 -37.09
C GLU E 185 29.57 1.08 -36.38
N GLU E 186 29.00 -0.01 -36.93
CA GLU E 186 27.71 -0.46 -36.42
C GLU E 186 27.77 -0.81 -34.93
N ASP E 187 28.94 -1.26 -34.44
CA ASP E 187 28.96 -1.73 -33.07
C ASP E 187 28.92 -0.62 -32.03
N LEU E 188 28.93 0.66 -32.45
CA LEU E 188 28.66 1.78 -31.54
C LEU E 188 27.18 2.15 -31.44
N ILE E 189 26.31 1.59 -32.28
CA ILE E 189 24.96 2.16 -32.38
C ILE E 189 24.12 1.87 -31.14
N ASP E 190 24.30 0.69 -30.51
CA ASP E 190 23.57 0.44 -29.27
C ASP E 190 23.95 1.47 -28.19
N ALA E 191 25.23 1.81 -28.10
CA ALA E 191 25.67 2.85 -27.16
C ALA E 191 25.11 4.22 -27.51
N VAL E 192 25.14 4.58 -28.80
CA VAL E 192 24.51 5.85 -29.24
C VAL E 192 23.04 5.87 -28.85
N THR E 193 22.34 4.73 -28.99
CA THR E 193 20.95 4.66 -28.57
C THR E 193 20.80 5.04 -27.10
N GLY E 194 21.70 4.55 -26.24
CA GLY E 194 21.62 4.88 -24.82
C GLY E 194 21.87 6.34 -24.51
N LEU E 195 22.64 7.02 -25.36
CA LEU E 195 23.01 8.41 -25.12
C LEU E 195 22.04 9.36 -25.82
N SER E 196 22.12 9.47 -27.15
CA SER E 196 21.28 10.45 -27.84
C SER E 196 19.95 9.90 -28.34
N GLY E 197 19.80 8.58 -28.47
CA GLY E 197 18.49 8.05 -28.78
C GLY E 197 17.51 8.26 -27.64
N SER E 198 17.92 7.91 -26.42
CA SER E 198 17.08 8.10 -25.24
C SER E 198 17.25 9.47 -24.59
N GLY E 199 18.31 10.21 -24.96
CA GLY E 199 18.63 11.46 -24.29
C GLY E 199 17.51 12.47 -24.16
N PRO E 200 16.68 12.67 -25.20
CA PRO E 200 15.57 13.62 -25.05
C PRO E 200 14.65 13.29 -23.89
N ALA E 201 14.39 12.01 -23.61
CA ALA E 201 13.55 11.67 -22.46
C ALA E 201 14.24 12.02 -21.13
N TYR E 202 15.55 11.83 -21.05
CA TYR E 202 16.28 12.29 -19.86
C TYR E 202 16.07 13.78 -19.67
N ALA E 203 16.19 14.54 -20.77
CA ALA E 203 16.02 15.98 -20.73
C ALA E 203 14.60 16.38 -20.33
N PHE E 204 13.55 15.76 -20.92
CA PHE E 204 12.19 16.09 -20.49
C PHE E 204 11.95 15.77 -19.02
N THR E 205 12.48 14.64 -18.52
CA THR E 205 12.42 14.36 -17.09
C THR E 205 13.10 15.46 -16.28
N ALA E 206 14.31 15.87 -16.70
CA ALA E 206 15.03 16.90 -15.95
C ALA E 206 14.29 18.23 -15.99
N LEU E 207 13.69 18.56 -17.14
CA LEU E 207 12.95 19.81 -17.27
C LEU E 207 11.68 19.78 -16.44
N ASP E 208 11.02 18.62 -16.32
CA ASP E 208 9.87 18.52 -15.43
C ASP E 208 10.26 18.82 -14.00
N ALA E 209 11.40 18.26 -13.56
CA ALA E 209 11.86 18.39 -12.18
C ALA E 209 12.37 19.80 -11.89
N LEU E 210 13.14 20.37 -12.82
CA LEU E 210 13.58 21.76 -12.67
C LEU E 210 12.38 22.68 -12.54
N ALA E 211 11.32 22.42 -13.34
CA ALA E 211 10.10 23.22 -13.24
C ALA E 211 9.44 23.05 -11.88
N ASP E 212 9.37 21.82 -11.37
CA ASP E 212 8.83 21.61 -10.02
C ASP E 212 9.63 22.40 -8.99
N GLY E 213 10.96 22.46 -9.16
CA GLY E 213 11.78 23.24 -8.25
C GLY E 213 11.52 24.74 -8.36
N GLY E 214 11.38 25.25 -9.57
CA GLY E 214 10.98 26.64 -9.74
C GLY E 214 9.64 26.97 -9.11
N VAL E 215 8.64 26.09 -9.30
CA VAL E 215 7.34 26.32 -8.69
C VAL E 215 7.43 26.27 -7.16
N LYS E 216 8.22 25.34 -6.63
CA LYS E 216 8.38 25.25 -5.18
C LYS E 216 8.88 26.57 -4.61
N MET E 217 9.84 27.20 -5.29
CA MET E 217 10.41 28.45 -4.82
C MET E 217 9.60 29.67 -5.25
N GLY E 218 8.43 29.48 -5.84
CA GLY E 218 7.48 30.57 -6.06
C GLY E 218 7.21 30.98 -7.49
N LEU E 219 7.81 30.30 -8.56
CA LEU E 219 7.56 30.79 -9.92
C LEU E 219 6.29 30.18 -10.49
N PRO E 220 5.59 30.92 -11.35
CA PRO E 220 4.51 30.29 -12.14
C PRO E 220 5.05 29.14 -12.95
N ARG E 221 4.21 28.11 -13.10
CA ARG E 221 4.60 26.90 -13.82
C ARG E 221 5.03 27.22 -15.26
N ARG E 222 4.24 28.03 -15.96
CA ARG E 222 4.58 28.40 -17.34
C ARG E 222 5.97 29.02 -17.42
N LEU E 223 6.26 30.00 -16.54
CA LEU E 223 7.56 30.66 -16.56
C LEU E 223 8.68 29.69 -16.20
N ALA E 224 8.41 28.79 -15.24
CA ALA E 224 9.42 27.84 -14.82
C ALA E 224 9.78 26.88 -15.95
N VAL E 225 8.78 26.42 -16.70
CA VAL E 225 9.06 25.52 -17.83
C VAL E 225 9.88 26.25 -18.88
N ARG E 226 9.50 27.48 -19.21
CA ARG E 226 10.18 28.27 -20.23
C ARG E 226 11.64 28.51 -19.86
N LEU E 227 11.89 28.90 -18.61
CA LEU E 227 13.25 29.27 -18.20
C LEU E 227 14.15 28.04 -18.08
N GLY E 228 13.62 26.93 -17.56
CA GLY E 228 14.42 25.71 -17.50
C GLY E 228 14.84 25.27 -18.90
N ALA E 229 13.88 25.25 -19.83
CA ALA E 229 14.16 24.84 -21.21
C ALA E 229 15.18 25.79 -21.87
N GLN E 230 14.99 27.09 -21.73
CA GLN E 230 15.94 28.03 -22.32
C GLN E 230 17.33 27.88 -21.69
N ALA E 231 17.39 27.63 -20.38
CA ALA E 231 18.67 27.40 -19.70
C ALA E 231 19.41 26.20 -20.32
N LEU E 232 18.70 25.08 -20.49
CA LEU E 232 19.32 23.89 -21.08
C LEU E 232 19.75 24.14 -22.51
N LEU E 233 18.90 24.80 -23.29
CA LEU E 233 19.23 25.01 -24.71
C LEU E 233 20.47 25.87 -24.84
N GLY E 234 20.52 26.98 -24.10
CA GLY E 234 21.68 27.84 -24.16
C GLY E 234 22.94 27.16 -23.68
N ALA E 235 22.84 26.34 -22.63
CA ALA E 235 24.01 25.63 -22.13
C ALA E 235 24.54 24.66 -23.19
N ALA E 236 23.64 23.89 -23.80
CA ALA E 236 24.07 22.93 -24.82
C ALA E 236 24.66 23.65 -26.03
N LYS E 237 24.07 24.77 -26.43
CA LYS E 237 24.65 25.50 -27.54
C LYS E 237 26.02 26.06 -27.17
N MET E 238 26.18 26.53 -25.93
CA MET E 238 27.49 26.99 -25.47
C MET E 238 28.54 25.91 -25.62
N LEU E 239 28.19 24.68 -25.22
CA LEU E 239 29.13 23.57 -25.31
C LEU E 239 29.46 23.25 -26.76
N LEU E 240 28.43 23.15 -27.60
CA LEU E 240 28.65 22.88 -29.03
C LEU E 240 29.51 23.95 -29.69
N HIS E 241 29.47 25.19 -29.20
CA HIS E 241 30.21 26.27 -29.84
C HIS E 241 31.55 26.57 -29.16
N SER E 242 32.01 25.71 -28.25
CA SER E 242 33.35 25.85 -27.71
C SER E 242 34.12 24.56 -27.94
N GLU E 243 35.45 24.64 -27.83
CA GLU E 243 36.28 23.45 -27.93
C GLU E 243 36.42 22.73 -26.60
N GLN E 244 35.83 23.27 -25.53
CA GLN E 244 36.03 22.73 -24.19
C GLN E 244 35.09 21.56 -23.91
N HIS E 245 35.48 20.74 -22.96
CA HIS E 245 34.63 19.69 -22.45
C HIS E 245 33.73 20.24 -21.35
N PRO E 246 32.66 19.51 -21.00
CA PRO E 246 31.71 20.02 -19.99
C PRO E 246 32.34 20.42 -18.65
N GLY E 247 33.41 19.77 -18.21
CA GLY E 247 33.96 20.08 -16.90
C GLY E 247 34.53 21.49 -16.80
N GLN E 248 35.24 21.92 -17.83
CA GLN E 248 35.80 23.27 -17.86
C GLN E 248 34.70 24.32 -17.85
N LEU E 249 33.60 24.06 -18.55
CA LEU E 249 32.49 25.01 -18.56
C LEU E 249 31.83 25.09 -17.19
N LYS E 250 31.57 23.94 -16.56
CA LYS E 250 31.15 23.93 -15.15
C LYS E 250 32.06 24.81 -14.30
N ASP E 251 33.37 24.62 -14.43
CA ASP E 251 34.33 25.44 -13.68
C ASP E 251 34.15 26.92 -13.99
N ASN E 252 33.91 27.25 -15.27
CA ASN E 252 33.89 28.66 -15.67
C ASN E 252 32.72 29.40 -15.03
N VAL E 253 31.60 28.72 -14.81
CA VAL E 253 30.37 29.42 -14.42
C VAL E 253 30.05 29.29 -12.92
N SER E 254 30.92 28.65 -12.14
CA SER E 254 30.66 28.41 -10.71
C SER E 254 31.50 29.37 -9.86
N SER E 255 30.95 30.54 -9.54
CA SER E 255 31.75 31.55 -8.83
C SER E 255 32.00 31.13 -7.37
N PRO E 256 33.14 31.50 -6.80
CA PRO E 256 33.45 31.09 -5.43
C PRO E 256 32.37 31.54 -4.45
N GLY E 257 31.92 30.61 -3.62
CA GLY E 257 30.96 30.88 -2.57
C GLY E 257 29.54 31.10 -3.03
N GLY E 258 29.27 31.06 -4.34
CA GLY E 258 28.01 31.50 -4.89
C GLY E 258 26.87 30.46 -4.86
N ALA E 259 25.72 30.90 -5.38
CA ALA E 259 24.52 30.06 -5.41
C ALA E 259 24.73 28.78 -6.21
N THR E 260 25.46 28.89 -7.31
CA THR E 260 25.58 27.77 -8.23
C THR E 260 26.40 26.64 -7.63
N ILE E 261 27.56 26.96 -7.04
CA ILE E 261 28.39 25.92 -6.44
C ILE E 261 27.68 25.27 -5.25
N HIS E 262 26.86 26.05 -4.53
CA HIS E 262 26.04 25.45 -3.48
C HIS E 262 25.05 24.44 -4.07
N ALA E 263 24.44 24.78 -5.22
CA ALA E 263 23.47 23.85 -5.81
C ALA E 263 24.18 22.61 -6.37
N LEU E 264 25.36 22.80 -6.95
CA LEU E 264 26.12 21.64 -7.47
C LEU E 264 26.45 20.66 -6.36
N HIS E 265 26.74 21.15 -5.16
CA HIS E 265 27.04 20.23 -4.06
C HIS E 265 25.86 19.31 -3.77
N VAL E 266 24.63 19.86 -3.77
CA VAL E 266 23.51 18.98 -3.44
C VAL E 266 23.26 17.99 -4.59
N LEU E 267 23.58 18.36 -5.84
CA LEU E 267 23.54 17.35 -6.91
C LEU E 267 24.53 16.22 -6.64
N GLU E 268 25.78 16.58 -6.30
CA GLU E 268 26.81 15.57 -6.04
C GLU E 268 26.43 14.67 -4.88
N SER E 269 25.79 15.24 -3.84
CA SER E 269 25.45 14.44 -2.67
C SER E 269 24.41 13.36 -2.97
N GLY E 270 23.55 13.58 -3.96
CA GLY E 270 22.67 12.51 -4.38
C GLY E 270 23.24 11.60 -5.47
N GLY E 271 24.51 11.75 -5.84
CA GLY E 271 25.03 10.92 -6.93
C GLY E 271 24.41 11.21 -8.28
N PHE E 272 24.04 12.46 -8.53
CA PHE E 272 23.47 12.93 -9.79
C PHE E 272 24.20 12.36 -11.01
N ARG E 273 25.53 12.47 -11.01
CA ARG E 273 26.32 12.03 -12.16
C ARG E 273 26.12 10.53 -12.42
N SER E 274 26.14 9.71 -11.37
CA SER E 274 26.06 8.26 -11.58
C SER E 274 24.69 7.84 -12.11
N LEU E 275 23.63 8.60 -11.81
CA LEU E 275 22.31 8.22 -12.32
C LEU E 275 22.25 8.35 -13.84
N LEU E 276 22.88 9.39 -14.39
CA LEU E 276 22.91 9.55 -15.84
C LEU E 276 23.81 8.49 -16.50
N ILE E 277 24.92 8.14 -15.85
CA ILE E 277 25.72 7.01 -16.33
C ILE E 277 24.89 5.74 -16.30
N ASN E 278 24.22 5.48 -15.17
CA ASN E 278 23.29 4.36 -15.05
C ASN E 278 22.28 4.34 -16.20
N ALA E 279 21.74 5.51 -16.55
CA ALA E 279 20.70 5.57 -17.59
C ALA E 279 21.25 5.17 -18.96
N VAL E 280 22.38 5.77 -19.37
CA VAL E 280 22.99 5.42 -20.67
C VAL E 280 23.28 3.93 -20.72
N GLU E 281 23.82 3.39 -19.62
CA GLU E 281 24.12 1.95 -19.59
C GLU E 281 22.85 1.12 -19.72
N ALA E 282 21.81 1.44 -18.93
CA ALA E 282 20.57 0.67 -18.96
C ALA E 282 19.93 0.69 -20.35
N SER E 283 19.99 1.83 -21.02
CA SER E 283 19.34 1.93 -22.32
C SER E 283 20.12 1.15 -23.38
N CYS E 284 21.45 1.22 -23.31
CA CYS E 284 22.30 0.49 -24.24
C CYS E 284 22.11 -1.01 -24.07
N ILE E 285 22.07 -1.47 -22.83
CA ILE E 285 21.87 -2.90 -22.57
C ILE E 285 20.49 -3.36 -23.05
N ARG E 286 19.45 -2.57 -22.78
CA ARG E 286 18.11 -2.98 -23.23
C ARG E 286 18.07 -3.04 -24.76
N THR E 287 18.77 -2.13 -25.42
CA THR E 287 18.80 -2.15 -26.88
C THR E 287 19.39 -3.46 -27.39
N ARG E 288 20.48 -3.93 -26.77
CA ARG E 288 21.09 -5.20 -27.16
C ARG E 288 20.12 -6.37 -26.95
N GLU E 289 19.36 -6.34 -25.84
CA GLU E 289 18.34 -7.37 -25.61
C GLU E 289 17.28 -7.35 -26.70
N LEU E 290 16.92 -6.17 -27.21
CA LEU E 290 15.91 -6.08 -28.26
C LEU E 290 16.39 -6.71 -29.56
N GLN E 291 17.69 -6.69 -29.80
CA GLN E 291 18.24 -7.46 -30.92
C GLN E 291 18.13 -8.95 -30.66
N SER E 292 18.61 -9.39 -29.49
CA SER E 292 18.67 -10.81 -29.18
C SER E 292 17.29 -11.44 -29.16
N MET E 293 16.33 -10.77 -28.51
CA MET E 293 14.96 -11.28 -28.48
C MET E 293 14.38 -11.38 -29.88
N ALA E 294 14.77 -10.49 -30.78
CA ALA E 294 14.38 -10.57 -32.18
C ALA E 294 15.31 -11.48 -33.00
N ASP E 295 16.21 -12.21 -32.33
CA ASP E 295 17.09 -13.15 -33.01
C ASP E 295 16.89 -14.57 -32.49
C FPK F . -0.89 8.50 22.93
N FPK F . -1.84 6.43 23.50
OXT FPK F . -0.52 7.91 21.88
CA FPK F . -1.64 7.67 23.96
CB FPK F . -0.68 7.52 25.31
CC FPK F . -0.11 6.30 25.23
CD FPK F . -1.21 5.42 24.48
CE FPK F . -2.53 6.08 22.26
OE FPK F . -2.97 6.93 21.56
O FPK F . -0.63 9.73 23.10
C FPK G . 15.97 -23.55 12.52
N FPK G . 14.84 -23.24 14.49
OXT FPK G . 16.37 -24.21 11.49
CA FPK G . 15.07 -24.16 13.56
CB FPK G . 13.61 -24.57 12.88
CC FPK G . 12.67 -23.67 13.29
CD FPK G . 13.34 -22.85 14.47
CE FPK G . 15.81 -22.70 15.40
OE FPK G . 16.93 -23.07 15.33
O FPK G . 16.31 -22.35 12.73
C FPK H . -1.63 24.72 -1.72
N FPK H . -3.29 23.85 -3.03
OXT FPK H . -0.92 23.84 -2.29
CA FPK H . -3.09 24.77 -2.08
CB FPK H . -4.01 24.33 -0.78
CC FPK H . -4.40 23.03 -0.96
CD FPK H . -4.33 22.80 -2.53
CE FPK H . -2.65 23.81 -4.34
OE FPK H . -1.86 24.63 -4.63
O FPK H . -1.13 25.54 -0.88
C FPK I . -2.40 -12.38 -7.68
N FPK I . -4.37 -11.20 -7.42
OXT FPK I . -1.63 -13.34 -8.11
CA FPK I . -3.81 -12.17 -8.16
CB FPK I . -3.81 -11.61 -9.73
CC FPK I . -4.06 -10.27 -9.70
CD FPK I . -4.88 -10.07 -8.36
CE FPK I . -4.50 -11.17 -5.99
OE FPK I . -4.08 -12.07 -5.35
O FPK I . -2.00 -11.54 -6.85
C FPK J . 26.19 32.65 -8.26
N FPK J . 26.17 32.60 -10.59
OXT FPK J . 26.51 31.43 -8.39
CA FPK J . 25.97 33.41 -9.55
CB FPK J . 24.39 33.93 -9.63
CC FPK J . 23.76 33.14 -10.54
CD FPK J . 24.91 32.60 -11.48
CE FPK J . 27.37 31.84 -10.87
OE FPK J . 28.29 31.90 -10.14
O FPK J . 26.07 33.20 -7.11
#